data_4Z0L
#
_entry.id   4Z0L
#
_cell.length_a   180.944
_cell.length_b   135.011
_cell.length_c   124.195
_cell.angle_alpha   90.00
_cell.angle_beta   90.00
_cell.angle_gamma   90.00
#
_symmetry.space_group_name_H-M   'P 21 21 2'
#
loop_
_entity.id
_entity.type
_entity.pdbx_description
1 polymer 'Prostaglandin G/H synthase 2'
2 branched 2-acetamido-2-deoxy-beta-D-glucopyranose-(1-4)-2-acetamido-2-deoxy-beta-D-glucopyranose
3 non-polymer 'PROTOPORPHYRIN IX CONTAINING FE'
4 non-polymer 2-acetamido-2-deoxy-beta-D-glucopyranose
5 non-polymer (R)-7-{[5-methoxy-2-methyl-3-(methoxycarbonylmethyl)-1H-indolyl]carbonyl}-7,8-dicarba-nido-dodeca-hydroundecaborate
6 non-polymer (S)-7-{[5-methoxy-2-methyl-3-(methoxycarbonylmethyl)-1H-indolyl]carbonyl}-7,8-dicarba-nido-dodeca-hydroundecaborate
7 non-polymer 'octyl beta-D-glucopyranoside'
8 water water
#
_entity_poly.entity_id   1
_entity_poly.type   'polypeptide(L)'
_entity_poly.pdbx_seq_one_letter_code
;ANPCCSNPCQNRGECMSTGFDQYKCDCTRTGFYGENCTTPEFLTRIKLLLKPTPNTVHYILTHFKGVWNIVNNIPFLRSL
IMKYVLTSRSYLIDSPPTYNVHYGYKSWEAFSNLSYYTRALPPVADDCPTPMGVKGNKELPDSKEVLEKVLLRREFIPDP
QGSNMMFAFFAQHFTHQFFKTDHKRGPGFTRGLGHGVDLNHIYGETLDRQHKLRLFKDGKLKYQVIGGEVYPPTVKDTQV
EMIYPPHIPENLQFAVGQEVFGLVPGLMMYATIWLREHNRVCDILKQEHPEWGDEQLFQTSRLILIGETIKIVIEDYVQH
LSGYHFKLKFDPELLFNQQFQYQNRIASEFNTLYHWHPLLPDTFNIEDQEYSFKQFLYNNSILLEHGLTQFVESFTRQIA
GRVAGGRNVPIAVQAVAKASIDQSREMKYQSLNEYRKRFSLKPYTSFEELTGEKEMAAELKALYSDIDVMELYPALLVEK
PRPDAIFGETMVELGAPFSLKGLMGNPICSPQYWKPSTFGGEVGFKIINTASIQSLICNNVKGCPFTSFNVQDPQPTKTA
TINASASHSRLDDINPTVLIKRRSTEL
;
_entity_poly.pdbx_strand_id   A,B,C,D
#
loop_
_chem_comp.id
_chem_comp.type
_chem_comp.name
_chem_comp.formula
4LA non-polymer (R)-7-{[5-methoxy-2-methyl-3-(methoxycarbonylmethyl)-1H-indolyl]carbonyl}-7,8-dicarba-nido-dodeca-hydroundecaborate 'C16 H14 B9 N O4'
BOG D-saccharide 'octyl beta-D-glucopyranoside' 'C14 H28 O6'
HEM non-polymer 'PROTOPORPHYRIN IX CONTAINING FE' 'C34 H32 Fe N4 O4'
N1B non-polymer (S)-7-{[5-methoxy-2-methyl-3-(methoxycarbonylmethyl)-1H-indolyl]carbonyl}-7,8-dicarba-nido-dodeca-hydroundecaborate 'C16 H14 B9 N O4'
NAG D-saccharide, beta linking 2-acetamido-2-deoxy-beta-D-glucopyranose 'C8 H15 N O6'
#
# COMPACT_ATOMS: atom_id res chain seq x y z
N ALA A 1 -43.11 18.21 -33.20
CA ALA A 1 -42.82 19.54 -33.72
C ALA A 1 -41.58 19.54 -34.59
N ASN A 2 -40.63 18.67 -34.27
CA ASN A 2 -39.40 18.53 -35.05
C ASN A 2 -39.72 18.02 -36.45
N PRO A 3 -39.36 18.82 -37.47
CA PRO A 3 -39.66 18.49 -38.87
C PRO A 3 -38.95 17.23 -39.37
N CYS A 4 -38.00 16.73 -38.59
CA CYS A 4 -37.26 15.54 -38.97
C CYS A 4 -37.83 14.26 -38.34
N CYS A 5 -38.98 14.39 -37.69
CA CYS A 5 -39.60 13.27 -36.98
C CYS A 5 -39.99 12.12 -37.91
N SER A 6 -40.33 12.45 -39.16
CA SER A 6 -40.78 11.44 -40.12
C SER A 6 -39.63 10.72 -40.78
N ASN A 7 -38.41 11.07 -40.40
CA ASN A 7 -37.19 10.53 -41.01
C ASN A 7 -37.22 10.63 -42.53
N PRO A 8 -37.32 11.87 -43.07
CA PRO A 8 -37.53 12.06 -44.50
C PRO A 8 -36.32 11.70 -45.36
N CYS A 9 -35.11 11.99 -44.88
CA CYS A 9 -33.90 11.77 -45.67
C CYS A 9 -33.57 10.29 -45.86
N GLN A 10 -33.49 9.87 -47.12
CA GLN A 10 -33.22 8.47 -47.44
C GLN A 10 -31.75 8.25 -47.80
N ASN A 11 -31.36 6.99 -47.83
CA ASN A 11 -30.01 6.58 -48.24
C ASN A 11 -28.91 7.23 -47.41
N ARG A 12 -29.09 7.21 -46.09
CA ARG A 12 -28.11 7.72 -45.13
C ARG A 12 -27.82 9.20 -45.32
N GLY A 13 -28.76 9.94 -45.90
CA GLY A 13 -28.69 11.38 -45.94
C GLY A 13 -29.03 11.90 -44.54
N GLU A 14 -28.52 13.06 -44.18
CA GLU A 14 -28.73 13.56 -42.82
C GLU A 14 -29.79 14.66 -42.77
N CYS A 15 -30.71 14.54 -41.82
CA CYS A 15 -31.78 15.53 -41.69
C CYS A 15 -31.40 16.66 -40.74
N MET A 16 -31.73 17.89 -41.13
CA MET A 16 -31.46 19.04 -40.29
C MET A 16 -32.64 20.00 -40.31
N SER A 17 -33.09 20.44 -39.14
CA SER A 17 -34.18 21.41 -39.08
C SER A 17 -33.70 22.77 -39.57
N THR A 18 -34.43 23.35 -40.54
CA THR A 18 -34.14 24.69 -41.03
C THR A 18 -35.32 25.60 -40.73
N GLY A 19 -35.65 25.71 -39.45
CA GLY A 19 -36.83 26.44 -39.03
C GLY A 19 -37.76 25.51 -38.25
N PHE A 20 -38.88 26.04 -37.79
CA PHE A 20 -39.80 25.26 -36.98
C PHE A 20 -40.58 24.23 -37.79
N ASP A 21 -40.77 24.50 -39.08
CA ASP A 21 -41.60 23.63 -39.91
C ASP A 21 -40.91 23.16 -41.18
N GLN A 22 -39.62 23.45 -41.31
CA GLN A 22 -38.88 23.05 -42.51
C GLN A 22 -37.63 22.26 -42.17
N TYR A 23 -37.21 21.43 -43.12
CA TYR A 23 -36.00 20.63 -42.96
C TYR A 23 -35.15 20.65 -44.22
N LYS A 24 -33.95 20.10 -44.13
CA LYS A 24 -33.06 19.96 -45.27
C LYS A 24 -32.22 18.70 -45.12
N CYS A 25 -32.06 17.98 -46.23
CA CYS A 25 -31.28 16.75 -46.23
C CYS A 25 -29.89 16.98 -46.83
N ASP A 26 -28.87 16.65 -46.05
CA ASP A 26 -27.49 16.65 -46.52
C ASP A 26 -27.22 15.31 -47.19
N CYS A 27 -27.02 15.36 -48.50
CA CYS A 27 -26.84 14.14 -49.30
C CYS A 27 -25.38 13.92 -49.68
N THR A 28 -24.47 14.58 -48.96
CA THR A 28 -23.05 14.52 -49.27
C THR A 28 -22.51 13.10 -49.27
N ARG A 29 -21.92 12.70 -50.40
CA ARG A 29 -21.30 11.39 -50.57
C ARG A 29 -22.26 10.23 -50.31
N THR A 30 -23.53 10.45 -50.61
CA THR A 30 -24.53 9.38 -50.46
C THR A 30 -24.81 8.71 -51.80
N GLY A 31 -24.45 9.38 -52.88
CA GLY A 31 -24.71 8.87 -54.22
C GLY A 31 -26.05 9.31 -54.75
N PHE A 32 -26.80 10.02 -53.90
CA PHE A 32 -28.12 10.51 -54.26
C PHE A 32 -28.23 12.01 -54.08
N TYR A 33 -29.21 12.62 -54.74
CA TYR A 33 -29.54 14.03 -54.52
C TYR A 33 -31.05 14.20 -54.50
N GLY A 34 -31.50 15.46 -54.52
CA GLY A 34 -32.92 15.74 -54.41
C GLY A 34 -33.29 16.11 -52.99
N GLU A 35 -34.55 16.44 -52.78
CA GLU A 35 -35.02 16.93 -51.49
C GLU A 35 -34.72 15.97 -50.33
N ASN A 36 -35.11 14.70 -50.46
CA ASN A 36 -34.80 13.73 -49.42
C ASN A 36 -33.78 12.67 -49.88
N CYS A 37 -32.90 13.05 -50.79
CA CYS A 37 -31.83 12.18 -51.28
C CYS A 37 -32.37 10.88 -51.88
N THR A 38 -33.34 10.98 -52.78
CA THR A 38 -33.92 9.81 -53.40
C THR A 38 -33.56 9.69 -54.88
N THR A 39 -33.03 10.76 -55.44
CA THR A 39 -32.65 10.77 -56.85
C THR A 39 -31.19 10.35 -57.02
N PRO A 40 -30.97 9.17 -57.62
CA PRO A 40 -29.64 8.58 -57.74
C PRO A 40 -28.80 9.18 -58.86
N GLU A 41 -27.48 9.06 -58.73
CA GLU A 41 -26.57 9.45 -59.79
C GLU A 41 -26.44 8.31 -60.80
N PHE A 42 -25.77 8.58 -61.92
CA PHE A 42 -25.57 7.58 -62.95
C PHE A 42 -24.78 6.39 -62.43
N LEU A 43 -23.65 6.70 -61.78
CA LEU A 43 -22.80 5.66 -61.20
C LEU A 43 -23.55 4.92 -60.09
N THR A 44 -24.39 5.64 -59.38
CA THR A 44 -25.21 5.02 -58.33
C THR A 44 -26.18 4.04 -58.93
N ARG A 45 -26.79 4.41 -60.06
CA ARG A 45 -27.68 3.53 -60.80
C ARG A 45 -26.94 2.29 -61.26
N ILE A 46 -25.73 2.48 -61.78
CA ILE A 46 -24.92 1.36 -62.24
C ILE A 46 -24.60 0.39 -61.10
N LYS A 47 -24.20 0.94 -59.96
CA LYS A 47 -23.86 0.13 -58.79
C LYS A 47 -25.10 -0.56 -58.19
N LEU A 48 -26.26 0.04 -58.42
CA LEU A 48 -27.50 -0.47 -57.83
C LEU A 48 -28.04 -1.70 -58.57
N LEU A 49 -27.99 -1.67 -59.89
CA LEU A 49 -28.54 -2.76 -60.70
C LEU A 49 -27.54 -3.89 -60.89
N LEU A 50 -26.36 -3.74 -60.30
CA LEU A 50 -25.32 -4.76 -60.40
C LEU A 50 -25.04 -5.39 -59.03
N LYS A 51 -25.62 -4.81 -57.99
CA LYS A 51 -25.42 -5.33 -56.64
C LYS A 51 -26.37 -6.49 -56.34
N PRO A 52 -25.82 -7.66 -56.00
CA PRO A 52 -26.63 -8.82 -55.62
C PRO A 52 -27.23 -8.65 -54.23
N THR A 53 -28.41 -9.23 -54.02
CA THR A 53 -29.07 -9.18 -52.72
C THR A 53 -28.36 -10.08 -51.72
N PRO A 54 -28.46 -9.76 -50.42
CA PRO A 54 -27.84 -10.58 -49.38
C PRO A 54 -28.29 -12.04 -49.42
N ASN A 55 -29.55 -12.29 -49.80
CA ASN A 55 -30.05 -13.66 -49.91
C ASN A 55 -29.40 -14.41 -51.07
N THR A 56 -29.08 -13.69 -52.14
CA THR A 56 -28.41 -14.29 -53.29
C THR A 56 -26.99 -14.70 -52.91
N VAL A 57 -26.27 -13.80 -52.26
CA VAL A 57 -24.91 -14.08 -51.80
C VAL A 57 -24.90 -15.21 -50.78
N HIS A 58 -25.88 -15.20 -49.89
CA HIS A 58 -26.03 -16.26 -48.89
C HIS A 58 -26.25 -17.60 -49.56
N TYR A 59 -27.09 -17.60 -50.59
CA TYR A 59 -27.37 -18.80 -51.38
C TYR A 59 -26.10 -19.32 -52.04
N ILE A 60 -25.37 -18.41 -52.68
CA ILE A 60 -24.15 -18.78 -53.40
C ILE A 60 -23.08 -19.32 -52.45
N LEU A 61 -23.04 -18.77 -51.23
CA LEU A 61 -22.05 -19.20 -50.25
C LEU A 61 -22.49 -20.48 -49.51
N THR A 62 -23.77 -20.79 -49.55
CA THR A 62 -24.28 -21.98 -48.87
C THR A 62 -24.60 -23.13 -49.81
N HIS A 63 -24.24 -22.98 -51.09
CA HIS A 63 -24.43 -24.04 -52.07
C HIS A 63 -23.16 -24.27 -52.87
N PHE A 64 -23.23 -25.17 -53.85
CA PHE A 64 -22.09 -25.51 -54.71
C PHE A 64 -20.90 -25.98 -53.87
N LYS A 65 -21.09 -27.06 -53.13
CA LYS A 65 -20.10 -27.55 -52.16
C LYS A 65 -18.78 -27.93 -52.81
N GLY A 66 -18.84 -28.46 -54.02
CA GLY A 66 -17.64 -28.88 -54.73
C GLY A 66 -16.75 -27.70 -55.12
N VAL A 67 -17.39 -26.67 -55.68
CA VAL A 67 -16.68 -25.45 -56.07
C VAL A 67 -15.95 -24.82 -54.89
N TRP A 68 -16.63 -24.73 -53.76
CA TRP A 68 -16.02 -24.18 -52.55
C TRP A 68 -14.97 -25.13 -51.99
N ASN A 69 -15.14 -26.42 -52.24
CA ASN A 69 -14.15 -27.40 -51.80
C ASN A 69 -12.86 -27.19 -52.59
N ILE A 70 -13.00 -26.74 -53.83
CA ILE A 70 -11.85 -26.40 -54.65
C ILE A 70 -11.25 -25.06 -54.20
N VAL A 71 -12.11 -24.10 -53.91
CA VAL A 71 -11.68 -22.76 -53.50
C VAL A 71 -10.88 -22.79 -52.19
N ASN A 72 -11.37 -23.55 -51.21
CA ASN A 72 -10.75 -23.61 -49.89
C ASN A 72 -9.37 -24.25 -49.89
N ASN A 73 -8.99 -24.88 -51.00
CA ASN A 73 -7.69 -25.54 -51.10
C ASN A 73 -6.71 -24.74 -51.95
N ILE A 74 -7.18 -23.63 -52.50
CA ILE A 74 -6.32 -22.71 -53.24
C ILE A 74 -6.17 -21.40 -52.48
N PRO A 75 -5.01 -21.18 -51.86
CA PRO A 75 -4.71 -20.03 -51.01
C PRO A 75 -5.03 -18.69 -51.68
N PHE A 76 -4.71 -18.56 -52.95
CA PHE A 76 -4.96 -17.33 -53.70
C PHE A 76 -6.45 -17.03 -53.79
N LEU A 77 -7.22 -17.99 -54.28
CA LEU A 77 -8.66 -17.84 -54.41
C LEU A 77 -9.33 -17.60 -53.06
N ARG A 78 -8.92 -18.35 -52.05
CA ARG A 78 -9.48 -18.21 -50.72
C ARG A 78 -9.21 -16.82 -50.14
N SER A 79 -7.99 -16.34 -50.32
CA SER A 79 -7.62 -15.01 -49.85
C SER A 79 -8.40 -13.93 -50.58
N LEU A 80 -8.54 -14.09 -51.89
CA LEU A 80 -9.30 -13.16 -52.72
C LEU A 80 -10.75 -13.05 -52.26
N ILE A 81 -11.41 -14.19 -52.19
CA ILE A 81 -12.82 -14.25 -51.82
C ILE A 81 -13.04 -13.79 -50.39
N MET A 82 -12.13 -14.14 -49.49
CA MET A 82 -12.22 -13.69 -48.11
C MET A 82 -12.08 -12.17 -48.04
N LYS A 83 -11.20 -11.63 -48.87
CA LYS A 83 -11.04 -10.18 -48.98
C LYS A 83 -12.33 -9.54 -49.47
N TYR A 84 -12.98 -10.18 -50.43
CA TYR A 84 -14.27 -9.69 -50.92
C TYR A 84 -15.33 -9.68 -49.80
N VAL A 85 -15.39 -10.77 -49.04
CA VAL A 85 -16.35 -10.89 -47.95
C VAL A 85 -16.12 -9.81 -46.89
N LEU A 86 -14.85 -9.60 -46.54
CA LEU A 86 -14.49 -8.55 -45.60
C LEU A 86 -14.88 -7.17 -46.13
N THR A 87 -14.67 -6.97 -47.43
CA THR A 87 -14.98 -5.70 -48.07
C THR A 87 -16.49 -5.42 -48.10
N SER A 88 -17.28 -6.47 -48.26
CA SER A 88 -18.73 -6.33 -48.35
C SER A 88 -19.36 -5.84 -47.03
N ARG A 89 -18.65 -6.04 -45.93
CA ARG A 89 -19.14 -5.62 -44.62
C ARG A 89 -18.57 -4.27 -44.21
N SER A 90 -17.74 -3.69 -45.07
CA SER A 90 -17.13 -2.39 -44.79
C SER A 90 -18.07 -1.26 -45.24
N TYR A 91 -17.70 -0.03 -44.89
CA TYR A 91 -18.43 1.17 -45.29
C TYR A 91 -19.89 1.17 -44.83
N LEU A 92 -20.18 0.45 -43.75
CA LEU A 92 -21.52 0.41 -43.19
C LEU A 92 -21.58 1.07 -41.82
N ILE A 93 -20.51 0.92 -41.06
CA ILE A 93 -20.45 1.45 -39.70
C ILE A 93 -19.71 2.77 -39.62
N ASP A 94 -20.31 3.75 -38.95
CA ASP A 94 -19.67 5.04 -38.73
C ASP A 94 -18.45 4.87 -37.83
N SER A 95 -17.28 5.23 -38.36
CA SER A 95 -16.04 5.11 -37.60
C SER A 95 -15.06 6.20 -38.04
N PRO A 96 -14.80 7.21 -37.18
CA PRO A 96 -15.24 7.44 -35.80
C PRO A 96 -16.76 7.53 -35.62
N PRO A 97 -17.26 7.13 -34.44
CA PRO A 97 -18.70 7.03 -34.18
C PRO A 97 -19.39 8.39 -34.12
N THR A 98 -20.72 8.39 -34.18
CA THR A 98 -21.49 9.62 -34.21
C THR A 98 -22.50 9.71 -33.08
N TYR A 99 -23.70 9.18 -33.28
CA TYR A 99 -24.81 9.40 -32.37
C TYR A 99 -24.78 8.51 -31.12
N ASN A 100 -25.58 8.90 -30.13
CA ASN A 100 -25.89 8.02 -29.00
C ASN A 100 -27.31 8.32 -28.51
N VAL A 101 -27.66 7.80 -27.33
CA VAL A 101 -29.03 7.87 -26.84
C VAL A 101 -29.50 9.31 -26.59
N HIS A 102 -28.57 10.21 -26.31
CA HIS A 102 -28.93 11.58 -25.96
C HIS A 102 -28.68 12.58 -27.09
N TYR A 103 -28.00 12.14 -28.14
CA TYR A 103 -27.67 13.03 -29.26
C TYR A 103 -28.08 12.45 -30.60
N GLY A 104 -29.07 13.06 -31.22
CA GLY A 104 -29.52 12.68 -32.55
C GLY A 104 -28.78 13.46 -33.62
N TYR A 105 -27.86 14.31 -33.16
CA TYR A 105 -26.99 15.06 -34.04
C TYR A 105 -25.55 14.85 -33.59
N LYS A 106 -24.59 15.11 -34.48
CA LYS A 106 -23.19 14.93 -34.13
C LYS A 106 -22.71 16.03 -33.19
N SER A 107 -21.94 15.64 -32.19
CA SER A 107 -21.40 16.56 -31.20
C SER A 107 -20.13 15.99 -30.59
N TRP A 108 -19.35 16.82 -29.91
CA TRP A 108 -18.12 16.33 -29.31
C TRP A 108 -18.39 15.48 -28.09
N GLU A 109 -19.49 15.76 -27.40
CA GLU A 109 -19.89 14.99 -26.24
C GLU A 109 -20.18 13.55 -26.63
N ALA A 110 -20.87 13.38 -27.75
CA ALA A 110 -21.23 12.05 -28.23
C ALA A 110 -19.99 11.27 -28.64
N PHE A 111 -19.03 11.95 -29.26
CA PHE A 111 -17.81 11.30 -29.73
C PHE A 111 -16.88 10.92 -28.58
N SER A 112 -16.66 11.84 -27.66
CA SER A 112 -15.60 11.69 -26.66
C SER A 112 -16.00 10.88 -25.43
N ASN A 113 -17.28 10.87 -25.11
CA ASN A 113 -17.75 10.18 -23.91
C ASN A 113 -17.88 8.68 -24.14
N LEU A 114 -16.94 7.92 -23.57
CA LEU A 114 -16.86 6.48 -23.80
C LEU A 114 -17.89 5.69 -22.99
N SER A 115 -18.55 6.36 -22.06
CA SER A 115 -19.54 5.68 -21.21
C SER A 115 -20.80 5.32 -21.99
N TYR A 116 -20.99 5.97 -23.13
CA TYR A 116 -22.15 5.70 -23.98
C TYR A 116 -21.94 4.51 -24.90
N TYR A 117 -23.02 3.76 -25.15
CA TYR A 117 -23.09 2.95 -26.35
C TYR A 117 -23.30 3.93 -27.49
N THR A 118 -22.70 3.69 -28.64
CA THR A 118 -22.96 4.54 -29.79
C THR A 118 -24.24 4.05 -30.46
N ARG A 119 -24.69 4.76 -31.48
CA ARG A 119 -25.92 4.38 -32.17
C ARG A 119 -25.75 4.42 -33.68
N ALA A 120 -26.14 3.33 -34.34
CA ALA A 120 -26.10 3.25 -35.80
C ALA A 120 -27.12 4.19 -36.40
N LEU A 121 -28.25 4.32 -35.71
CA LEU A 121 -29.29 5.29 -36.09
C LEU A 121 -29.61 6.20 -34.92
N PRO A 122 -29.80 7.50 -35.20
CA PRO A 122 -30.14 8.46 -34.14
C PRO A 122 -31.47 8.13 -33.49
N PRO A 123 -31.62 8.47 -32.21
CA PRO A 123 -32.89 8.22 -31.51
C PRO A 123 -34.01 9.12 -32.03
N VAL A 124 -35.25 8.69 -31.86
CA VAL A 124 -36.39 9.52 -32.20
C VAL A 124 -36.44 10.70 -31.24
N ALA A 125 -36.61 11.90 -31.78
CA ALA A 125 -36.65 13.11 -30.97
C ALA A 125 -37.78 13.07 -29.95
N ASP A 126 -37.59 13.76 -28.83
CA ASP A 126 -38.55 13.73 -27.73
C ASP A 126 -39.90 14.34 -28.07
N ASP A 127 -39.89 15.40 -28.87
CA ASP A 127 -41.12 16.13 -29.18
C ASP A 127 -41.88 15.54 -30.37
N CYS A 128 -41.48 14.34 -30.79
CA CYS A 128 -42.19 13.65 -31.87
C CYS A 128 -43.53 13.13 -31.36
N PRO A 129 -44.57 13.25 -32.19
CA PRO A 129 -45.95 12.89 -31.81
C PRO A 129 -46.17 11.40 -31.55
N THR A 130 -45.40 10.55 -32.21
CA THR A 130 -45.51 9.10 -32.01
C THR A 130 -44.15 8.51 -31.66
N PRO A 131 -44.13 7.36 -30.96
CA PRO A 131 -42.88 6.71 -30.56
C PRO A 131 -41.91 6.45 -31.71
N MET A 132 -42.43 6.13 -32.89
CA MET A 132 -41.56 5.84 -34.04
C MET A 132 -41.31 7.07 -34.90
N GLY A 133 -41.96 8.17 -34.56
CA GLY A 133 -41.80 9.41 -35.31
C GLY A 133 -43.14 10.07 -35.58
N VAL A 134 -43.79 9.68 -36.67
CA VAL A 134 -45.10 10.22 -37.00
C VAL A 134 -46.09 9.11 -37.32
N LYS A 135 -45.58 7.93 -37.62
CA LYS A 135 -46.43 6.78 -37.94
C LYS A 135 -46.87 6.05 -36.68
N GLY A 136 -47.95 5.30 -36.79
CA GLY A 136 -48.46 4.51 -35.68
C GLY A 136 -49.36 5.30 -34.75
N ASN A 137 -49.72 4.69 -33.63
CA ASN A 137 -50.56 5.33 -32.63
C ASN A 137 -49.73 6.12 -31.63
N LYS A 138 -50.41 6.72 -30.65
CA LYS A 138 -49.74 7.51 -29.63
C LYS A 138 -48.78 6.65 -28.80
N GLU A 139 -49.12 5.39 -28.62
CA GLU A 139 -48.28 4.48 -27.85
C GLU A 139 -48.11 3.13 -28.53
N LEU A 140 -46.91 2.57 -28.42
CA LEU A 140 -46.61 1.24 -28.92
C LEU A 140 -47.43 0.19 -28.16
N PRO A 141 -47.67 -0.98 -28.77
CA PRO A 141 -48.47 -2.01 -28.11
C PRO A 141 -47.83 -2.51 -26.82
N ASP A 142 -48.64 -3.07 -25.93
CA ASP A 142 -48.18 -3.59 -24.64
C ASP A 142 -47.08 -4.62 -24.83
N SER A 143 -45.92 -4.35 -24.22
CA SER A 143 -44.75 -5.20 -24.38
C SER A 143 -45.00 -6.63 -23.86
N LYS A 144 -45.79 -6.74 -22.80
CA LYS A 144 -46.16 -8.04 -22.27
C LYS A 144 -46.96 -8.85 -23.29
N GLU A 145 -47.82 -8.16 -24.03
CA GLU A 145 -48.66 -8.81 -25.03
C GLU A 145 -47.84 -9.28 -26.23
N VAL A 146 -46.91 -8.44 -26.69
CA VAL A 146 -46.00 -8.84 -27.76
C VAL A 146 -45.21 -10.06 -27.31
N LEU A 147 -44.63 -9.95 -26.11
CA LEU A 147 -43.87 -11.03 -25.49
C LEU A 147 -44.62 -12.36 -25.49
N GLU A 148 -45.83 -12.34 -24.94
CA GLU A 148 -46.61 -13.57 -24.78
C GLU A 148 -47.16 -14.10 -26.10
N LYS A 149 -47.45 -13.20 -27.03
CA LYS A 149 -48.09 -13.61 -28.28
C LYS A 149 -47.10 -14.13 -29.33
N VAL A 150 -45.92 -13.53 -29.42
CA VAL A 150 -45.00 -13.96 -30.47
C VAL A 150 -43.58 -14.32 -30.01
N LEU A 151 -43.27 -14.10 -28.75
CA LEU A 151 -41.90 -14.32 -28.28
C LEU A 151 -41.76 -15.54 -27.38
N LEU A 152 -42.66 -15.69 -26.41
CA LEU A 152 -42.55 -16.77 -25.43
C LEU A 152 -42.61 -18.15 -26.08
N ARG A 153 -41.80 -19.06 -25.55
CA ARG A 153 -41.70 -20.41 -26.09
C ARG A 153 -42.88 -21.29 -25.67
N ARG A 154 -43.50 -21.94 -26.65
CA ARG A 154 -44.50 -22.96 -26.36
C ARG A 154 -43.80 -24.30 -26.21
N GLU A 155 -43.38 -24.87 -27.33
CA GLU A 155 -42.56 -26.07 -27.34
C GLU A 155 -41.16 -25.70 -27.83
N PHE A 156 -40.15 -26.35 -27.27
CA PHE A 156 -38.76 -26.06 -27.62
C PHE A 156 -38.47 -26.28 -29.10
N ILE A 157 -38.00 -25.23 -29.77
CA ILE A 157 -37.63 -25.31 -31.18
C ILE A 157 -36.11 -25.40 -31.34
N PRO A 158 -35.62 -26.58 -31.73
CA PRO A 158 -34.18 -26.80 -31.88
C PRO A 158 -33.58 -26.08 -33.09
N ASP A 159 -32.31 -25.70 -32.98
CA ASP A 159 -31.61 -25.07 -34.08
C ASP A 159 -31.35 -26.08 -35.21
N PRO A 160 -31.85 -25.78 -36.42
CA PRO A 160 -31.64 -26.64 -37.58
C PRO A 160 -30.17 -26.73 -38.00
N GLN A 161 -29.35 -25.78 -37.54
CA GLN A 161 -27.93 -25.81 -37.83
C GLN A 161 -27.18 -26.62 -36.77
N GLY A 162 -27.92 -27.06 -35.75
CA GLY A 162 -27.38 -27.96 -34.75
C GLY A 162 -26.43 -27.32 -33.76
N SER A 163 -26.58 -26.00 -33.54
CA SER A 163 -25.78 -25.30 -32.54
C SER A 163 -25.97 -25.93 -31.16
N ASN A 164 -24.89 -26.05 -30.41
CA ASN A 164 -24.96 -26.68 -29.09
C ASN A 164 -24.71 -25.71 -27.95
N MET A 165 -24.62 -26.23 -26.74
CA MET A 165 -24.47 -25.39 -25.55
C MET A 165 -23.07 -24.83 -25.42
N MET A 166 -22.08 -25.54 -25.95
CA MET A 166 -20.73 -25.02 -26.04
C MET A 166 -20.77 -23.70 -26.82
N PHE A 167 -21.50 -23.71 -27.92
CA PHE A 167 -21.66 -22.54 -28.76
C PHE A 167 -22.39 -21.41 -28.06
N ALA A 168 -23.50 -21.74 -27.40
CA ALA A 168 -24.32 -20.73 -26.72
C ALA A 168 -23.53 -20.05 -25.61
N PHE A 169 -22.90 -20.85 -24.76
CA PHE A 169 -22.13 -20.32 -23.64
C PHE A 169 -20.87 -19.60 -24.13
N PHE A 170 -20.30 -20.05 -25.25
CA PHE A 170 -19.18 -19.32 -25.85
C PHE A 170 -19.66 -17.95 -26.31
N ALA A 171 -20.89 -17.91 -26.82
CA ALA A 171 -21.47 -16.66 -27.30
C ALA A 171 -21.68 -15.68 -26.15
N GLN A 172 -22.32 -16.16 -25.08
CA GLN A 172 -22.56 -15.34 -23.90
C GLN A 172 -21.24 -14.83 -23.32
N HIS A 173 -20.32 -15.76 -23.08
CA HIS A 173 -19.02 -15.47 -22.50
C HIS A 173 -18.25 -14.43 -23.33
N PHE A 174 -18.12 -14.68 -24.63
CA PHE A 174 -17.40 -13.79 -25.52
C PHE A 174 -18.04 -12.42 -25.61
N THR A 175 -19.36 -12.37 -25.73
CA THR A 175 -20.04 -11.08 -25.91
C THR A 175 -20.10 -10.25 -24.64
N HIS A 176 -20.02 -10.90 -23.48
CA HIS A 176 -20.15 -10.17 -22.23
C HIS A 176 -18.87 -9.48 -21.77
N GLN A 177 -17.94 -9.26 -22.70
CA GLN A 177 -16.77 -8.45 -22.40
C GLN A 177 -16.98 -7.03 -22.94
N PHE A 178 -17.78 -6.90 -23.99
CA PHE A 178 -18.09 -5.58 -24.53
C PHE A 178 -19.58 -5.23 -24.42
N PHE A 179 -20.38 -6.19 -23.96
CA PHE A 179 -21.78 -5.91 -23.62
C PHE A 179 -21.93 -5.90 -22.09
N LYS A 180 -21.64 -4.75 -21.48
CA LYS A 180 -21.71 -4.61 -20.04
C LYS A 180 -22.44 -3.32 -19.67
N THR A 181 -23.76 -3.37 -19.69
CA THR A 181 -24.59 -2.19 -19.47
C THR A 181 -24.47 -1.64 -18.06
N ASP A 182 -24.25 -0.33 -17.95
CA ASP A 182 -24.21 0.35 -16.66
C ASP A 182 -25.63 0.73 -16.24
N HIS A 183 -26.32 -0.20 -15.57
CA HIS A 183 -27.71 0.02 -15.18
C HIS A 183 -27.87 1.14 -14.16
N LYS A 184 -26.76 1.59 -13.58
CA LYS A 184 -26.78 2.71 -12.65
C LYS A 184 -27.02 4.01 -13.41
N ARG A 185 -26.56 4.05 -14.66
CA ARG A 185 -26.69 5.25 -15.49
C ARG A 185 -27.89 5.17 -16.42
N GLY A 186 -28.11 3.98 -16.99
CA GLY A 186 -29.17 3.78 -17.96
C GLY A 186 -28.80 2.74 -19.00
N PRO A 187 -29.79 2.27 -19.78
CA PRO A 187 -29.57 1.21 -20.77
C PRO A 187 -28.70 1.66 -21.95
N GLY A 188 -28.53 2.97 -22.11
CA GLY A 188 -27.72 3.48 -23.20
C GLY A 188 -26.27 3.67 -22.81
N PHE A 189 -25.91 3.16 -21.64
CA PHE A 189 -24.56 3.31 -21.11
C PHE A 189 -23.86 1.97 -20.93
N THR A 190 -22.53 1.98 -21.05
CA THR A 190 -21.75 0.76 -20.93
C THR A 190 -20.64 0.89 -19.89
N ARG A 191 -20.17 -0.26 -19.39
CA ARG A 191 -19.04 -0.29 -18.47
C ARG A 191 -17.79 -0.78 -19.20
N GLY A 192 -17.98 -1.26 -20.42
CA GLY A 192 -16.86 -1.71 -21.24
C GLY A 192 -16.24 -0.55 -22.00
N LEU A 193 -15.40 0.22 -21.32
CA LEU A 193 -14.83 1.42 -21.90
C LEU A 193 -13.81 1.13 -22.99
N GLY A 194 -13.37 -0.12 -23.08
CA GLY A 194 -12.49 -0.54 -24.16
C GLY A 194 -13.24 -0.72 -25.46
N HIS A 195 -14.56 -0.90 -25.35
CA HIS A 195 -15.44 -1.02 -26.51
C HIS A 195 -15.00 -2.07 -27.52
N GLY A 196 -14.62 -3.25 -27.04
CA GLY A 196 -14.20 -4.32 -27.94
C GLY A 196 -13.64 -5.54 -27.23
N VAL A 197 -12.84 -6.30 -27.96
CA VAL A 197 -12.25 -7.53 -27.43
C VAL A 197 -10.93 -7.26 -26.74
N ASP A 198 -11.00 -6.84 -25.48
CA ASP A 198 -9.80 -6.60 -24.69
C ASP A 198 -9.60 -7.71 -23.65
N LEU A 199 -10.52 -8.66 -23.65
CA LEU A 199 -10.52 -9.76 -22.68
C LEU A 199 -10.57 -9.25 -21.24
N ASN A 200 -11.29 -8.15 -21.03
CA ASN A 200 -11.47 -7.60 -19.69
C ASN A 200 -12.25 -8.57 -18.81
N HIS A 201 -13.06 -9.41 -19.44
CA HIS A 201 -13.83 -10.41 -18.72
C HIS A 201 -12.95 -11.54 -18.18
N ILE A 202 -11.67 -11.46 -18.51
CA ILE A 202 -10.67 -12.40 -18.00
C ILE A 202 -9.67 -11.67 -17.10
N TYR A 203 -9.28 -10.47 -17.50
CA TYR A 203 -8.22 -9.75 -16.81
C TYR A 203 -8.71 -8.59 -15.96
N GLY A 204 -10.00 -8.27 -16.06
CA GLY A 204 -10.56 -7.17 -15.28
C GLY A 204 -10.55 -5.87 -16.06
N GLU A 205 -11.60 -5.06 -15.86
CA GLU A 205 -11.76 -3.79 -16.57
C GLU A 205 -10.68 -2.79 -16.16
N THR A 206 -10.31 -2.78 -14.89
CA THR A 206 -9.34 -1.80 -14.37
C THR A 206 -8.05 -2.45 -13.90
N LEU A 207 -7.05 -1.62 -13.64
CA LEU A 207 -5.71 -2.08 -13.28
C LEU A 207 -5.68 -2.73 -11.89
N ASP A 208 -6.42 -2.17 -10.95
CA ASP A 208 -6.47 -2.70 -9.59
C ASP A 208 -7.03 -4.12 -9.57
N ARG A 209 -8.14 -4.32 -10.28
CA ARG A 209 -8.77 -5.64 -10.38
C ARG A 209 -7.81 -6.65 -11.00
N GLN A 210 -7.19 -6.24 -12.10
CA GLN A 210 -6.19 -7.06 -12.79
C GLN A 210 -5.10 -7.50 -11.83
N HIS A 211 -4.53 -6.53 -11.12
CA HIS A 211 -3.46 -6.79 -10.16
C HIS A 211 -3.92 -7.71 -9.04
N LYS A 212 -5.20 -7.64 -8.70
CA LYS A 212 -5.77 -8.55 -7.70
C LYS A 212 -5.90 -9.96 -8.26
N LEU A 213 -6.11 -10.06 -9.57
CA LEU A 213 -6.28 -11.37 -10.21
C LEU A 213 -4.93 -12.02 -10.59
N ARG A 214 -3.86 -11.23 -10.57
CA ARG A 214 -2.56 -11.72 -11.02
C ARG A 214 -1.73 -12.35 -9.89
N LEU A 215 -0.84 -13.25 -10.28
CA LEU A 215 0.05 -13.94 -9.34
C LEU A 215 1.37 -13.19 -9.21
N PHE A 216 1.67 -12.37 -10.21
CA PHE A 216 2.94 -11.64 -10.29
C PHE A 216 4.14 -12.58 -10.26
N LYS A 217 3.94 -13.76 -10.84
CA LYS A 217 5.00 -14.75 -11.00
C LYS A 217 4.82 -15.45 -12.33
N ASP A 218 5.82 -15.32 -13.20
CA ASP A 218 5.80 -15.93 -14.53
C ASP A 218 4.63 -15.43 -15.39
N GLY A 219 4.08 -14.28 -15.04
CA GLY A 219 3.02 -13.66 -15.82
C GLY A 219 1.66 -14.31 -15.63
N LYS A 220 1.59 -15.28 -14.72
CA LYS A 220 0.38 -16.08 -14.56
C LYS A 220 -0.72 -15.37 -13.78
N LEU A 221 -1.95 -15.85 -13.97
CA LEU A 221 -3.07 -15.43 -13.15
C LEU A 221 -3.17 -16.35 -11.95
N LYS A 222 -3.67 -15.82 -10.83
CA LYS A 222 -3.86 -16.64 -9.63
C LYS A 222 -4.85 -17.77 -9.91
N TYR A 223 -4.67 -18.88 -9.22
CA TYR A 223 -5.54 -20.04 -9.39
C TYR A 223 -5.51 -20.94 -8.16
N GLN A 224 -6.50 -21.81 -8.05
CA GLN A 224 -6.56 -22.78 -6.96
C GLN A 224 -6.72 -24.18 -7.53
N VAL A 225 -6.27 -25.17 -6.77
CA VAL A 225 -6.41 -26.56 -7.19
C VAL A 225 -7.45 -27.28 -6.35
N ILE A 226 -8.51 -27.76 -7.01
CA ILE A 226 -9.56 -28.52 -6.37
C ILE A 226 -9.68 -29.89 -7.02
N GLY A 227 -9.46 -30.93 -6.23
CA GLY A 227 -9.53 -32.30 -6.73
C GLY A 227 -8.54 -32.57 -7.84
N GLY A 228 -7.43 -31.83 -7.83
CA GLY A 228 -6.40 -31.99 -8.85
C GLY A 228 -6.64 -31.16 -10.08
N GLU A 229 -7.72 -30.38 -10.08
CA GLU A 229 -8.07 -29.57 -11.25
C GLU A 229 -7.90 -28.08 -10.98
N VAL A 230 -7.42 -27.35 -11.98
CA VAL A 230 -7.20 -25.91 -11.85
C VAL A 230 -8.49 -25.11 -12.04
N TYR A 231 -8.82 -24.29 -11.05
CA TYR A 231 -9.99 -23.41 -11.10
C TYR A 231 -9.59 -21.99 -10.72
N PRO A 232 -10.42 -20.99 -11.11
CA PRO A 232 -10.16 -19.60 -10.72
C PRO A 232 -10.09 -19.44 -9.19
N PRO A 233 -9.36 -18.41 -8.72
CA PRO A 233 -9.22 -18.20 -7.28
C PRO A 233 -10.53 -17.75 -6.63
N THR A 234 -10.53 -17.61 -5.31
CA THR A 234 -11.72 -17.22 -4.59
C THR A 234 -11.74 -15.71 -4.33
N VAL A 235 -12.91 -15.20 -3.96
CA VAL A 235 -13.05 -13.80 -3.57
C VAL A 235 -12.27 -13.56 -2.28
N LYS A 236 -12.23 -14.57 -1.42
CA LYS A 236 -11.52 -14.48 -0.15
C LYS A 236 -10.01 -14.32 -0.35
N ASP A 237 -9.50 -14.89 -1.44
CA ASP A 237 -8.07 -14.88 -1.70
C ASP A 237 -7.60 -13.64 -2.46
N THR A 238 -8.49 -13.05 -3.24
CA THR A 238 -8.11 -11.95 -4.13
C THR A 238 -8.78 -10.63 -3.78
N GLN A 239 -9.83 -10.67 -2.98
CA GLN A 239 -10.63 -9.49 -2.64
C GLN A 239 -11.23 -8.84 -3.89
N VAL A 240 -11.42 -9.64 -4.94
CA VAL A 240 -12.04 -9.16 -6.16
C VAL A 240 -13.55 -9.16 -6.01
N GLU A 241 -14.18 -8.05 -6.41
CA GLU A 241 -15.62 -7.90 -6.28
C GLU A 241 -16.38 -8.76 -7.30
N MET A 242 -17.22 -9.65 -6.79
CA MET A 242 -18.05 -10.50 -7.64
C MET A 242 -19.52 -10.36 -7.24
N ILE A 243 -20.41 -10.76 -8.14
CA ILE A 243 -21.84 -10.80 -7.86
C ILE A 243 -22.28 -12.20 -7.48
N TYR A 244 -22.73 -12.36 -6.25
CA TYR A 244 -23.21 -13.67 -5.79
C TYR A 244 -24.39 -13.51 -4.84
N PRO A 245 -25.35 -14.43 -4.91
CA PRO A 245 -26.41 -14.52 -3.91
C PRO A 245 -25.81 -14.69 -2.52
N PRO A 246 -26.48 -14.17 -1.48
CA PRO A 246 -25.93 -14.18 -0.12
C PRO A 246 -25.70 -15.57 0.47
N HIS A 247 -26.30 -16.59 -0.13
CA HIS A 247 -26.20 -17.94 0.41
C HIS A 247 -25.02 -18.73 -0.19
N ILE A 248 -24.28 -18.10 -1.09
CA ILE A 248 -23.14 -18.76 -1.72
C ILE A 248 -21.94 -18.83 -0.79
N PRO A 249 -21.48 -20.06 -0.48
CA PRO A 249 -20.31 -20.28 0.37
C PRO A 249 -19.06 -19.59 -0.15
N GLU A 250 -18.14 -19.25 0.75
CA GLU A 250 -16.94 -18.51 0.37
C GLU A 250 -16.04 -19.31 -0.56
N ASN A 251 -15.97 -20.62 -0.35
CA ASN A 251 -15.12 -21.48 -1.18
C ASN A 251 -15.70 -21.68 -2.58
N LEU A 252 -16.91 -21.19 -2.80
CA LEU A 252 -17.55 -21.30 -4.10
C LEU A 252 -17.67 -19.94 -4.79
N GLN A 253 -17.24 -18.89 -4.11
CA GLN A 253 -17.24 -17.56 -4.71
C GLN A 253 -15.99 -17.36 -5.55
N PHE A 254 -15.99 -17.90 -6.77
CA PHE A 254 -14.86 -17.76 -7.68
C PHE A 254 -14.71 -16.32 -8.14
N ALA A 255 -13.47 -15.88 -8.32
CA ALA A 255 -13.19 -14.51 -8.75
C ALA A 255 -12.59 -14.50 -10.16
N VAL A 256 -13.31 -13.87 -11.10
CA VAL A 256 -12.83 -13.76 -12.47
C VAL A 256 -12.94 -12.32 -12.96
N GLY A 257 -12.45 -12.07 -14.17
CA GLY A 257 -12.42 -10.74 -14.75
C GLY A 257 -13.77 -10.04 -14.78
N GLN A 258 -14.81 -10.78 -15.16
CA GLN A 258 -16.16 -10.25 -15.20
C GLN A 258 -16.94 -10.62 -13.93
N GLU A 259 -17.57 -9.63 -13.32
CA GLU A 259 -18.18 -9.80 -12.01
C GLU A 259 -19.46 -10.65 -12.00
N VAL A 260 -19.99 -10.98 -13.17
CA VAL A 260 -21.26 -11.70 -13.24
C VAL A 260 -21.13 -13.14 -13.75
N PHE A 261 -19.90 -13.58 -14.02
CA PHE A 261 -19.68 -14.89 -14.63
C PHE A 261 -19.89 -16.05 -13.67
N GLY A 262 -20.08 -15.74 -12.39
CA GLY A 262 -20.30 -16.76 -11.37
C GLY A 262 -21.77 -17.15 -11.26
N LEU A 263 -22.61 -16.44 -11.98
CA LEU A 263 -24.05 -16.67 -11.94
C LEU A 263 -24.46 -17.81 -12.85
N VAL A 264 -23.61 -18.11 -13.84
CA VAL A 264 -23.88 -19.20 -14.77
C VAL A 264 -22.66 -20.11 -14.89
N PRO A 265 -22.84 -21.40 -14.56
CA PRO A 265 -21.77 -22.41 -14.62
C PRO A 265 -21.19 -22.55 -16.03
N GLY A 266 -22.02 -22.30 -17.04
CA GLY A 266 -21.55 -22.33 -18.42
C GLY A 266 -20.51 -21.26 -18.67
N LEU A 267 -20.66 -20.12 -18.01
CA LEU A 267 -19.70 -19.03 -18.12
C LEU A 267 -18.43 -19.35 -17.34
N MET A 268 -18.61 -19.95 -16.16
CA MET A 268 -17.48 -20.30 -15.30
C MET A 268 -16.61 -21.35 -15.98
N MET A 269 -17.23 -22.23 -16.75
CA MET A 269 -16.51 -23.23 -17.53
C MET A 269 -15.48 -22.56 -18.45
N TYR A 270 -15.95 -21.62 -19.26
CA TYR A 270 -15.10 -20.90 -20.20
C TYR A 270 -14.09 -19.99 -19.49
N ALA A 271 -14.49 -19.42 -18.36
CA ALA A 271 -13.57 -18.61 -17.57
C ALA A 271 -12.38 -19.46 -17.13
N THR A 272 -12.69 -20.66 -16.65
CA THR A 272 -11.66 -21.62 -16.24
C THR A 272 -10.77 -22.01 -17.43
N ILE A 273 -11.41 -22.37 -18.53
CA ILE A 273 -10.68 -22.76 -19.75
C ILE A 273 -9.70 -21.69 -20.21
N TRP A 274 -10.17 -20.44 -20.25
CA TRP A 274 -9.34 -19.33 -20.70
C TRP A 274 -8.25 -18.99 -19.68
N LEU A 275 -8.54 -19.15 -18.40
CA LEU A 275 -7.52 -19.00 -17.37
C LEU A 275 -6.36 -19.97 -17.63
N ARG A 276 -6.72 -21.25 -17.75
CA ARG A 276 -5.76 -22.30 -18.03
C ARG A 276 -4.97 -22.00 -19.31
N GLU A 277 -5.66 -21.50 -20.33
CA GLU A 277 -5.00 -21.12 -21.57
C GLU A 277 -3.95 -20.04 -21.32
N HIS A 278 -4.33 -19.01 -20.58
CA HIS A 278 -3.41 -17.92 -20.25
C HIS A 278 -2.15 -18.46 -19.56
N ASN A 279 -2.35 -19.29 -18.53
CA ASN A 279 -1.19 -19.82 -17.82
C ASN A 279 -0.31 -20.74 -18.69
N ARG A 280 -0.95 -21.48 -19.59
CA ARG A 280 -0.23 -22.34 -20.52
C ARG A 280 0.66 -21.51 -21.44
N VAL A 281 0.08 -20.45 -22.02
CA VAL A 281 0.81 -19.56 -22.90
C VAL A 281 1.95 -18.89 -22.13
N CYS A 282 1.71 -18.60 -20.85
CA CYS A 282 2.75 -18.09 -19.98
C CYS A 282 3.91 -19.06 -19.87
N ASP A 283 3.59 -20.35 -19.69
CA ASP A 283 4.62 -21.38 -19.64
C ASP A 283 5.43 -21.44 -20.92
N ILE A 284 4.73 -21.47 -22.06
CA ILE A 284 5.39 -21.52 -23.37
C ILE A 284 6.33 -20.34 -23.58
N LEU A 285 5.83 -19.13 -23.32
CA LEU A 285 6.62 -17.92 -23.47
C LEU A 285 7.82 -17.91 -22.53
N LYS A 286 7.62 -18.35 -21.30
CA LYS A 286 8.69 -18.41 -20.31
C LYS A 286 9.78 -19.36 -20.79
N GLN A 287 9.39 -20.47 -21.40
CA GLN A 287 10.35 -21.40 -21.96
C GLN A 287 11.11 -20.73 -23.11
N GLU A 288 10.38 -19.99 -23.94
CA GLU A 288 11.00 -19.28 -25.05
C GLU A 288 11.88 -18.12 -24.57
N HIS A 289 11.44 -17.43 -23.53
CA HIS A 289 12.17 -16.28 -23.02
C HIS A 289 12.47 -16.39 -21.53
N PRO A 290 13.53 -17.14 -21.17
CA PRO A 290 13.93 -17.25 -19.77
C PRO A 290 14.46 -15.94 -19.19
N GLU A 291 14.71 -14.96 -20.06
CA GLU A 291 15.24 -13.68 -19.64
C GLU A 291 14.13 -12.66 -19.39
N TRP A 292 12.90 -13.04 -19.71
CA TRP A 292 11.76 -12.15 -19.53
C TRP A 292 11.29 -12.10 -18.08
N GLY A 293 10.67 -10.96 -17.72
CA GLY A 293 10.10 -10.79 -16.40
C GLY A 293 8.61 -11.05 -16.39
N ASP A 294 8.02 -11.02 -15.20
CA ASP A 294 6.60 -11.33 -15.01
C ASP A 294 5.67 -10.46 -15.86
N GLU A 295 5.91 -9.16 -15.86
CA GLU A 295 5.04 -8.20 -16.52
C GLU A 295 4.93 -8.43 -18.03
N GLN A 296 6.09 -8.58 -18.68
CA GLN A 296 6.11 -8.78 -20.13
C GLN A 296 5.47 -10.11 -20.52
N LEU A 297 5.70 -11.13 -19.70
CA LEU A 297 5.07 -12.44 -19.91
C LEU A 297 3.55 -12.29 -19.85
N PHE A 298 3.07 -11.58 -18.83
CA PHE A 298 1.65 -11.33 -18.68
C PHE A 298 1.06 -10.60 -19.88
N GLN A 299 1.65 -9.47 -20.25
CA GLN A 299 1.13 -8.65 -21.34
C GLN A 299 1.13 -9.40 -22.68
N THR A 300 2.25 -10.06 -22.97
CA THR A 300 2.38 -10.81 -24.20
C THR A 300 1.34 -11.93 -24.25
N SER A 301 1.18 -12.63 -23.13
CA SER A 301 0.16 -13.67 -23.03
C SER A 301 -1.23 -13.10 -23.31
N ARG A 302 -1.50 -11.92 -22.76
CA ARG A 302 -2.79 -11.27 -22.98
C ARG A 302 -3.04 -10.99 -24.46
N LEU A 303 -2.06 -10.35 -25.11
CA LEU A 303 -2.17 -10.06 -26.54
C LEU A 303 -2.42 -11.34 -27.35
N ILE A 304 -1.64 -12.37 -27.03
CA ILE A 304 -1.79 -13.66 -27.70
C ILE A 304 -3.20 -14.23 -27.55
N LEU A 305 -3.72 -14.21 -26.32
CA LEU A 305 -5.06 -14.73 -26.08
C LEU A 305 -6.13 -13.90 -26.79
N ILE A 306 -5.91 -12.60 -26.93
CA ILE A 306 -6.79 -11.77 -27.74
C ILE A 306 -6.79 -12.31 -29.17
N GLY A 307 -5.59 -12.54 -29.70
CA GLY A 307 -5.44 -13.12 -31.02
C GLY A 307 -6.20 -14.43 -31.20
N GLU A 308 -6.02 -15.34 -30.25
CA GLU A 308 -6.70 -16.62 -30.27
C GLU A 308 -8.21 -16.45 -30.25
N THR A 309 -8.68 -15.50 -29.45
CA THR A 309 -10.11 -15.24 -29.34
C THR A 309 -10.67 -14.81 -30.69
N ILE A 310 -10.03 -13.83 -31.32
CA ILE A 310 -10.51 -13.37 -32.63
C ILE A 310 -10.46 -14.49 -33.67
N LYS A 311 -9.36 -15.24 -33.67
CA LYS A 311 -9.18 -16.38 -34.56
C LYS A 311 -10.31 -17.41 -34.45
N ILE A 312 -10.56 -17.85 -33.22
CA ILE A 312 -11.63 -18.82 -32.95
C ILE A 312 -12.99 -18.27 -33.32
N VAL A 313 -13.23 -17.00 -32.98
CA VAL A 313 -14.49 -16.36 -33.30
C VAL A 313 -14.76 -16.37 -34.80
N ILE A 314 -13.74 -16.05 -35.59
CA ILE A 314 -13.95 -16.02 -37.03
C ILE A 314 -14.03 -17.42 -37.67
N GLU A 315 -13.09 -18.30 -37.33
CA GLU A 315 -12.95 -19.56 -38.07
C GLU A 315 -13.74 -20.75 -37.52
N ASP A 316 -14.35 -20.58 -36.34
CA ASP A 316 -15.15 -21.66 -35.76
C ASP A 316 -16.55 -21.19 -35.42
N TYR A 317 -16.64 -20.09 -34.67
CA TYR A 317 -17.90 -19.53 -34.21
C TYR A 317 -18.75 -19.02 -35.38
N VAL A 318 -18.27 -17.95 -36.01
CA VAL A 318 -18.94 -17.37 -37.16
C VAL A 318 -18.98 -18.36 -38.32
N GLN A 319 -17.96 -19.20 -38.42
CA GLN A 319 -17.94 -20.24 -39.45
C GLN A 319 -19.12 -21.18 -39.29
N HIS A 320 -19.42 -21.55 -38.04
CA HIS A 320 -20.58 -22.39 -37.76
C HIS A 320 -21.87 -21.63 -38.01
N LEU A 321 -21.95 -20.41 -37.51
CA LEU A 321 -23.16 -19.61 -37.66
C LEU A 321 -23.57 -19.39 -39.13
N SER A 322 -22.59 -19.09 -39.97
CA SER A 322 -22.84 -18.76 -41.36
C SER A 322 -23.40 -19.93 -42.15
N GLY A 323 -22.86 -21.12 -41.91
CA GLY A 323 -23.25 -22.29 -42.64
C GLY A 323 -22.63 -22.29 -44.04
N TYR A 324 -21.62 -21.44 -44.21
CA TYR A 324 -20.93 -21.32 -45.49
C TYR A 324 -20.12 -22.57 -45.81
N HIS A 325 -20.03 -22.90 -47.09
CA HIS A 325 -19.11 -23.95 -47.54
C HIS A 325 -17.72 -23.36 -47.71
N PHE A 326 -17.67 -22.06 -47.96
CA PHE A 326 -16.42 -21.32 -48.01
C PHE A 326 -15.83 -21.21 -46.61
N LYS A 327 -14.54 -21.52 -46.49
CA LYS A 327 -13.88 -21.47 -45.20
C LYS A 327 -13.33 -20.08 -44.90
N LEU A 328 -13.98 -19.39 -43.97
CA LEU A 328 -13.55 -18.05 -43.56
C LEU A 328 -12.13 -18.09 -42.99
N LYS A 329 -11.40 -17.00 -43.18
CA LYS A 329 -10.01 -16.95 -42.76
C LYS A 329 -9.70 -15.70 -41.94
N PHE A 330 -9.04 -15.89 -40.79
CA PHE A 330 -8.57 -14.75 -40.00
C PHE A 330 -7.19 -14.33 -40.47
N ASP A 331 -7.14 -13.21 -41.20
CA ASP A 331 -5.88 -12.68 -41.71
C ASP A 331 -5.98 -11.17 -41.90
N PRO A 332 -5.46 -10.41 -40.93
CA PRO A 332 -5.44 -8.94 -40.96
C PRO A 332 -4.76 -8.38 -42.22
N GLU A 333 -3.81 -9.12 -42.77
CA GLU A 333 -3.06 -8.68 -43.94
C GLU A 333 -3.95 -8.45 -45.16
N LEU A 334 -5.17 -8.97 -45.12
CA LEU A 334 -6.12 -8.79 -46.21
C LEU A 334 -6.65 -7.35 -46.25
N LEU A 335 -6.48 -6.62 -45.15
CA LEU A 335 -6.99 -5.26 -45.05
C LEU A 335 -5.90 -4.20 -45.12
N PHE A 336 -4.65 -4.64 -45.22
CA PHE A 336 -3.52 -3.72 -45.16
C PHE A 336 -3.42 -2.80 -46.38
N ASN A 337 -4.02 -3.21 -47.49
CA ASN A 337 -4.00 -2.41 -48.70
C ASN A 337 -5.36 -1.78 -49.00
N GLN A 338 -6.19 -1.68 -47.96
CA GLN A 338 -7.51 -1.08 -48.10
C GLN A 338 -7.79 -0.08 -47.00
N GLN A 339 -8.72 0.84 -47.25
CA GLN A 339 -9.13 1.80 -46.25
C GLN A 339 -9.95 1.13 -45.15
N PHE A 340 -9.40 1.13 -43.94
CA PHE A 340 -10.06 0.52 -42.80
C PHE A 340 -9.63 1.21 -41.52
N GLN A 341 -10.60 1.60 -40.69
CA GLN A 341 -10.31 2.28 -39.44
C GLN A 341 -10.12 1.28 -38.30
N TYR A 342 -8.91 1.20 -37.76
CA TYR A 342 -8.62 0.29 -36.66
C TYR A 342 -9.07 0.88 -35.33
N GLN A 343 -10.38 1.06 -35.20
CA GLN A 343 -11.00 1.52 -33.97
C GLN A 343 -12.44 1.04 -33.94
N ASN A 344 -13.04 1.05 -32.76
CA ASN A 344 -14.40 0.55 -32.61
C ASN A 344 -15.13 1.15 -31.42
N ARG A 345 -16.40 1.47 -31.63
CA ARG A 345 -17.28 1.90 -30.54
C ARG A 345 -18.52 1.02 -30.56
N ILE A 346 -18.78 0.33 -29.45
CA ILE A 346 -19.88 -0.63 -29.37
C ILE A 346 -21.24 0.06 -29.48
N ALA A 347 -22.04 -0.39 -30.44
CA ALA A 347 -23.35 0.20 -30.70
C ALA A 347 -24.42 -0.44 -29.84
N SER A 348 -25.43 0.35 -29.48
CA SER A 348 -26.53 -0.12 -28.65
C SER A 348 -27.35 -1.18 -29.38
N GLU A 349 -27.56 -0.97 -30.68
CA GLU A 349 -28.33 -1.92 -31.49
C GLU A 349 -27.60 -3.25 -31.60
N PHE A 350 -26.27 -3.20 -31.61
CA PHE A 350 -25.46 -4.41 -31.62
C PHE A 350 -25.72 -5.21 -30.35
N ASN A 351 -25.81 -4.50 -29.23
CA ASN A 351 -26.14 -5.12 -27.95
C ASN A 351 -27.53 -5.74 -27.99
N THR A 352 -28.49 -4.98 -28.49
CA THR A 352 -29.88 -5.42 -28.55
C THR A 352 -30.05 -6.69 -29.39
N LEU A 353 -29.46 -6.70 -30.58
CA LEU A 353 -29.66 -7.81 -31.51
C LEU A 353 -28.99 -9.10 -31.01
N TYR A 354 -28.02 -8.97 -30.13
CA TYR A 354 -27.26 -10.13 -29.67
C TYR A 354 -27.92 -10.82 -28.47
N HIS A 355 -29.10 -10.37 -28.10
CA HIS A 355 -29.86 -11.05 -27.05
C HIS A 355 -30.43 -12.35 -27.61
N TRP A 356 -29.60 -13.37 -27.66
CA TRP A 356 -29.98 -14.66 -28.25
C TRP A 356 -30.45 -15.65 -27.19
N HIS A 357 -31.31 -15.19 -26.30
CA HIS A 357 -31.88 -16.04 -25.26
C HIS A 357 -32.69 -17.25 -25.75
N PRO A 358 -33.27 -17.20 -26.97
CA PRO A 358 -33.88 -18.44 -27.46
C PRO A 358 -32.91 -19.62 -27.62
N LEU A 359 -31.60 -19.37 -27.56
CA LEU A 359 -30.62 -20.44 -27.60
C LEU A 359 -30.76 -21.37 -26.40
N LEU A 360 -31.22 -20.81 -25.28
CA LEU A 360 -31.32 -21.56 -24.03
C LEU A 360 -32.37 -22.67 -24.10
N PRO A 361 -32.01 -23.86 -23.59
CA PRO A 361 -32.90 -25.02 -23.55
C PRO A 361 -33.85 -24.97 -22.35
N ASP A 362 -34.80 -25.90 -22.30
CA ASP A 362 -35.71 -25.98 -21.17
C ASP A 362 -34.96 -26.44 -19.92
N THR A 363 -34.01 -27.35 -20.12
CA THR A 363 -33.15 -27.82 -19.03
C THR A 363 -31.71 -27.93 -19.52
N PHE A 364 -30.77 -27.89 -18.57
CA PHE A 364 -29.36 -28.08 -18.89
C PHE A 364 -28.95 -29.52 -18.58
N ASN A 365 -28.60 -30.26 -19.62
CA ASN A 365 -28.29 -31.68 -19.50
C ASN A 365 -26.80 -31.95 -19.34
N ILE A 366 -26.40 -32.40 -18.15
CA ILE A 366 -25.01 -32.70 -17.88
C ILE A 366 -24.84 -34.15 -17.45
N GLU A 367 -24.11 -34.92 -18.25
CA GLU A 367 -23.91 -36.35 -18.03
C GLU A 367 -25.25 -37.08 -17.99
N ASP A 368 -25.78 -37.29 -16.80
CA ASP A 368 -27.05 -37.99 -16.64
C ASP A 368 -28.01 -37.20 -15.75
N GLN A 369 -27.86 -35.87 -15.77
CA GLN A 369 -28.69 -35.00 -14.96
C GLN A 369 -29.34 -33.91 -15.82
N GLU A 370 -30.55 -33.51 -15.45
CA GLU A 370 -31.25 -32.43 -16.13
C GLU A 370 -31.58 -31.31 -15.14
N TYR A 371 -30.78 -30.25 -15.16
CA TYR A 371 -30.97 -29.15 -14.22
C TYR A 371 -31.91 -28.08 -14.75
N SER A 372 -32.87 -27.67 -13.93
CA SER A 372 -33.74 -26.55 -14.30
C SER A 372 -32.96 -25.25 -14.15
N PHE A 373 -33.57 -24.13 -14.55
CA PHE A 373 -32.93 -22.83 -14.43
C PHE A 373 -32.66 -22.47 -12.98
N LYS A 374 -33.62 -22.76 -12.10
CA LYS A 374 -33.46 -22.47 -10.68
C LYS A 374 -32.32 -23.28 -10.07
N GLN A 375 -32.15 -24.50 -10.56
CA GLN A 375 -31.10 -25.39 -10.06
C GLN A 375 -29.74 -25.06 -10.68
N PHE A 376 -29.74 -24.54 -11.90
CA PHE A 376 -28.51 -24.32 -12.65
C PHE A 376 -27.86 -22.98 -12.33
N LEU A 377 -28.69 -21.95 -12.14
CA LEU A 377 -28.20 -20.61 -11.87
C LEU A 377 -27.50 -20.51 -10.52
N TYR A 378 -26.42 -19.73 -10.47
CA TYR A 378 -25.64 -19.48 -9.26
C TYR A 378 -25.12 -20.76 -8.60
N ASN A 379 -24.99 -21.83 -9.36
CA ASN A 379 -24.62 -23.12 -8.79
C ASN A 379 -23.35 -23.69 -9.43
N ASN A 380 -22.21 -23.27 -8.92
CA ASN A 380 -20.92 -23.75 -9.43
C ASN A 380 -20.49 -25.07 -8.82
N SER A 381 -21.25 -25.54 -7.83
CA SER A 381 -20.99 -26.84 -7.23
C SER A 381 -21.26 -27.96 -8.23
N ILE A 382 -22.07 -27.65 -9.24
CA ILE A 382 -22.32 -28.55 -10.35
C ILE A 382 -21.04 -28.75 -11.15
N LEU A 383 -20.37 -27.64 -11.44
CA LEU A 383 -19.10 -27.65 -12.17
C LEU A 383 -18.05 -28.47 -11.45
N LEU A 384 -17.97 -28.30 -10.13
CA LEU A 384 -17.02 -29.07 -9.33
C LEU A 384 -17.42 -30.53 -9.25
N GLU A 385 -18.73 -30.78 -9.28
CA GLU A 385 -19.25 -32.14 -9.23
C GLU A 385 -18.86 -32.94 -10.47
N HIS A 386 -19.22 -32.43 -11.64
CA HIS A 386 -18.99 -33.16 -12.88
C HIS A 386 -17.59 -32.93 -13.44
N GLY A 387 -17.09 -31.71 -13.34
CA GLY A 387 -15.77 -31.40 -13.86
C GLY A 387 -15.83 -30.83 -15.25
N LEU A 388 -14.73 -30.23 -15.70
CA LEU A 388 -14.66 -29.57 -16.99
C LEU A 388 -14.86 -30.52 -18.16
N THR A 389 -14.25 -31.70 -18.08
CA THR A 389 -14.31 -32.69 -19.14
C THR A 389 -15.76 -33.12 -19.43
N GLN A 390 -16.46 -33.54 -18.38
CA GLN A 390 -17.84 -33.97 -18.51
C GLN A 390 -18.74 -32.81 -18.95
N PHE A 391 -18.40 -31.61 -18.49
CA PHE A 391 -19.12 -30.40 -18.88
C PHE A 391 -19.06 -30.20 -20.40
N VAL A 392 -17.84 -30.24 -20.93
CA VAL A 392 -17.63 -30.10 -22.37
C VAL A 392 -18.31 -31.22 -23.14
N GLU A 393 -18.10 -32.46 -22.69
CA GLU A 393 -18.69 -33.63 -23.34
C GLU A 393 -20.22 -33.55 -23.40
N SER A 394 -20.82 -32.98 -22.36
CA SER A 394 -22.27 -32.90 -22.28
C SER A 394 -22.82 -31.72 -23.10
N PHE A 395 -22.20 -30.56 -22.94
CA PHE A 395 -22.67 -29.37 -23.66
C PHE A 395 -22.45 -29.51 -25.17
N THR A 396 -21.47 -30.31 -25.56
CA THR A 396 -21.23 -30.58 -26.97
C THR A 396 -22.38 -31.37 -27.58
N ARG A 397 -22.97 -32.25 -26.78
CA ARG A 397 -24.06 -33.11 -27.25
C ARG A 397 -25.42 -32.39 -27.27
N GLN A 398 -25.67 -31.58 -26.25
CA GLN A 398 -26.98 -30.94 -26.12
C GLN A 398 -27.18 -29.80 -27.12
N ILE A 399 -28.26 -29.89 -27.90
CA ILE A 399 -28.54 -28.91 -28.94
C ILE A 399 -29.16 -27.64 -28.34
N ALA A 400 -28.85 -26.50 -28.96
CA ALA A 400 -29.43 -25.23 -28.55
C ALA A 400 -30.69 -24.95 -29.35
N GLY A 401 -31.38 -23.86 -29.01
CA GLY A 401 -32.64 -23.52 -29.67
C GLY A 401 -32.49 -22.52 -30.80
N ARG A 402 -33.47 -22.51 -31.69
CA ARG A 402 -33.49 -21.57 -32.80
CA ARG A 402 -33.50 -21.57 -32.81
C ARG A 402 -33.77 -20.16 -32.30
N VAL A 403 -33.12 -19.16 -32.90
CA VAL A 403 -33.25 -17.78 -32.46
C VAL A 403 -34.34 -17.03 -33.23
N ALA A 404 -34.34 -17.20 -34.55
CA ALA A 404 -35.38 -16.60 -35.37
C ALA A 404 -36.53 -17.58 -35.55
N GLY A 405 -37.65 -17.10 -36.10
CA GLY A 405 -38.80 -17.95 -36.34
C GLY A 405 -39.91 -17.76 -35.33
N GLY A 406 -39.62 -17.02 -34.28
CA GLY A 406 -40.62 -16.68 -33.28
C GLY A 406 -40.91 -17.75 -32.24
N ARG A 407 -41.43 -17.31 -31.10
CA ARG A 407 -41.91 -18.20 -30.04
C ARG A 407 -40.89 -19.26 -29.60
N ASN A 408 -39.73 -18.82 -29.14
CA ASN A 408 -38.72 -19.74 -28.66
C ASN A 408 -37.93 -19.19 -27.47
N VAL A 409 -38.36 -18.04 -26.97
CA VAL A 409 -37.78 -17.48 -25.75
C VAL A 409 -38.29 -18.24 -24.54
N PRO A 410 -37.38 -18.89 -23.79
CA PRO A 410 -37.78 -19.64 -22.60
C PRO A 410 -38.44 -18.75 -21.55
N ILE A 411 -39.46 -19.28 -20.90
CA ILE A 411 -40.25 -18.52 -19.94
C ILE A 411 -39.40 -18.02 -18.76
N ALA A 412 -38.40 -18.81 -18.39
CA ALA A 412 -37.56 -18.51 -17.23
C ALA A 412 -36.84 -17.17 -17.35
N VAL A 413 -36.71 -16.67 -18.57
CA VAL A 413 -36.08 -15.37 -18.81
C VAL A 413 -37.01 -14.39 -19.50
N GLN A 414 -38.32 -14.59 -19.36
CA GLN A 414 -39.28 -13.70 -20.03
C GLN A 414 -39.04 -12.25 -19.61
N ALA A 415 -38.78 -12.05 -18.32
CA ALA A 415 -38.53 -10.72 -17.77
C ALA A 415 -37.36 -10.03 -18.47
N VAL A 416 -36.40 -10.82 -18.95
CA VAL A 416 -35.30 -10.27 -19.71
C VAL A 416 -35.82 -9.78 -21.05
N ALA A 417 -36.53 -10.66 -21.76
CA ALA A 417 -37.03 -10.35 -23.09
C ALA A 417 -37.88 -9.09 -23.07
N LYS A 418 -38.81 -9.03 -22.13
CA LYS A 418 -39.66 -7.86 -21.95
C LYS A 418 -38.81 -6.61 -21.80
N ALA A 419 -37.76 -6.71 -20.97
CA ALA A 419 -36.86 -5.59 -20.76
C ALA A 419 -36.29 -5.14 -22.10
N SER A 420 -35.84 -6.11 -22.90
CA SER A 420 -35.25 -5.82 -24.20
C SER A 420 -36.20 -5.00 -25.06
N ILE A 421 -37.50 -5.21 -24.86
CA ILE A 421 -38.49 -4.41 -25.55
C ILE A 421 -38.56 -3.03 -24.89
N ASP A 422 -38.84 -3.02 -23.59
CA ASP A 422 -39.08 -1.79 -22.85
C ASP A 422 -37.92 -0.80 -23.01
N GLN A 423 -36.72 -1.28 -22.72
CA GLN A 423 -35.53 -0.45 -22.81
C GLN A 423 -35.31 0.03 -24.24
N SER A 424 -35.68 -0.79 -25.22
CA SER A 424 -35.57 -0.40 -26.62
C SER A 424 -36.40 0.85 -26.88
N ARG A 425 -37.55 0.91 -26.22
CA ARG A 425 -38.44 2.06 -26.34
C ARG A 425 -37.95 3.20 -25.46
N GLU A 426 -37.22 2.86 -24.40
CA GLU A 426 -36.67 3.87 -23.51
C GLU A 426 -35.56 4.64 -24.21
N MET A 427 -34.81 3.94 -25.05
CA MET A 427 -33.71 4.53 -25.79
C MET A 427 -34.19 5.11 -27.13
N LYS A 428 -35.50 5.07 -27.34
CA LYS A 428 -36.14 5.62 -28.53
C LYS A 428 -35.57 5.07 -29.84
N TYR A 429 -35.53 3.73 -29.94
CA TYR A 429 -35.12 3.08 -31.18
C TYR A 429 -36.05 3.45 -32.34
N GLN A 430 -35.48 3.63 -33.53
CA GLN A 430 -36.29 3.78 -34.73
C GLN A 430 -36.87 2.42 -35.11
N SER A 431 -37.74 2.40 -36.11
CA SER A 431 -38.45 1.17 -36.46
C SER A 431 -37.56 0.15 -37.16
N LEU A 432 -38.09 -1.06 -37.33
CA LEU A 432 -37.40 -2.14 -38.01
C LEU A 432 -36.99 -1.76 -39.44
N ASN A 433 -37.92 -1.15 -40.17
CA ASN A 433 -37.69 -0.81 -41.56
C ASN A 433 -36.67 0.30 -41.74
N GLU A 434 -36.59 1.20 -40.77
CA GLU A 434 -35.58 2.26 -40.79
C GLU A 434 -34.19 1.66 -40.65
N TYR A 435 -34.07 0.66 -39.79
CA TYR A 435 -32.81 -0.04 -39.60
C TYR A 435 -32.49 -0.94 -40.77
N ARG A 436 -33.52 -1.43 -41.46
CA ARG A 436 -33.32 -2.22 -42.66
C ARG A 436 -32.80 -1.36 -43.80
N LYS A 437 -33.36 -0.16 -43.93
CA LYS A 437 -32.89 0.80 -44.93
C LYS A 437 -31.48 1.29 -44.60
N ARG A 438 -31.22 1.50 -43.31
CA ARG A 438 -29.91 1.94 -42.85
C ARG A 438 -28.81 0.96 -43.26
N PHE A 439 -29.15 -0.33 -43.33
CA PHE A 439 -28.19 -1.35 -43.69
C PHE A 439 -28.45 -1.94 -45.07
N SER A 440 -29.00 -1.12 -45.96
CA SER A 440 -29.21 -1.46 -47.37
C SER A 440 -30.07 -2.70 -47.58
N LEU A 441 -31.06 -2.89 -46.74
CA LEU A 441 -32.00 -3.99 -46.91
C LEU A 441 -33.36 -3.46 -47.35
N LYS A 442 -34.09 -4.27 -48.10
CA LYS A 442 -35.42 -3.89 -48.55
C LYS A 442 -36.42 -3.90 -47.40
N PRO A 443 -37.21 -2.83 -47.27
CA PRO A 443 -38.22 -2.74 -46.21
C PRO A 443 -39.34 -3.76 -46.39
N TYR A 444 -39.76 -4.40 -45.30
CA TYR A 444 -40.86 -5.35 -45.37
C TYR A 444 -42.17 -4.61 -45.62
N THR A 445 -43.00 -5.16 -46.50
CA THR A 445 -44.26 -4.52 -46.88
C THR A 445 -45.45 -5.08 -46.11
N SER A 446 -45.20 -6.14 -45.35
CA SER A 446 -46.24 -6.75 -44.53
C SER A 446 -45.61 -7.58 -43.42
N PHE A 447 -46.43 -8.00 -42.45
CA PHE A 447 -45.95 -8.83 -41.36
C PHE A 447 -45.77 -10.27 -41.84
N GLU A 448 -46.54 -10.65 -42.85
CA GLU A 448 -46.44 -11.98 -43.42
C GLU A 448 -45.11 -12.17 -44.14
N GLU A 449 -44.64 -11.13 -44.82
CA GLU A 449 -43.34 -11.18 -45.48
C GLU A 449 -42.24 -11.27 -44.42
N LEU A 450 -42.45 -10.61 -43.30
CA LEU A 450 -41.50 -10.61 -42.20
C LEU A 450 -41.37 -11.99 -41.56
N THR A 451 -42.51 -12.61 -41.27
CA THR A 451 -42.50 -13.91 -40.57
C THR A 451 -42.43 -15.09 -41.53
N GLY A 452 -42.96 -14.92 -42.74
CA GLY A 452 -43.07 -16.02 -43.68
C GLY A 452 -44.11 -17.00 -43.17
N GLU A 453 -45.11 -16.46 -42.50
CA GLU A 453 -46.09 -17.26 -41.77
C GLU A 453 -47.35 -16.41 -41.51
N LYS A 454 -48.49 -17.04 -41.27
CA LYS A 454 -49.76 -16.31 -41.19
C LYS A 454 -50.22 -15.95 -39.78
N GLU A 455 -50.01 -16.84 -38.81
CA GLU A 455 -50.56 -16.66 -37.46
C GLU A 455 -49.90 -15.51 -36.69
N MET A 456 -48.60 -15.67 -36.44
CA MET A 456 -47.84 -14.65 -35.73
C MET A 456 -47.92 -13.31 -36.45
N ALA A 457 -47.92 -13.35 -37.77
CA ALA A 457 -48.06 -12.13 -38.57
C ALA A 457 -49.41 -11.47 -38.33
N ALA A 458 -50.44 -12.28 -38.15
CA ALA A 458 -51.79 -11.77 -37.86
C ALA A 458 -51.84 -11.13 -36.48
N GLU A 459 -51.23 -11.79 -35.50
CA GLU A 459 -51.17 -11.22 -34.15
C GLU A 459 -50.41 -9.89 -34.16
N LEU A 460 -49.29 -9.86 -34.87
CA LEU A 460 -48.46 -8.67 -34.96
C LEU A 460 -49.15 -7.55 -35.71
N LYS A 461 -50.01 -7.90 -36.67
CA LYS A 461 -50.76 -6.91 -37.41
C LYS A 461 -51.87 -6.35 -36.53
N ALA A 462 -52.41 -7.21 -35.67
CA ALA A 462 -53.42 -6.78 -34.71
C ALA A 462 -52.82 -5.84 -33.67
N LEU A 463 -51.56 -6.08 -33.33
CA LEU A 463 -50.87 -5.28 -32.32
C LEU A 463 -50.35 -3.94 -32.85
N TYR A 464 -49.62 -3.98 -33.96
CA TYR A 464 -48.91 -2.80 -34.46
C TYR A 464 -49.66 -2.03 -35.55
N SER A 465 -50.66 -2.68 -36.16
CA SER A 465 -51.47 -2.09 -37.24
C SER A 465 -50.67 -1.77 -38.50
N ASP A 466 -49.51 -1.14 -38.35
CA ASP A 466 -48.67 -0.77 -39.49
C ASP A 466 -47.30 -1.44 -39.40
N ILE A 467 -46.83 -1.98 -40.51
CA ILE A 467 -45.56 -2.70 -40.56
C ILE A 467 -44.38 -1.75 -40.33
N ASP A 468 -44.58 -0.47 -40.64
CA ASP A 468 -43.52 0.52 -40.47
C ASP A 468 -43.38 0.97 -39.01
N VAL A 469 -44.19 0.38 -38.13
CA VAL A 469 -44.13 0.72 -36.71
C VAL A 469 -43.55 -0.47 -35.93
N MET A 470 -43.36 -1.58 -36.63
CA MET A 470 -42.76 -2.77 -36.02
C MET A 470 -41.39 -2.48 -35.43
N GLU A 471 -41.17 -2.93 -34.20
CA GLU A 471 -39.91 -2.66 -33.50
C GLU A 471 -38.82 -3.64 -33.93
N LEU A 472 -37.58 -3.30 -33.61
CA LEU A 472 -36.41 -4.03 -34.13
C LEU A 472 -36.21 -5.40 -33.50
N TYR A 473 -36.10 -5.44 -32.17
CA TYR A 473 -35.78 -6.67 -31.44
C TYR A 473 -36.81 -7.81 -31.61
N PRO A 474 -38.10 -7.54 -31.37
CA PRO A 474 -39.06 -8.64 -31.57
C PRO A 474 -39.11 -9.09 -33.02
N ALA A 475 -38.93 -8.14 -33.96
CA ALA A 475 -38.87 -8.49 -35.37
C ALA A 475 -37.70 -9.43 -35.63
N LEU A 476 -36.59 -9.16 -34.96
CA LEU A 476 -35.42 -10.02 -35.04
C LEU A 476 -35.75 -11.41 -34.53
N LEU A 477 -36.54 -11.49 -33.47
CA LEU A 477 -36.86 -12.80 -32.89
C LEU A 477 -37.94 -13.57 -33.65
N VAL A 478 -38.77 -12.88 -34.43
CA VAL A 478 -39.86 -13.55 -35.14
C VAL A 478 -39.66 -13.57 -36.65
N GLU A 479 -38.53 -13.06 -37.11
CA GLU A 479 -38.24 -12.98 -38.54
C GLU A 479 -38.15 -14.37 -39.17
N LYS A 480 -38.62 -14.47 -40.42
CA LYS A 480 -38.45 -15.69 -41.20
C LYS A 480 -36.98 -16.04 -41.33
N PRO A 481 -36.60 -17.22 -40.83
CA PRO A 481 -35.20 -17.66 -40.91
C PRO A 481 -34.80 -18.02 -42.34
N ARG A 482 -33.50 -17.98 -42.63
CA ARG A 482 -32.99 -18.54 -43.87
C ARG A 482 -33.30 -20.03 -43.87
N PRO A 483 -33.39 -20.65 -45.06
CA PRO A 483 -33.69 -22.09 -45.16
C PRO A 483 -32.85 -22.96 -44.23
N ASP A 484 -33.52 -23.58 -43.26
CA ASP A 484 -32.87 -24.43 -42.26
C ASP A 484 -31.75 -23.69 -41.51
N ALA A 485 -31.95 -22.41 -41.27
CA ALA A 485 -30.95 -21.61 -40.56
C ALA A 485 -31.48 -21.11 -39.22
N ILE A 486 -30.60 -20.50 -38.44
CA ILE A 486 -30.94 -20.04 -37.10
C ILE A 486 -31.40 -18.59 -37.11
N PHE A 487 -30.96 -17.83 -38.10
CA PHE A 487 -31.24 -16.40 -38.16
C PHE A 487 -32.00 -16.00 -39.41
N GLY A 488 -32.62 -14.82 -39.36
CA GLY A 488 -33.21 -14.23 -40.54
C GLY A 488 -32.19 -13.33 -41.23
N GLU A 489 -32.66 -12.52 -42.18
CA GLU A 489 -31.77 -11.65 -42.94
C GLU A 489 -31.24 -10.48 -42.11
N THR A 490 -32.14 -9.83 -41.40
CA THR A 490 -31.83 -8.61 -40.65
C THR A 490 -30.74 -8.85 -39.60
N MET A 491 -30.89 -9.93 -38.85
CA MET A 491 -29.94 -10.31 -37.80
C MET A 491 -28.52 -10.41 -38.36
N VAL A 492 -28.38 -11.06 -39.50
CA VAL A 492 -27.08 -11.26 -40.14
C VAL A 492 -26.54 -9.97 -40.73
N GLU A 493 -27.35 -9.28 -41.52
CA GLU A 493 -26.88 -8.09 -42.24
C GLU A 493 -26.71 -6.89 -41.32
N LEU A 494 -27.16 -6.99 -40.08
CA LEU A 494 -26.88 -5.96 -39.09
C LEU A 494 -25.73 -6.38 -38.19
N GLY A 495 -25.70 -7.66 -37.82
CA GLY A 495 -24.69 -8.18 -36.92
C GLY A 495 -23.30 -8.29 -37.51
N ALA A 496 -23.24 -8.58 -38.81
CA ALA A 496 -21.95 -8.82 -39.46
C ALA A 496 -21.03 -7.59 -39.53
N PRO A 497 -21.55 -6.41 -39.92
CA PRO A 497 -20.63 -5.26 -39.94
C PRO A 497 -20.14 -4.86 -38.55
N PHE A 498 -21.06 -4.86 -37.58
CA PHE A 498 -20.72 -4.61 -36.18
C PHE A 498 -19.61 -5.54 -35.71
N SER A 499 -19.74 -6.81 -36.08
CA SER A 499 -18.76 -7.82 -35.71
C SER A 499 -17.43 -7.57 -36.40
N LEU A 500 -17.49 -7.11 -37.65
CA LEU A 500 -16.28 -6.78 -38.39
C LEU A 500 -15.51 -5.68 -37.69
N LYS A 501 -16.22 -4.62 -37.33
CA LYS A 501 -15.59 -3.51 -36.61
C LYS A 501 -15.11 -3.95 -35.24
N GLY A 502 -15.79 -4.94 -34.66
CA GLY A 502 -15.45 -5.41 -33.32
C GLY A 502 -14.31 -6.40 -33.26
N LEU A 503 -13.98 -6.98 -34.42
CA LEU A 503 -12.95 -8.02 -34.47
C LEU A 503 -11.69 -7.56 -35.20
N MET A 504 -11.87 -7.08 -36.43
CA MET A 504 -10.73 -6.63 -37.23
C MET A 504 -10.34 -5.20 -36.87
N GLY A 505 -11.21 -4.51 -36.13
CA GLY A 505 -10.93 -3.16 -35.69
C GLY A 505 -9.99 -3.14 -34.50
N ASN A 506 -9.72 -4.32 -33.95
CA ASN A 506 -8.78 -4.48 -32.85
C ASN A 506 -7.38 -4.02 -33.27
N PRO A 507 -6.68 -3.29 -32.39
CA PRO A 507 -5.36 -2.76 -32.70
C PRO A 507 -4.32 -3.83 -33.04
N ILE A 508 -4.49 -5.06 -32.55
CA ILE A 508 -3.54 -6.13 -32.85
C ILE A 508 -3.63 -6.56 -34.31
N CYS A 509 -4.65 -6.09 -35.02
CA CYS A 509 -4.82 -6.40 -36.42
C CYS A 509 -4.20 -5.34 -37.32
N SER A 510 -3.73 -4.26 -36.70
CA SER A 510 -3.06 -3.19 -37.43
C SER A 510 -1.64 -3.61 -37.81
N PRO A 511 -1.14 -3.13 -38.96
CA PRO A 511 0.17 -3.51 -39.49
C PRO A 511 1.34 -3.36 -38.51
N GLN A 512 1.29 -2.36 -37.63
CA GLN A 512 2.37 -2.15 -36.67
C GLN A 512 2.29 -3.16 -35.51
N TYR A 513 1.13 -3.77 -35.34
CA TYR A 513 0.94 -4.77 -34.30
C TYR A 513 1.05 -6.19 -34.85
N TRP A 514 0.46 -6.41 -36.01
CA TRP A 514 0.40 -7.77 -36.56
C TRP A 514 1.75 -8.24 -37.07
N LYS A 515 2.61 -8.63 -36.13
CA LYS A 515 3.94 -9.13 -36.44
C LYS A 515 4.42 -10.03 -35.29
N PRO A 516 5.27 -11.03 -35.60
CA PRO A 516 5.76 -12.02 -34.61
C PRO A 516 6.26 -11.41 -33.30
N SER A 517 7.05 -10.33 -33.39
CA SER A 517 7.68 -9.74 -32.22
C SER A 517 6.67 -9.20 -31.20
N THR A 518 5.48 -8.85 -31.67
CA THR A 518 4.41 -8.40 -30.78
C THR A 518 3.99 -9.52 -29.84
N PHE A 519 4.07 -10.75 -30.33
CA PHE A 519 3.60 -11.89 -29.57
C PHE A 519 4.75 -12.79 -29.14
N GLY A 520 5.92 -12.20 -28.93
CA GLY A 520 7.06 -12.91 -28.40
C GLY A 520 7.78 -13.80 -29.39
N GLY A 521 7.54 -13.57 -30.68
CA GLY A 521 8.21 -14.33 -31.72
C GLY A 521 7.28 -15.23 -32.51
N GLU A 522 7.87 -16.06 -33.37
CA GLU A 522 7.10 -16.92 -34.26
C GLU A 522 6.27 -17.97 -33.52
N VAL A 523 6.69 -18.30 -32.31
CA VAL A 523 5.99 -19.30 -31.51
C VAL A 523 4.60 -18.83 -31.08
N GLY A 524 4.54 -17.66 -30.46
CA GLY A 524 3.27 -17.08 -30.04
C GLY A 524 2.39 -16.75 -31.23
N PHE A 525 3.02 -16.24 -32.30
CA PHE A 525 2.33 -15.95 -33.54
C PHE A 525 1.68 -17.21 -34.08
N LYS A 526 2.38 -18.33 -33.96
CA LYS A 526 1.86 -19.62 -34.39
C LYS A 526 0.72 -20.08 -33.47
N ILE A 527 0.83 -19.74 -32.18
CA ILE A 527 -0.23 -20.03 -31.24
C ILE A 527 -1.52 -19.33 -31.67
N ILE A 528 -1.39 -18.08 -32.09
CA ILE A 528 -2.55 -17.33 -32.58
C ILE A 528 -3.09 -17.89 -33.90
N ASN A 529 -2.19 -18.11 -34.86
CA ASN A 529 -2.60 -18.50 -36.20
C ASN A 529 -3.03 -19.96 -36.35
N THR A 530 -2.87 -20.74 -35.29
CA THR A 530 -3.30 -22.15 -35.32
C THR A 530 -4.34 -22.42 -34.24
N ALA A 531 -4.95 -21.37 -33.73
CA ALA A 531 -5.94 -21.49 -32.67
C ALA A 531 -7.27 -22.01 -33.19
N SER A 532 -7.97 -22.78 -32.36
CA SER A 532 -9.30 -23.25 -32.65
C SER A 532 -9.98 -23.64 -31.34
N ILE A 533 -11.30 -23.77 -31.35
CA ILE A 533 -12.02 -24.14 -30.14
C ILE A 533 -11.61 -25.56 -29.72
N GLN A 534 -11.35 -26.40 -30.71
CA GLN A 534 -10.91 -27.77 -30.47
C GLN A 534 -9.56 -27.81 -29.77
N SER A 535 -8.62 -27.00 -30.25
CA SER A 535 -7.29 -26.96 -29.65
C SER A 535 -7.34 -26.28 -28.29
N LEU A 536 -8.23 -25.29 -28.16
CA LEU A 536 -8.43 -24.59 -26.90
C LEU A 536 -8.90 -25.56 -25.82
N ILE A 537 -9.85 -26.42 -26.16
CA ILE A 537 -10.36 -27.40 -25.20
C ILE A 537 -9.33 -28.51 -24.96
N CYS A 538 -8.72 -28.98 -26.05
CA CYS A 538 -7.76 -30.09 -25.99
C CYS A 538 -6.55 -29.77 -25.13
N ASN A 539 -6.05 -28.54 -25.24
CA ASN A 539 -4.86 -28.14 -24.50
C ASN A 539 -5.10 -27.93 -23.00
N ASN A 540 -6.33 -27.58 -22.64
CA ASN A 540 -6.61 -27.16 -21.27
C ASN A 540 -7.62 -28.01 -20.52
N VAL A 541 -8.26 -28.96 -21.19
CA VAL A 541 -9.23 -29.83 -20.54
C VAL A 541 -8.73 -31.27 -20.50
N LYS A 542 -8.72 -31.85 -19.29
CA LYS A 542 -8.20 -33.20 -19.08
C LYS A 542 -8.87 -34.24 -19.97
N GLY A 543 -8.06 -35.13 -20.53
CA GLY A 543 -8.56 -36.18 -21.39
C GLY A 543 -8.64 -35.75 -22.85
N CYS A 544 -8.52 -34.44 -23.07
CA CYS A 544 -8.66 -33.85 -24.39
C CYS A 544 -9.94 -34.34 -25.10
N PRO A 545 -11.11 -33.94 -24.57
CA PRO A 545 -12.36 -34.41 -25.17
C PRO A 545 -12.66 -33.71 -26.48
N PHE A 546 -13.33 -34.41 -27.39
CA PHE A 546 -13.76 -33.81 -28.64
C PHE A 546 -14.81 -32.74 -28.39
N THR A 547 -14.66 -31.60 -29.04
CA THR A 547 -15.65 -30.53 -28.93
C THR A 547 -15.91 -29.88 -30.27
N SER A 548 -17.03 -29.16 -30.36
CA SER A 548 -17.43 -28.49 -31.58
C SER A 548 -18.56 -27.52 -31.27
N PHE A 549 -18.90 -26.68 -32.24
CA PHE A 549 -20.00 -25.73 -32.06
C PHE A 549 -21.30 -26.28 -32.59
N ASN A 550 -21.28 -27.55 -33.03
CA ASN A 550 -22.49 -28.21 -33.50
C ASN A 550 -22.57 -29.66 -33.01
N VAL A 551 -23.76 -30.23 -33.09
CA VAL A 551 -23.98 -31.60 -32.63
C VAL A 551 -23.75 -32.62 -33.76
N ALA B 1 22.24 -5.50 -19.24
CA ALA B 1 22.24 -6.93 -19.55
C ALA B 1 21.36 -7.23 -20.76
N ASN B 2 20.35 -6.37 -20.98
CA ASN B 2 19.45 -6.53 -22.10
C ASN B 2 20.19 -6.40 -23.43
N PRO B 3 20.11 -7.44 -24.27
CA PRO B 3 20.80 -7.47 -25.57
C PRO B 3 20.19 -6.52 -26.59
N CYS B 4 19.19 -5.75 -26.21
CA CYS B 4 18.60 -4.75 -27.11
C CYS B 4 18.99 -3.32 -26.72
N CYS B 5 19.93 -3.19 -25.79
CA CYS B 5 20.31 -1.89 -25.26
C CYS B 5 21.04 -1.01 -26.28
N SER B 6 21.67 -1.64 -27.26
CA SER B 6 22.43 -0.92 -28.26
C SER B 6 21.53 -0.47 -29.42
N ASN B 7 20.24 -0.79 -29.33
CA ASN B 7 19.27 -0.51 -30.40
C ASN B 7 19.76 -1.01 -31.75
N PRO B 8 20.03 -2.32 -31.85
CA PRO B 8 20.69 -2.86 -33.05
C PRO B 8 19.83 -2.79 -34.31
N CYS B 9 18.52 -2.96 -34.15
CA CYS B 9 17.62 -2.99 -35.29
C CYS B 9 17.47 -1.63 -35.95
N GLN B 10 17.68 -1.59 -37.26
CA GLN B 10 17.59 -0.36 -38.02
C GLN B 10 16.31 -0.33 -38.85
N ASN B 11 16.00 0.83 -39.42
CA ASN B 11 14.85 1.01 -40.31
C ASN B 11 13.53 0.57 -39.68
N ARG B 12 13.35 0.95 -38.41
CA ARG B 12 12.14 0.67 -37.65
C ARG B 12 11.86 -0.81 -37.46
N GLY B 13 12.88 -1.65 -37.61
CA GLY B 13 12.77 -3.05 -37.28
C GLY B 13 12.64 -3.16 -35.77
N GLU B 14 11.96 -4.20 -35.29
CA GLU B 14 11.71 -4.31 -33.84
C GLU B 14 12.66 -5.29 -33.16
N CYS B 15 13.25 -4.86 -32.06
CA CYS B 15 14.21 -5.69 -31.33
C CYS B 15 13.53 -6.54 -30.25
N MET B 16 13.88 -7.82 -30.21
CA MET B 16 13.34 -8.72 -29.20
C MET B 16 14.42 -9.64 -28.66
N SER B 17 14.49 -9.76 -27.32
CA SER B 17 15.47 -10.64 -26.70
C SER B 17 15.09 -12.11 -26.93
N THR B 18 16.07 -12.91 -27.30
CA THR B 18 15.88 -14.36 -27.48
C THR B 18 16.84 -15.12 -26.58
N GLY B 19 16.87 -14.74 -25.31
CA GLY B 19 17.81 -15.28 -24.36
C GLY B 19 18.49 -14.15 -23.61
N PHE B 20 19.39 -14.50 -22.69
CA PHE B 20 20.06 -13.48 -21.89
C PHE B 20 21.11 -12.70 -22.68
N ASP B 21 21.63 -13.30 -23.74
CA ASP B 21 22.74 -12.69 -24.48
C ASP B 21 22.51 -12.65 -25.99
N GLN B 22 21.27 -12.86 -26.42
CA GLN B 22 20.97 -12.88 -27.84
C GLN B 22 19.72 -12.05 -28.17
N TYR B 23 19.68 -11.51 -29.39
CA TYR B 23 18.52 -10.76 -29.85
C TYR B 23 18.10 -11.19 -31.26
N LYS B 24 16.90 -10.75 -31.65
CA LYS B 24 16.40 -10.97 -32.99
C LYS B 24 15.62 -9.74 -33.43
N CYS B 25 15.74 -9.40 -34.72
CA CYS B 25 15.05 -8.24 -35.26
C CYS B 25 13.91 -8.65 -36.18
N ASP B 26 12.72 -8.15 -35.88
CA ASP B 26 11.57 -8.32 -36.75
C ASP B 26 11.60 -7.25 -37.83
N CYS B 27 11.79 -7.69 -39.07
CA CYS B 27 11.91 -6.79 -40.21
C CYS B 27 10.65 -6.80 -41.05
N THR B 28 9.51 -7.06 -40.41
CA THR B 28 8.23 -7.16 -41.12
C THR B 28 7.80 -5.83 -41.70
N ARG B 29 7.62 -5.81 -43.02
CA ARG B 29 7.16 -4.62 -43.75
C ARG B 29 8.02 -3.38 -43.51
N THR B 30 9.31 -3.59 -43.28
CA THR B 30 10.24 -2.48 -43.14
C THR B 30 10.90 -2.16 -44.47
N GLY B 31 10.79 -3.10 -45.41
CA GLY B 31 11.44 -2.96 -46.70
C GLY B 31 12.88 -3.44 -46.64
N PHE B 32 13.28 -3.91 -45.47
CA PHE B 32 14.64 -4.40 -45.26
C PHE B 32 14.63 -5.81 -44.68
N TYR B 33 15.78 -6.47 -44.72
CA TYR B 33 15.93 -7.78 -44.10
C TYR B 33 17.37 -8.00 -43.65
N GLY B 34 17.62 -9.10 -42.96
CA GLY B 34 18.93 -9.36 -42.40
C GLY B 34 18.90 -9.34 -40.90
N GLU B 35 20.06 -9.46 -40.27
CA GLU B 35 20.15 -9.55 -38.81
C GLU B 35 19.62 -8.28 -38.13
N ASN B 36 20.13 -7.12 -38.51
CA ASN B 36 19.64 -5.86 -37.95
C ASN B 36 18.80 -5.06 -38.93
N CYS B 37 18.21 -5.74 -39.91
CA CYS B 37 17.35 -5.12 -40.92
C CYS B 37 18.06 -4.00 -41.68
N THR B 38 19.22 -4.32 -42.28
CA THR B 38 20.01 -3.32 -42.96
C THR B 38 20.13 -3.57 -44.47
N THR B 39 19.77 -4.78 -44.89
CA THR B 39 19.81 -5.13 -46.30
C THR B 39 18.51 -4.73 -47.00
N PRO B 40 18.60 -3.77 -47.94
CA PRO B 40 17.41 -3.24 -48.63
C PRO B 40 16.91 -4.17 -49.73
N GLU B 41 15.59 -4.18 -49.92
CA GLU B 41 14.99 -4.90 -51.05
C GLU B 41 15.14 -4.07 -52.31
N PHE B 42 14.75 -4.64 -53.45
CA PHE B 42 14.88 -3.96 -54.74
C PHE B 42 14.04 -2.70 -54.79
N LEU B 43 12.76 -2.84 -54.47
CA LEU B 43 11.84 -1.71 -54.42
C LEU B 43 12.31 -0.69 -53.39
N THR B 44 12.92 -1.18 -52.31
CA THR B 44 13.46 -0.32 -51.26
C THR B 44 14.60 0.53 -51.80
N ARG B 45 15.50 -0.09 -52.57
CA ARG B 45 16.60 0.63 -53.20
C ARG B 45 16.07 1.68 -54.18
N ILE B 46 15.12 1.26 -55.02
CA ILE B 46 14.51 2.16 -55.99
C ILE B 46 13.90 3.39 -55.31
N LYS B 47 13.09 3.15 -54.28
CA LYS B 47 12.48 4.25 -53.53
C LYS B 47 13.53 5.06 -52.77
N LEU B 48 14.68 4.45 -52.51
CA LEU B 48 15.74 5.10 -51.76
C LEU B 48 16.49 6.12 -52.61
N LEU B 49 16.96 5.71 -53.78
CA LEU B 49 17.76 6.60 -54.62
C LEU B 49 16.90 7.61 -55.37
N LEU B 50 15.59 7.57 -55.16
CA LEU B 50 14.67 8.49 -55.82
C LEU B 50 13.97 9.40 -54.82
N LYS B 51 14.31 9.27 -53.55
CA LYS B 51 13.71 10.08 -52.50
C LYS B 51 14.57 11.31 -52.20
N PRO B 52 13.99 12.50 -52.38
CA PRO B 52 14.69 13.76 -52.09
C PRO B 52 14.81 14.00 -50.58
N THR B 53 15.93 14.57 -50.15
CA THR B 53 16.13 14.92 -48.75
C THR B 53 15.20 16.05 -48.33
N PRO B 54 14.82 16.10 -47.05
CA PRO B 54 13.95 17.15 -46.53
C PRO B 54 14.46 18.56 -46.81
N ASN B 55 15.78 18.75 -46.85
CA ASN B 55 16.36 20.05 -47.13
C ASN B 55 16.17 20.47 -48.59
N THR B 56 16.17 19.49 -49.48
CA THR B 56 15.91 19.74 -50.90
C THR B 56 14.46 20.17 -51.10
N VAL B 57 13.55 19.43 -50.48
CA VAL B 57 12.12 19.73 -50.55
C VAL B 57 11.84 21.11 -49.95
N HIS B 58 12.48 21.40 -48.82
CA HIS B 58 12.33 22.68 -48.16
C HIS B 58 12.84 23.81 -49.05
N TYR B 59 13.99 23.59 -49.67
CA TYR B 59 14.57 24.57 -50.59
C TYR B 59 13.61 24.86 -51.74
N ILE B 60 13.09 23.80 -52.36
CA ILE B 60 12.14 23.92 -53.45
C ILE B 60 10.89 24.69 -53.02
N LEU B 61 10.42 24.41 -51.80
CA LEU B 61 9.19 25.02 -51.31
C LEU B 61 9.38 26.44 -50.82
N THR B 62 10.63 26.85 -50.61
CA THR B 62 10.92 28.21 -50.17
C THR B 62 11.56 29.03 -51.29
N HIS B 63 11.67 28.44 -52.47
CA HIS B 63 12.20 29.15 -53.63
C HIS B 63 11.25 29.00 -54.83
N PHE B 64 11.63 29.57 -55.96
CA PHE B 64 10.82 29.56 -57.17
C PHE B 64 9.44 30.16 -56.91
N LYS B 65 9.43 31.42 -56.46
CA LYS B 65 8.20 32.07 -56.01
C LYS B 65 7.17 32.25 -57.12
N GLY B 66 7.63 32.44 -58.34
CA GLY B 66 6.73 32.63 -59.48
C GLY B 66 5.97 31.35 -59.81
N VAL B 67 6.69 30.24 -59.82
CA VAL B 67 6.08 28.93 -60.09
C VAL B 67 4.98 28.64 -59.07
N TRP B 68 5.27 28.88 -57.80
CA TRP B 68 4.29 28.70 -56.74
C TRP B 68 3.16 29.72 -56.86
N ASN B 69 3.48 30.87 -57.45
CA ASN B 69 2.47 31.91 -57.67
C ASN B 69 1.48 31.45 -58.71
N ILE B 70 1.96 30.66 -59.67
CA ILE B 70 1.07 30.06 -60.67
C ILE B 70 0.31 28.89 -60.08
N VAL B 71 0.99 28.08 -59.28
CA VAL B 71 0.39 26.90 -58.67
C VAL B 71 -0.75 27.24 -57.72
N ASN B 72 -0.53 28.26 -56.89
CA ASN B 72 -1.52 28.65 -55.89
C ASN B 72 -2.82 29.18 -56.50
N ASN B 73 -2.77 29.55 -57.78
CA ASN B 73 -3.94 30.08 -58.46
C ASN B 73 -4.64 29.03 -59.32
N ILE B 74 -4.11 27.80 -59.30
CA ILE B 74 -4.74 26.68 -59.97
C ILE B 74 -5.17 25.63 -58.95
N PRO B 75 -6.47 25.62 -58.61
CA PRO B 75 -7.05 24.76 -57.57
C PRO B 75 -6.66 23.29 -57.70
N PHE B 76 -6.66 22.77 -58.92
CA PHE B 76 -6.30 21.38 -59.18
C PHE B 76 -4.86 21.10 -58.76
N LEU B 77 -3.92 21.88 -59.29
CA LEU B 77 -2.51 21.72 -58.99
C LEU B 77 -2.23 21.92 -57.51
N ARG B 78 -2.86 22.94 -56.92
CA ARG B 78 -2.69 23.22 -55.50
C ARG B 78 -3.17 22.05 -54.64
N SER B 79 -4.31 21.48 -55.00
CA SER B 79 -4.86 20.33 -54.29
C SER B 79 -3.95 19.11 -54.42
N LEU B 80 -3.44 18.91 -55.63
CA LEU B 80 -2.54 17.78 -55.90
C LEU B 80 -1.27 17.88 -55.06
N ILE B 81 -0.64 19.05 -55.10
CA ILE B 81 0.60 19.28 -54.36
C ILE B 81 0.36 19.21 -52.84
N MET B 82 -0.75 19.75 -52.38
CA MET B 82 -1.10 19.67 -50.97
C MET B 82 -1.29 18.22 -50.55
N LYS B 83 -1.88 17.43 -51.44
CA LYS B 83 -2.06 16.00 -51.21
C LYS B 83 -0.71 15.31 -51.08
N TYR B 84 0.22 15.68 -51.95
CA TYR B 84 1.58 15.15 -51.87
C TYR B 84 2.24 15.50 -50.54
N VAL B 85 2.10 16.75 -50.11
CA VAL B 85 2.67 17.23 -48.86
C VAL B 85 2.11 16.44 -47.68
N LEU B 86 0.79 16.30 -47.63
CA LEU B 86 0.13 15.51 -46.60
C LEU B 86 0.66 14.08 -46.59
N THR B 87 0.77 13.49 -47.78
CA THR B 87 1.24 12.12 -47.94
C THR B 87 2.66 11.93 -47.42
N SER B 88 3.52 12.91 -47.66
CA SER B 88 4.92 12.82 -47.26
C SER B 88 5.09 12.74 -45.74
N ARG B 89 4.11 13.25 -44.99
CA ARG B 89 4.16 13.23 -43.54
C ARG B 89 3.44 12.01 -42.96
N SER B 90 2.80 11.23 -43.82
CA SER B 90 2.06 10.05 -43.39
C SER B 90 2.99 8.85 -43.21
N TYR B 91 2.47 7.80 -42.59
CA TYR B 91 3.20 6.54 -42.39
C TYR B 91 4.47 6.71 -41.58
N LEU B 92 4.53 7.75 -40.75
CA LEU B 92 5.68 7.99 -39.89
C LEU B 92 5.31 7.77 -38.42
N ILE B 93 4.03 7.93 -38.12
CA ILE B 93 3.54 7.80 -36.75
C ILE B 93 2.77 6.49 -36.57
N ASP B 94 3.11 5.75 -35.52
CA ASP B 94 2.38 4.53 -35.20
C ASP B 94 0.96 4.85 -34.76
N SER B 95 -0.01 4.40 -35.56
CA SER B 95 -1.41 4.61 -35.26
C SER B 95 -2.23 3.38 -35.68
N PRO B 96 -2.84 2.68 -34.71
CA PRO B 96 -2.92 2.88 -33.26
C PRO B 96 -1.56 2.91 -32.54
N PRO B 97 -1.47 3.64 -31.42
CA PRO B 97 -0.21 3.88 -30.71
C PRO B 97 0.39 2.61 -30.11
N THR B 98 1.67 2.66 -29.77
CA THR B 98 2.38 1.50 -29.26
C THR B 98 2.99 1.73 -27.88
N TYR B 99 4.26 2.14 -27.85
CA TYR B 99 5.02 2.22 -26.60
C TYR B 99 4.67 3.45 -25.77
N ASN B 100 5.07 3.40 -24.50
CA ASN B 100 5.07 4.59 -23.64
C ASN B 100 6.24 4.51 -22.64
N VAL B 101 6.23 5.38 -21.64
CA VAL B 101 7.35 5.51 -20.72
C VAL B 101 7.61 4.24 -19.89
N HIS B 102 6.59 3.40 -19.75
CA HIS B 102 6.71 2.21 -18.92
C HIS B 102 6.78 0.91 -19.72
N TYR B 103 6.62 1.00 -21.03
CA TYR B 103 6.61 -0.20 -21.87
C TYR B 103 7.45 -0.04 -23.14
N GLY B 104 8.58 -0.73 -23.17
CA GLY B 104 9.44 -0.74 -24.35
C GLY B 104 8.99 -1.79 -25.35
N TYR B 105 7.89 -2.45 -25.03
CA TYR B 105 7.28 -3.44 -25.90
C TYR B 105 5.79 -3.15 -26.01
N LYS B 106 5.17 -3.62 -27.09
CA LYS B 106 3.74 -3.41 -27.28
C LYS B 106 2.94 -4.25 -26.28
N SER B 107 1.95 -3.61 -25.66
CA SER B 107 1.10 -4.26 -24.67
C SER B 107 -0.25 -3.59 -24.63
N TRP B 108 -1.26 -4.29 -24.09
CA TRP B 108 -2.60 -3.73 -24.05
C TRP B 108 -2.69 -2.59 -23.04
N GLU B 109 -1.81 -2.61 -22.04
CA GLU B 109 -1.76 -1.55 -21.05
C GLU B 109 -1.33 -0.25 -21.70
N ALA B 110 -0.29 -0.32 -22.53
CA ALA B 110 0.24 0.85 -23.21
C ALA B 110 -0.77 1.41 -24.21
N PHE B 111 -1.59 0.54 -24.78
CA PHE B 111 -2.57 0.97 -25.77
C PHE B 111 -3.83 1.56 -25.15
N SER B 112 -4.33 0.94 -24.08
CA SER B 112 -5.64 1.29 -23.53
C SER B 112 -5.60 2.43 -22.52
N ASN B 113 -4.51 2.53 -21.76
CA ASN B 113 -4.39 3.55 -20.72
C ASN B 113 -4.12 4.93 -21.32
N LEU B 114 -5.15 5.77 -21.36
CA LEU B 114 -5.07 7.08 -21.98
C LEU B 114 -4.34 8.11 -21.14
N SER B 115 -3.96 7.74 -19.92
CA SER B 115 -3.26 8.67 -19.04
C SER B 115 -1.81 8.88 -19.46
N TYR B 116 -1.26 7.93 -20.20
CA TYR B 116 0.11 8.03 -20.68
C TYR B 116 0.24 8.93 -21.91
N TYR B 117 1.35 9.66 -21.99
CA TYR B 117 1.81 10.15 -23.28
C TYR B 117 2.32 8.91 -24.01
N THR B 118 2.12 8.84 -25.32
CA THR B 118 2.67 7.71 -26.07
C THR B 118 4.11 8.05 -26.46
N ARG B 119 4.82 7.10 -27.04
CA ARG B 119 6.22 7.30 -27.38
C ARG B 119 6.55 6.88 -28.81
N ALA B 120 7.17 7.79 -29.56
CA ALA B 120 7.61 7.50 -30.92
C ALA B 120 8.71 6.44 -30.92
N LEU B 121 9.61 6.55 -29.95
CA LEU B 121 10.63 5.53 -29.73
C LEU B 121 10.50 4.99 -28.31
N PRO B 122 10.70 3.67 -28.14
CA PRO B 122 10.63 3.06 -26.81
C PRO B 122 11.70 3.60 -25.88
N PRO B 123 11.43 3.59 -24.57
CA PRO B 123 12.43 4.06 -23.60
C PRO B 123 13.61 3.10 -23.51
N VAL B 124 14.76 3.62 -23.11
CA VAL B 124 15.92 2.78 -22.86
C VAL B 124 15.64 1.94 -21.62
N ALA B 125 15.87 0.63 -21.72
CA ALA B 125 15.61 -0.28 -20.61
C ALA B 125 16.42 0.12 -19.38
N ASP B 126 15.86 -0.14 -18.20
CA ASP B 126 16.46 0.28 -16.94
C ASP B 126 17.78 -0.41 -16.64
N ASP B 127 17.96 -1.63 -17.16
CA ASP B 127 19.15 -2.41 -16.84
C ASP B 127 20.28 -2.18 -17.85
N CYS B 128 20.11 -1.18 -18.72
CA CYS B 128 21.14 -0.83 -19.67
C CYS B 128 22.30 -0.13 -18.95
N PRO B 129 23.54 -0.43 -19.38
CA PRO B 129 24.75 0.09 -18.72
C PRO B 129 24.89 1.61 -18.80
N THR B 130 24.43 2.23 -19.88
CA THR B 130 24.52 3.68 -20.04
C THR B 130 23.12 4.26 -20.32
N PRO B 131 22.91 5.54 -19.95
CA PRO B 131 21.62 6.22 -20.15
C PRO B 131 21.08 6.12 -21.58
N MET B 132 21.96 6.10 -22.58
CA MET B 132 21.53 6.04 -23.96
C MET B 132 21.51 4.60 -24.49
N GLY B 133 21.95 3.67 -23.65
CA GLY B 133 22.02 2.26 -24.03
C GLY B 133 23.35 1.65 -23.70
N VAL B 134 24.29 1.70 -24.64
CA VAL B 134 25.63 1.15 -24.43
C VAL B 134 26.71 2.19 -24.74
N LYS B 135 26.31 3.28 -25.38
CA LYS B 135 27.24 4.34 -25.75
C LYS B 135 27.32 5.42 -24.67
N GLY B 136 28.45 6.15 -24.65
CA GLY B 136 28.63 7.24 -23.71
C GLY B 136 29.16 6.80 -22.37
N ASN B 137 29.31 7.75 -21.47
CA ASN B 137 29.78 7.47 -20.11
C ASN B 137 28.65 6.91 -19.25
N LYS B 138 28.96 6.59 -18.01
CA LYS B 138 27.98 6.05 -17.07
C LYS B 138 26.86 7.05 -16.79
N GLU B 139 27.19 8.33 -16.87
CA GLU B 139 26.21 9.38 -16.63
C GLU B 139 26.28 10.47 -17.71
N LEU B 140 25.13 11.06 -18.01
CA LEU B 140 25.07 12.19 -18.93
C LEU B 140 25.66 13.43 -18.25
N PRO B 141 26.16 14.39 -19.05
CA PRO B 141 26.77 15.59 -18.46
C PRO B 141 25.80 16.41 -17.62
N ASP B 142 26.34 17.20 -16.71
CA ASP B 142 25.55 18.05 -15.83
C ASP B 142 24.58 18.92 -16.62
N SER B 143 23.29 18.73 -16.39
CA SER B 143 22.25 19.45 -17.12
C SER B 143 22.38 20.96 -16.94
N LYS B 144 22.83 21.36 -15.75
CA LYS B 144 23.05 22.78 -15.47
C LYS B 144 24.14 23.34 -16.37
N GLU B 145 25.20 22.57 -16.58
CA GLU B 145 26.31 23.01 -17.43
C GLU B 145 25.89 23.10 -18.89
N VAL B 146 25.10 22.12 -19.36
CA VAL B 146 24.57 22.16 -20.71
C VAL B 146 23.72 23.41 -20.89
N LEU B 147 22.76 23.59 -19.98
CA LEU B 147 21.89 24.75 -19.96
C LEU B 147 22.64 26.07 -20.03
N GLU B 148 23.59 26.25 -19.12
CA GLU B 148 24.31 27.51 -19.01
C GLU B 148 25.28 27.75 -20.17
N LYS B 149 25.84 26.67 -20.72
CA LYS B 149 26.83 26.81 -21.77
C LYS B 149 26.21 27.04 -23.15
N VAL B 150 25.18 26.26 -23.51
CA VAL B 150 24.69 26.33 -24.89
C VAL B 150 23.21 26.69 -25.04
N LEU B 151 22.50 26.89 -23.93
CA LEU B 151 21.07 27.16 -24.02
C LEU B 151 20.68 28.57 -23.56
N LEU B 152 21.29 29.03 -22.48
CA LEU B 152 20.88 30.30 -21.88
C LEU B 152 21.24 31.51 -22.75
N ARG B 153 20.31 32.45 -22.83
CA ARG B 153 20.45 33.62 -23.67
C ARG B 153 21.39 34.67 -23.10
N ARG B 154 22.40 35.04 -23.87
CA ARG B 154 23.28 36.15 -23.52
C ARG B 154 22.64 37.46 -23.99
N GLU B 155 22.45 37.56 -25.31
CA GLU B 155 21.75 38.68 -25.91
C GLU B 155 20.58 38.15 -26.73
N PHE B 156 19.47 38.88 -26.72
CA PHE B 156 18.25 38.47 -27.41
C PHE B 156 18.51 38.24 -28.90
N ILE B 157 18.24 37.02 -29.36
CA ILE B 157 18.39 36.69 -30.76
C ILE B 157 17.02 36.65 -31.43
N PRO B 158 16.73 37.66 -32.26
CA PRO B 158 15.43 37.78 -32.93
C PRO B 158 15.21 36.71 -33.98
N ASP B 159 13.96 36.29 -34.15
CA ASP B 159 13.61 35.34 -35.20
C ASP B 159 13.72 36.01 -36.57
N PRO B 160 14.55 35.42 -37.46
CA PRO B 160 14.73 35.98 -38.80
C PRO B 160 13.49 35.84 -39.67
N GLN B 161 12.56 34.97 -39.28
CA GLN B 161 11.31 34.81 -40.01
C GLN B 161 10.30 35.86 -39.57
N GLY B 162 10.66 36.63 -38.55
CA GLY B 162 9.85 37.76 -38.11
C GLY B 162 8.63 37.40 -37.27
N SER B 163 8.67 36.23 -36.63
CA SER B 163 7.58 35.82 -35.74
C SER B 163 7.36 36.84 -34.64
N ASN B 164 6.11 37.08 -34.29
CA ASN B 164 5.78 38.04 -33.23
C ASN B 164 5.17 37.35 -32.01
N MET B 165 4.68 38.15 -31.08
CA MET B 165 4.13 37.62 -29.84
C MET B 165 2.74 37.04 -30.03
N MET B 166 2.04 37.50 -31.07
CA MET B 166 0.77 36.91 -31.45
C MET B 166 0.99 35.43 -31.76
N PHE B 167 2.05 35.17 -32.52
CA PHE B 167 2.40 33.80 -32.89
C PHE B 167 2.82 32.98 -31.67
N ALA B 168 3.69 33.55 -30.84
CA ALA B 168 4.20 32.85 -29.67
C ALA B 168 3.07 32.46 -28.73
N PHE B 169 2.22 33.42 -28.39
CA PHE B 169 1.11 33.16 -27.48
C PHE B 169 0.05 32.28 -28.12
N PHE B 170 -0.10 32.35 -29.43
CA PHE B 170 -1.01 31.43 -30.12
C PHE B 170 -0.48 30.02 -29.99
N ALA B 171 0.83 29.87 -30.08
CA ALA B 171 1.47 28.56 -29.96
C ALA B 171 1.27 28.00 -28.57
N GLN B 172 1.55 28.81 -27.56
CA GLN B 172 1.36 28.39 -26.17
C GLN B 172 -0.09 27.98 -25.92
N HIS B 173 -1.01 28.89 -26.24
CA HIS B 173 -2.44 28.69 -26.02
C HIS B 173 -2.97 27.44 -26.72
N PHE B 174 -2.61 27.28 -27.99
CA PHE B 174 -3.07 26.16 -28.80
C PHE B 174 -2.50 24.84 -28.31
N THR B 175 -1.19 24.81 -28.03
CA THR B 175 -0.55 23.56 -27.62
C THR B 175 -0.95 23.13 -26.21
N HIS B 176 -1.30 24.08 -25.36
CA HIS B 176 -1.61 23.73 -23.98
C HIS B 176 -3.00 23.11 -23.78
N GLN B 177 -3.61 22.66 -24.86
CA GLN B 177 -4.86 21.91 -24.76
C GLN B 177 -4.60 20.41 -24.84
N PHE B 178 -3.46 20.03 -25.41
CA PHE B 178 -3.08 18.61 -25.44
C PHE B 178 -1.71 18.36 -24.80
N PHE B 179 -0.99 19.42 -24.46
CA PHE B 179 0.20 19.28 -23.62
C PHE B 179 -0.14 19.71 -22.21
N LYS B 180 -0.66 18.76 -21.42
CA LYS B 180 -1.06 19.03 -20.05
C LYS B 180 -0.55 17.93 -19.12
N THR B 181 0.73 18.00 -18.78
CA THR B 181 1.39 16.95 -18.00
C THR B 181 0.80 16.80 -16.60
N ASP B 182 0.48 15.57 -16.23
CA ASP B 182 -0.02 15.25 -14.90
C ASP B 182 1.15 15.07 -13.94
N HIS B 183 1.61 16.17 -13.35
CA HIS B 183 2.78 16.15 -12.48
C HIS B 183 2.55 15.34 -11.21
N LYS B 184 1.29 15.01 -10.93
CA LYS B 184 0.96 14.18 -9.79
C LYS B 184 1.38 12.73 -10.06
N ARG B 185 1.32 12.33 -11.32
CA ARG B 185 1.71 10.99 -11.72
C ARG B 185 3.15 10.94 -12.20
N GLY B 186 3.53 11.90 -13.04
CA GLY B 186 4.87 11.96 -13.58
C GLY B 186 4.90 12.66 -14.92
N PRO B 187 6.12 12.91 -15.44
CA PRO B 187 6.32 13.62 -16.71
C PRO B 187 5.77 12.87 -17.92
N GLY B 188 5.65 11.55 -17.80
CA GLY B 188 5.16 10.74 -18.90
C GLY B 188 3.66 10.53 -18.90
N PHE B 189 2.96 11.32 -18.09
CA PHE B 189 1.50 11.22 -18.00
C PHE B 189 0.83 12.54 -18.38
N THR B 190 -0.38 12.44 -18.94
CA THR B 190 -1.12 13.62 -19.37
C THR B 190 -2.50 13.72 -18.75
N ARG B 191 -3.00 14.94 -18.63
CA ARG B 191 -4.35 15.18 -18.12
C ARG B 191 -5.33 15.37 -19.28
N GLY B 192 -4.78 15.57 -20.47
CA GLY B 192 -5.61 15.73 -21.66
C GLY B 192 -5.97 14.39 -22.27
N LEU B 193 -7.06 13.80 -21.78
CA LEU B 193 -7.46 12.47 -22.22
C LEU B 193 -8.04 12.47 -23.63
N GLY B 194 -8.27 13.65 -24.18
CA GLY B 194 -8.75 13.79 -25.55
C GLY B 194 -7.64 13.56 -26.56
N HIS B 195 -6.40 13.78 -26.12
CA HIS B 195 -5.21 13.56 -26.93
C HIS B 195 -5.26 14.27 -28.28
N GLY B 196 -5.72 15.52 -28.29
CA GLY B 196 -5.79 16.28 -29.52
C GLY B 196 -6.53 17.58 -29.39
N VAL B 197 -7.03 18.08 -30.52
CA VAL B 197 -7.71 19.37 -30.57
C VAL B 197 -9.19 19.21 -30.27
N ASP B 198 -9.53 19.24 -28.98
CA ASP B 198 -10.93 19.17 -28.55
C ASP B 198 -11.39 20.47 -27.92
N LEU B 199 -10.47 21.43 -27.87
CA LEU B 199 -10.72 22.75 -27.29
C LEU B 199 -11.16 22.67 -25.83
N ASN B 200 -10.59 21.71 -25.10
CA ASN B 200 -10.85 21.58 -23.68
C ASN B 200 -10.28 22.76 -22.90
N HIS B 201 -9.34 23.47 -23.51
CA HIS B 201 -8.76 24.66 -22.89
C HIS B 201 -9.73 25.85 -22.98
N ILE B 202 -10.84 25.64 -23.66
CA ILE B 202 -11.90 26.63 -23.75
C ILE B 202 -13.15 26.13 -23.02
N TYR B 203 -13.41 24.84 -23.12
CA TYR B 203 -14.65 24.27 -22.63
C TYR B 203 -14.48 23.41 -21.38
N GLY B 204 -13.23 23.12 -21.02
CA GLY B 204 -12.98 22.28 -19.86
C GLY B 204 -12.79 20.83 -20.21
N GLU B 205 -11.94 20.14 -19.45
CA GLU B 205 -11.67 18.72 -19.67
C GLU B 205 -12.88 17.86 -19.32
N THR B 206 -13.53 18.18 -18.20
CA THR B 206 -14.66 17.38 -17.72
C THR B 206 -15.99 18.09 -17.96
N LEU B 207 -17.08 17.32 -17.87
CA LEU B 207 -18.42 17.82 -18.16
C LEU B 207 -18.91 18.82 -17.10
N ASP B 208 -18.57 18.58 -15.85
CA ASP B 208 -18.97 19.46 -14.77
C ASP B 208 -18.35 20.86 -14.91
N ARG B 209 -17.08 20.89 -15.27
CA ARG B 209 -16.38 22.15 -15.51
C ARG B 209 -17.03 22.90 -16.67
N GLN B 210 -17.34 22.16 -17.73
CA GLN B 210 -18.02 22.71 -18.90
C GLN B 210 -19.34 23.36 -18.51
N HIS B 211 -20.12 22.64 -17.70
CA HIS B 211 -21.42 23.12 -17.25
C HIS B 211 -21.27 24.36 -16.37
N LYS B 212 -20.23 24.38 -15.55
CA LYS B 212 -19.94 25.55 -14.72
C LYS B 212 -19.54 26.74 -15.58
N LEU B 213 -18.98 26.46 -16.76
CA LEU B 213 -18.56 27.52 -17.67
C LEU B 213 -19.67 28.00 -18.61
N ARG B 214 -20.74 27.21 -18.71
CA ARG B 214 -21.82 27.51 -19.64
C ARG B 214 -22.92 28.38 -19.02
N LEU B 215 -23.54 29.19 -19.86
CA LEU B 215 -24.65 30.05 -19.44
C LEU B 215 -25.98 29.30 -19.52
N PHE B 216 -25.99 28.24 -20.32
CA PHE B 216 -27.19 27.43 -20.58
C PHE B 216 -28.33 28.26 -21.17
N LYS B 217 -27.95 29.30 -21.93
CA LYS B 217 -28.89 30.06 -22.73
C LYS B 217 -28.26 30.37 -24.08
N ASP B 218 -28.97 30.02 -25.15
CA ASP B 218 -28.52 30.28 -26.52
C ASP B 218 -27.18 29.60 -26.85
N GLY B 219 -26.80 28.61 -26.05
CA GLY B 219 -25.60 27.83 -26.31
C GLY B 219 -24.32 28.48 -25.85
N LYS B 220 -24.43 29.67 -25.26
CA LYS B 220 -23.26 30.49 -24.96
C LYS B 220 -22.55 30.10 -23.67
N LEU B 221 -21.34 30.64 -23.52
CA LEU B 221 -20.57 30.49 -22.29
C LEU B 221 -20.75 31.74 -21.44
N LYS B 222 -20.60 31.57 -20.13
CA LYS B 222 -20.74 32.70 -19.20
C LYS B 222 -19.64 33.73 -19.46
N TYR B 223 -19.95 34.98 -19.15
CA TYR B 223 -19.01 36.08 -19.37
C TYR B 223 -19.41 37.30 -18.54
N GLN B 224 -18.45 38.17 -18.29
CA GLN B 224 -18.72 39.42 -17.60
C GLN B 224 -18.38 40.61 -18.49
N VAL B 225 -18.92 41.76 -18.14
CA VAL B 225 -18.68 42.98 -18.90
C VAL B 225 -17.96 44.03 -18.06
N ILE B 226 -16.74 44.37 -18.48
CA ILE B 226 -15.95 45.39 -17.80
C ILE B 226 -15.64 46.53 -18.77
N GLY B 227 -16.10 47.72 -18.44
CA GLY B 227 -15.88 48.88 -19.29
C GLY B 227 -16.50 48.74 -20.67
N GLY B 228 -17.56 47.94 -20.75
CA GLY B 228 -18.23 47.70 -22.01
C GLY B 228 -17.59 46.58 -22.82
N GLU B 229 -16.55 45.98 -22.26
CA GLU B 229 -15.82 44.92 -22.94
C GLU B 229 -16.13 43.55 -22.36
N VAL B 230 -16.18 42.54 -23.23
CA VAL B 230 -16.50 41.18 -22.80
C VAL B 230 -15.25 40.41 -22.34
N TYR B 231 -15.32 39.87 -21.12
CA TYR B 231 -14.24 39.07 -20.57
C TYR B 231 -14.78 37.78 -19.96
N PRO B 232 -13.91 36.78 -19.75
CA PRO B 232 -14.32 35.55 -19.06
C PRO B 232 -14.84 35.82 -17.65
N PRO B 233 -15.70 34.93 -17.13
CA PRO B 233 -16.25 35.09 -15.79
C PRO B 233 -15.20 34.87 -14.69
N THR B 234 -15.58 35.12 -13.44
CA THR B 234 -14.65 34.96 -12.33
C THR B 234 -14.79 33.59 -11.67
N VAL B 235 -13.82 33.26 -10.82
CA VAL B 235 -13.84 32.00 -10.07
C VAL B 235 -14.99 32.01 -9.07
N LYS B 236 -15.22 33.16 -8.44
CA LYS B 236 -16.28 33.29 -7.44
C LYS B 236 -17.66 33.09 -8.05
N ASP B 237 -17.80 33.50 -9.30
CA ASP B 237 -19.09 33.46 -9.99
C ASP B 237 -19.42 32.07 -10.51
N THR B 238 -18.40 31.29 -10.87
CA THR B 238 -18.61 30.01 -11.54
C THR B 238 -18.18 28.80 -10.72
N GLN B 239 -17.42 29.04 -9.65
CA GLN B 239 -16.81 27.98 -8.84
C GLN B 239 -15.86 27.12 -9.67
N VAL B 240 -15.43 27.64 -10.81
CA VAL B 240 -14.46 26.95 -11.66
C VAL B 240 -13.06 27.14 -11.08
N GLU B 241 -12.41 26.03 -10.76
CA GLU B 241 -11.08 26.09 -10.15
C GLU B 241 -10.03 26.59 -11.13
N MET B 242 -9.28 27.60 -10.70
CA MET B 242 -8.18 28.15 -11.49
C MET B 242 -6.93 28.22 -10.64
N ILE B 243 -5.77 28.28 -11.29
CA ILE B 243 -4.51 28.42 -10.57
C ILE B 243 -4.10 29.89 -10.50
N TYR B 244 -4.13 30.44 -9.29
CA TYR B 244 -3.73 31.83 -9.06
C TYR B 244 -3.00 31.94 -7.73
N PRO B 245 -2.02 32.85 -7.66
CA PRO B 245 -1.39 33.18 -6.37
C PRO B 245 -2.43 33.77 -5.41
N PRO B 246 -2.23 33.59 -4.10
CA PRO B 246 -3.21 34.04 -3.11
C PRO B 246 -3.39 35.57 -3.07
N HIS B 247 -2.45 36.31 -3.65
CA HIS B 247 -2.52 37.77 -3.60
C HIS B 247 -3.30 38.34 -4.78
N ILE B 248 -3.87 37.47 -5.61
CA ILE B 248 -4.69 37.89 -6.73
C ILE B 248 -6.13 38.14 -6.30
N PRO B 249 -6.63 39.37 -6.51
CA PRO B 249 -8.00 39.75 -6.16
C PRO B 249 -9.04 38.88 -6.87
N GLU B 250 -10.22 38.74 -6.26
CA GLU B 250 -11.26 37.88 -6.82
C GLU B 250 -11.75 38.37 -8.18
N ASN B 251 -11.85 39.68 -8.34
CA ASN B 251 -12.35 40.25 -9.60
C ASN B 251 -11.35 40.13 -10.73
N LEU B 252 -10.15 39.64 -10.42
CA LEU B 252 -9.11 39.45 -11.42
C LEU B 252 -8.83 37.97 -11.66
N GLN B 253 -9.54 37.10 -10.95
CA GLN B 253 -9.40 35.66 -11.13
C GLN B 253 -10.34 35.15 -12.21
N PHE B 254 -9.98 35.38 -13.46
CA PHE B 254 -10.81 34.94 -14.58
C PHE B 254 -10.82 33.43 -14.71
N ALA B 255 -11.98 32.86 -15.01
CA ALA B 255 -12.13 31.41 -15.14
C ALA B 255 -12.35 31.00 -16.59
N VAL B 256 -11.44 30.17 -17.10
CA VAL B 256 -11.56 29.64 -18.45
C VAL B 256 -11.36 28.13 -18.43
N GLY B 257 -11.40 27.51 -19.61
CA GLY B 257 -11.30 26.08 -19.74
C GLY B 257 -10.05 25.47 -19.13
N GLN B 258 -8.90 25.97 -19.55
CA GLN B 258 -7.62 25.50 -19.00
C GLN B 258 -7.26 26.26 -17.73
N GLU B 259 -7.00 25.51 -16.65
CA GLU B 259 -6.82 26.09 -15.33
C GLU B 259 -5.54 26.88 -15.14
N VAL B 260 -4.64 26.84 -16.12
CA VAL B 260 -3.36 27.53 -15.98
C VAL B 260 -3.24 28.75 -16.88
N PHE B 261 -4.32 29.12 -17.56
CA PHE B 261 -4.28 30.25 -18.48
C PHE B 261 -4.34 31.60 -17.78
N GLY B 262 -4.40 31.59 -16.45
CA GLY B 262 -4.29 32.80 -15.67
C GLY B 262 -2.83 33.18 -15.47
N LEU B 263 -1.95 32.26 -15.83
CA LEU B 263 -0.50 32.45 -15.69
C LEU B 263 0.00 33.64 -16.50
N VAL B 264 -0.43 33.72 -17.76
CA VAL B 264 0.04 34.76 -18.65
C VAL B 264 -1.12 35.54 -19.27
N PRO B 265 -1.04 36.87 -19.25
CA PRO B 265 -2.02 37.75 -19.91
C PRO B 265 -2.15 37.44 -21.41
N GLY B 266 -1.07 36.94 -22.01
CA GLY B 266 -1.09 36.55 -23.40
C GLY B 266 -2.03 35.38 -23.64
N LEU B 267 -2.12 34.48 -22.66
CA LEU B 267 -3.02 33.35 -22.73
C LEU B 267 -4.47 33.78 -22.50
N MET B 268 -4.66 34.68 -21.54
CA MET B 268 -5.99 35.18 -21.21
C MET B 268 -6.56 35.97 -22.39
N MET B 269 -5.68 36.60 -23.15
CA MET B 269 -6.06 37.32 -24.36
C MET B 269 -6.78 36.39 -25.33
N TYR B 270 -6.09 35.31 -25.71
CA TYR B 270 -6.65 34.33 -26.64
C TYR B 270 -7.86 33.61 -26.06
N ALA B 271 -7.84 33.38 -24.75
CA ALA B 271 -8.99 32.77 -24.08
C ALA B 271 -10.24 33.65 -24.27
N THR B 272 -10.05 34.94 -24.04
CA THR B 272 -11.13 35.92 -24.22
C THR B 272 -11.61 35.96 -25.67
N ILE B 273 -10.66 36.06 -26.60
CA ILE B 273 -10.99 36.09 -28.02
C ILE B 273 -11.81 34.88 -28.44
N TRP B 274 -11.38 33.69 -28.03
CA TRP B 274 -12.08 32.45 -28.39
C TRP B 274 -13.44 32.35 -27.71
N LEU B 275 -13.55 32.88 -26.49
CA LEU B 275 -14.83 32.96 -25.81
C LEU B 275 -15.83 33.79 -26.65
N ARG B 276 -15.40 35.00 -26.98
CA ARG B 276 -16.18 35.90 -27.81
C ARG B 276 -16.57 35.25 -29.14
N GLU B 277 -15.64 34.48 -29.71
CA GLU B 277 -15.90 33.78 -30.96
C GLU B 277 -16.99 32.72 -30.79
N HIS B 278 -16.92 31.96 -29.70
CA HIS B 278 -17.93 30.96 -29.42
C HIS B 278 -19.30 31.60 -29.30
N ASN B 279 -19.39 32.70 -28.56
CA ASN B 279 -20.69 33.36 -28.40
C ASN B 279 -21.19 33.98 -29.72
N ARG B 280 -20.26 34.47 -30.54
CA ARG B 280 -20.62 35.00 -31.86
C ARG B 280 -21.23 33.91 -32.73
N VAL B 281 -20.54 32.77 -32.79
CA VAL B 281 -21.02 31.61 -33.54
C VAL B 281 -22.38 31.17 -33.02
N CYS B 282 -22.56 31.23 -31.70
CA CYS B 282 -23.85 30.93 -31.09
C CYS B 282 -24.94 31.87 -31.61
N ASP B 283 -24.61 33.16 -31.71
CA ASP B 283 -25.56 34.13 -32.25
C ASP B 283 -25.94 33.80 -33.70
N ILE B 284 -24.93 33.56 -34.53
CA ILE B 284 -25.15 33.22 -35.93
C ILE B 284 -26.04 31.98 -36.09
N LEU B 285 -25.70 30.92 -35.37
CA LEU B 285 -26.46 29.67 -35.41
C LEU B 285 -27.88 29.86 -34.91
N LYS B 286 -28.05 30.65 -33.86
CA LYS B 286 -29.38 30.93 -33.33
C LYS B 286 -30.22 31.65 -34.37
N GLN B 287 -29.59 32.58 -35.10
CA GLN B 287 -30.30 33.27 -36.17
C GLN B 287 -30.66 32.30 -37.29
N GLU B 288 -29.79 31.32 -37.53
CA GLU B 288 -30.05 30.32 -38.56
C GLU B 288 -31.06 29.27 -38.10
N HIS B 289 -31.00 28.90 -36.82
CA HIS B 289 -31.90 27.89 -36.28
C HIS B 289 -32.63 28.38 -35.04
N PRO B 290 -33.73 29.12 -35.22
CA PRO B 290 -34.50 29.60 -34.07
C PRO B 290 -35.21 28.46 -33.34
N GLU B 291 -35.30 27.30 -33.98
CA GLU B 291 -35.95 26.14 -33.38
C GLU B 291 -34.99 25.30 -32.56
N TRP B 292 -33.74 25.75 -32.46
CA TRP B 292 -32.72 25.01 -31.73
C TRP B 292 -32.66 25.38 -30.25
N GLY B 293 -32.35 24.40 -29.43
CA GLY B 293 -32.17 24.63 -28.00
C GLY B 293 -30.74 24.93 -27.66
N ASP B 294 -30.50 25.25 -26.38
CA ASP B 294 -29.19 25.65 -25.89
C ASP B 294 -28.09 24.62 -26.16
N GLU B 295 -28.40 23.35 -25.90
CA GLU B 295 -27.43 22.27 -26.01
C GLU B 295 -26.88 22.11 -27.43
N GLN B 296 -27.78 22.04 -28.41
CA GLN B 296 -27.38 21.87 -29.80
C GLN B 296 -26.55 23.05 -30.29
N LEU B 297 -26.97 24.25 -29.90
CA LEU B 297 -26.24 25.47 -30.25
C LEU B 297 -24.82 25.38 -29.69
N PHE B 298 -24.69 25.01 -28.43
CA PHE B 298 -23.38 24.88 -27.79
C PHE B 298 -22.49 23.87 -28.52
N GLN B 299 -23.01 22.66 -28.71
CA GLN B 299 -22.23 21.58 -29.33
C GLN B 299 -21.78 21.94 -30.74
N THR B 300 -22.74 22.40 -31.55
CA THR B 300 -22.45 22.79 -32.93
C THR B 300 -21.41 23.90 -32.96
N SER B 301 -21.56 24.88 -32.06
CA SER B 301 -20.58 25.96 -31.94
C SER B 301 -19.19 25.40 -31.62
N ARG B 302 -19.14 24.40 -30.75
CA ARG B 302 -17.87 23.81 -30.37
C ARG B 302 -17.20 23.13 -31.57
N LEU B 303 -17.97 22.33 -32.30
CA LEU B 303 -17.44 21.68 -33.51
C LEU B 303 -16.91 22.72 -34.50
N ILE B 304 -17.70 23.77 -34.70
CA ILE B 304 -17.31 24.85 -35.59
C ILE B 304 -15.98 25.49 -35.17
N LEU B 305 -15.84 25.76 -33.87
CA LEU B 305 -14.61 26.38 -33.37
C LEU B 305 -13.42 25.43 -33.48
N ILE B 306 -13.66 24.13 -33.36
CA ILE B 306 -12.61 23.15 -33.61
C ILE B 306 -12.14 23.26 -35.06
N GLY B 307 -13.11 23.31 -35.97
CA GLY B 307 -12.80 23.51 -37.38
C GLY B 307 -11.98 24.75 -37.65
N GLU B 308 -12.42 25.87 -37.07
CA GLU B 308 -11.71 27.14 -37.20
C GLU B 308 -10.28 27.00 -36.69
N THR B 309 -10.13 26.31 -35.57
CA THR B 309 -8.82 26.12 -34.96
C THR B 309 -7.89 25.39 -35.91
N ILE B 310 -8.33 24.24 -36.41
CA ILE B 310 -7.50 23.48 -37.35
C ILE B 310 -7.16 24.31 -38.60
N LYS B 311 -8.17 24.99 -39.13
CA LYS B 311 -8.01 25.86 -40.30
C LYS B 311 -6.91 26.91 -40.10
N ILE B 312 -7.01 27.65 -39.02
CA ILE B 312 -6.05 28.71 -38.70
C ILE B 312 -4.66 28.14 -38.45
N VAL B 313 -4.60 27.01 -37.76
CA VAL B 313 -3.31 26.36 -37.50
C VAL B 313 -2.61 25.98 -38.81
N ILE B 314 -3.37 25.41 -39.75
CA ILE B 314 -2.76 24.99 -41.01
C ILE B 314 -2.40 26.17 -41.92
N GLU B 315 -3.37 27.05 -42.20
CA GLU B 315 -3.20 28.04 -43.26
C GLU B 315 -2.60 29.38 -42.81
N ASP B 316 -2.37 29.54 -41.52
CA ASP B 316 -1.76 30.77 -41.01
C ASP B 316 -0.53 30.48 -40.17
N TYR B 317 -0.75 29.71 -39.10
CA TYR B 317 0.30 29.32 -38.16
C TYR B 317 1.43 28.56 -38.84
N VAL B 318 1.11 27.36 -39.32
CA VAL B 318 2.08 26.53 -40.03
C VAL B 318 2.52 27.19 -41.33
N GLN B 319 1.62 27.95 -41.96
CA GLN B 319 1.97 28.67 -43.18
C GLN B 319 3.09 29.67 -42.90
N HIS B 320 3.02 30.34 -41.76
CA HIS B 320 4.05 31.29 -41.35
C HIS B 320 5.33 30.57 -40.95
N LEU B 321 5.19 29.51 -40.15
CA LEU B 321 6.36 28.75 -39.70
C LEU B 321 7.17 28.19 -40.87
N SER B 322 6.46 27.69 -41.87
CA SER B 322 7.08 26.98 -42.99
C SER B 322 7.97 27.88 -43.84
N GLY B 323 7.50 29.09 -44.11
CA GLY B 323 8.20 29.98 -45.03
C GLY B 323 7.96 29.54 -46.46
N TYR B 324 6.99 28.65 -46.65
CA TYR B 324 6.65 28.16 -47.97
C TYR B 324 6.01 29.24 -48.82
N HIS B 325 6.31 29.23 -50.11
CA HIS B 325 5.63 30.11 -51.06
C HIS B 325 4.35 29.44 -51.51
N PHE B 326 4.34 28.11 -51.46
CA PHE B 326 3.14 27.33 -51.72
C PHE B 326 2.14 27.50 -50.57
N LYS B 327 0.91 27.83 -50.92
CA LYS B 327 -0.13 28.05 -49.91
C LYS B 327 -0.73 26.73 -49.44
N LEU B 328 -0.43 26.38 -48.19
CA LEU B 328 -1.01 25.19 -47.57
C LEU B 328 -2.53 25.32 -47.50
N LYS B 329 -3.22 24.20 -47.63
CA LYS B 329 -4.68 24.23 -47.65
C LYS B 329 -5.28 23.20 -46.70
N PHE B 330 -6.20 23.65 -45.86
CA PHE B 330 -6.93 22.75 -44.99
C PHE B 330 -8.14 22.16 -45.72
N ASP B 331 -8.03 20.89 -46.08
CA ASP B 331 -9.11 20.21 -46.78
C ASP B 331 -9.06 18.70 -46.54
N PRO B 332 -9.92 18.21 -45.62
CA PRO B 332 -10.02 16.80 -45.27
C PRO B 332 -10.28 15.89 -46.47
N GLU B 333 -10.99 16.41 -47.47
CA GLU B 333 -11.36 15.63 -48.65
C GLU B 333 -10.17 15.05 -49.40
N LEU B 334 -8.99 15.64 -49.20
CA LEU B 334 -7.78 15.18 -49.86
C LEU B 334 -7.29 13.84 -49.32
N LEU B 335 -7.84 13.42 -48.18
CA LEU B 335 -7.41 12.18 -47.55
C LEU B 335 -8.45 11.07 -47.65
N PHE B 336 -9.58 11.36 -48.28
CA PHE B 336 -10.68 10.41 -48.35
C PHE B 336 -10.35 9.20 -49.22
N ASN B 337 -9.54 9.41 -50.25
CA ASN B 337 -9.20 8.34 -51.18
C ASN B 337 -7.87 7.67 -50.84
N GLN B 338 -7.41 7.88 -49.61
CA GLN B 338 -6.14 7.31 -49.16
C GLN B 338 -6.27 6.69 -47.77
N GLN B 339 -5.33 5.82 -47.42
CA GLN B 339 -5.29 5.22 -46.09
C GLN B 339 -4.86 6.24 -45.04
N PHE B 340 -5.71 6.45 -44.04
CA PHE B 340 -5.42 7.41 -42.98
C PHE B 340 -6.28 7.12 -41.76
N GLN B 341 -5.62 6.86 -40.63
CA GLN B 341 -6.33 6.57 -39.39
C GLN B 341 -6.80 7.84 -38.71
N TYR B 342 -8.11 7.97 -38.53
CA TYR B 342 -8.68 9.14 -37.88
C TYR B 342 -8.67 8.97 -36.36
N GLN B 343 -7.46 8.93 -35.81
CA GLN B 343 -7.26 8.82 -34.37
C GLN B 343 -5.86 9.34 -34.05
N ASN B 344 -5.64 9.71 -32.79
CA ASN B 344 -4.35 10.25 -32.40
C ASN B 344 -4.06 10.04 -30.92
N ARG B 345 -2.78 9.86 -30.61
CA ARG B 345 -2.32 9.75 -29.24
C ARG B 345 -1.12 10.66 -29.08
N ILE B 346 -1.22 11.66 -28.21
CA ILE B 346 -0.17 12.65 -28.05
C ILE B 346 1.13 12.03 -27.55
N ALA B 347 2.22 12.27 -28.28
CA ALA B 347 3.52 11.69 -27.95
C ALA B 347 4.31 12.58 -27.00
N SER B 348 5.08 11.95 -26.14
CA SER B 348 5.92 12.67 -25.18
C SER B 348 6.97 13.52 -25.89
N GLU B 349 7.53 12.98 -26.97
CA GLU B 349 8.55 13.70 -27.73
C GLU B 349 7.95 14.93 -28.42
N PHE B 350 6.68 14.82 -28.82
CA PHE B 350 5.96 15.95 -29.39
C PHE B 350 5.87 17.08 -28.37
N ASN B 351 5.60 16.70 -27.13
CA ASN B 351 5.59 17.66 -26.02
C ASN B 351 6.95 18.28 -25.83
N THR B 352 7.98 17.44 -25.82
CA THR B 352 9.35 17.88 -25.58
C THR B 352 9.83 18.88 -26.62
N LEU B 353 9.61 18.58 -27.89
CA LEU B 353 10.12 19.44 -28.97
C LEU B 353 9.37 20.76 -29.07
N TYR B 354 8.19 20.83 -28.47
CA TYR B 354 7.37 22.02 -28.57
C TYR B 354 7.63 23.03 -27.45
N HIS B 355 8.67 22.78 -26.66
CA HIS B 355 9.08 23.74 -25.64
C HIS B 355 9.82 24.90 -26.29
N TRP B 356 9.08 25.80 -26.93
CA TRP B 356 9.67 26.88 -27.71
C TRP B 356 9.82 28.16 -26.88
N HIS B 357 10.35 28.03 -25.68
CA HIS B 357 10.60 29.17 -24.81
C HIS B 357 11.57 30.24 -25.36
N PRO B 358 12.52 29.85 -26.23
CA PRO B 358 13.32 30.91 -26.87
C PRO B 358 12.50 31.97 -27.63
N LEU B 359 11.23 31.69 -27.91
CA LEU B 359 10.35 32.67 -28.53
C LEU B 359 10.16 33.89 -27.64
N LEU B 360 10.22 33.67 -26.33
CA LEU B 360 9.97 34.72 -25.35
C LEU B 360 11.04 35.80 -25.36
N PRO B 361 10.61 37.06 -25.34
CA PRO B 361 11.52 38.21 -25.23
C PRO B 361 11.90 38.46 -23.79
N ASP B 362 12.87 39.35 -23.56
CA ASP B 362 13.30 39.68 -22.21
C ASP B 362 12.19 40.47 -21.49
N THR B 363 11.53 41.35 -22.22
CA THR B 363 10.41 42.11 -21.68
C THR B 363 9.21 42.06 -22.62
N PHE B 364 8.03 42.34 -22.08
CA PHE B 364 6.80 42.37 -22.86
C PHE B 364 6.36 43.80 -23.08
N ASN B 365 6.42 44.25 -24.34
CA ASN B 365 6.10 45.62 -24.69
C ASN B 365 4.64 45.78 -25.09
N ILE B 366 3.89 46.50 -24.27
CA ILE B 366 2.48 46.77 -24.55
C ILE B 366 2.24 48.27 -24.60
N GLU B 367 1.82 48.76 -25.76
CA GLU B 367 1.62 50.19 -26.02
C GLU B 367 2.93 50.95 -25.81
N ASP B 368 3.09 51.56 -24.64
CA ASP B 368 4.31 52.31 -24.34
C ASP B 368 4.97 51.83 -23.05
N GLN B 369 4.57 50.64 -22.61
CA GLN B 369 5.10 50.06 -21.39
C GLN B 369 5.96 48.83 -21.69
N GLU B 370 6.98 48.61 -20.87
CA GLU B 370 7.80 47.40 -20.98
C GLU B 370 7.77 46.64 -19.67
N TYR B 371 7.02 45.55 -19.64
CA TYR B 371 6.87 44.78 -18.40
C TYR B 371 7.90 43.66 -18.29
N SER B 372 8.43 43.48 -17.09
CA SER B 372 9.33 42.36 -16.84
C SER B 372 8.53 41.08 -16.69
N PHE B 373 9.23 39.95 -16.57
CA PHE B 373 8.58 38.67 -16.35
C PHE B 373 7.82 38.66 -15.02
N LYS B 374 8.43 39.26 -14.01
CA LYS B 374 7.82 39.32 -12.68
C LYS B 374 6.53 40.13 -12.71
N GLN B 375 6.52 41.22 -13.47
CA GLN B 375 5.36 42.10 -13.56
C GLN B 375 4.27 41.51 -14.46
N PHE B 376 4.67 40.73 -15.45
CA PHE B 376 3.75 40.24 -16.46
C PHE B 376 2.97 39.01 -16.00
N LEU B 377 3.66 38.07 -15.35
CA LEU B 377 3.05 36.82 -14.90
C LEU B 377 1.90 37.05 -13.93
N TYR B 378 0.81 36.31 -14.14
CA TYR B 378 -0.37 36.36 -13.28
C TYR B 378 -0.93 37.77 -13.09
N ASN B 379 -0.83 38.60 -14.13
CA ASN B 379 -1.29 39.98 -14.05
C ASN B 379 -2.31 40.31 -15.12
N ASN B 380 -3.57 39.98 -14.86
CA ASN B 380 -4.65 40.25 -15.81
C ASN B 380 -5.10 41.70 -15.76
N SER B 381 -4.69 42.40 -14.70
CA SER B 381 -4.97 43.83 -14.56
C SER B 381 -4.29 44.62 -15.67
N ILE B 382 -3.23 44.04 -16.24
CA ILE B 382 -2.58 44.62 -17.40
C ILE B 382 -3.50 44.54 -18.60
N LEU B 383 -4.11 43.37 -18.79
CA LEU B 383 -5.06 43.16 -19.87
C LEU B 383 -6.25 44.10 -19.74
N LEU B 384 -6.76 44.23 -18.51
CA LEU B 384 -7.87 45.16 -18.27
C LEU B 384 -7.43 46.61 -18.49
N GLU B 385 -6.16 46.87 -18.21
CA GLU B 385 -5.60 48.21 -18.34
C GLU B 385 -5.52 48.66 -19.79
N HIS B 386 -4.90 47.84 -20.63
CA HIS B 386 -4.67 48.22 -22.02
C HIS B 386 -5.83 47.82 -22.92
N GLY B 387 -6.46 46.69 -22.63
CA GLY B 387 -7.56 46.22 -23.44
C GLY B 387 -7.10 45.26 -24.52
N LEU B 388 -8.05 44.59 -25.16
CA LEU B 388 -7.74 43.57 -26.15
C LEU B 388 -7.15 44.16 -27.43
N THR B 389 -7.70 45.28 -27.88
CA THR B 389 -7.24 45.92 -29.10
C THR B 389 -5.77 46.33 -29.00
N GLN B 390 -5.42 47.01 -27.91
CA GLN B 390 -4.06 47.44 -27.68
C GLN B 390 -3.12 46.25 -27.52
N PHE B 391 -3.62 45.18 -26.90
CA PHE B 391 -2.85 43.97 -26.73
C PHE B 391 -2.51 43.33 -28.07
N VAL B 392 -3.49 43.25 -28.96
CA VAL B 392 -3.29 42.70 -30.29
C VAL B 392 -2.33 43.56 -31.09
N GLU B 393 -2.57 44.87 -31.08
CA GLU B 393 -1.73 45.81 -31.82
C GLU B 393 -0.29 45.81 -31.33
N SER B 394 -0.10 45.54 -30.04
CA SER B 394 1.24 45.54 -29.45
C SER B 394 1.96 44.22 -29.74
N PHE B 395 1.26 43.10 -29.51
CA PHE B 395 1.84 41.79 -29.74
C PHE B 395 2.14 41.56 -31.22
N THR B 396 1.40 42.24 -32.08
CA THR B 396 1.65 42.19 -33.52
C THR B 396 2.97 42.89 -33.86
N ARG B 397 3.33 43.89 -33.07
CA ARG B 397 4.53 44.69 -33.34
C ARG B 397 5.81 44.10 -32.75
N GLN B 398 5.71 43.48 -31.58
CA GLN B 398 6.89 42.96 -30.90
C GLN B 398 7.35 41.63 -31.50
N ILE B 399 8.62 41.57 -31.88
CA ILE B 399 9.17 40.37 -32.53
C ILE B 399 9.55 39.31 -31.50
N ALA B 400 9.37 38.04 -31.86
CA ALA B 400 9.73 36.93 -31.00
C ALA B 400 11.18 36.49 -31.27
N GLY B 401 11.67 35.55 -30.47
CA GLY B 401 13.05 35.12 -30.57
C GLY B 401 13.24 33.85 -31.37
N ARG B 402 14.47 33.64 -31.84
CA ARG B 402 14.81 32.45 -32.61
CA ARG B 402 14.81 32.45 -32.61
C ARG B 402 14.86 31.23 -31.68
N VAL B 403 14.25 30.13 -32.13
CA VAL B 403 14.18 28.92 -31.31
C VAL B 403 15.43 28.06 -31.45
N ALA B 404 15.81 27.73 -32.67
CA ALA B 404 17.04 27.00 -32.93
C ALA B 404 18.21 27.98 -32.99
N GLY B 405 19.42 27.47 -33.17
CA GLY B 405 20.59 28.32 -33.29
C GLY B 405 21.41 28.40 -32.01
N GLY B 406 20.78 28.06 -30.88
CA GLY B 406 21.47 28.00 -29.61
C GLY B 406 21.49 29.30 -28.83
N ARG B 407 21.61 29.18 -27.51
CA ARG B 407 21.77 30.31 -26.60
C ARG B 407 20.70 31.39 -26.76
N ASN B 408 19.43 31.01 -26.65
CA ASN B 408 18.36 31.98 -26.73
C ASN B 408 17.21 31.68 -25.77
N VAL B 409 17.48 30.82 -24.79
CA VAL B 409 16.51 30.56 -23.73
C VAL B 409 16.57 31.67 -22.69
N PRO B 410 15.47 32.40 -22.51
CA PRO B 410 15.41 33.49 -21.53
C PRO B 410 15.73 33.00 -20.11
N ILE B 411 16.54 33.77 -19.39
CA ILE B 411 17.01 33.38 -18.06
C ILE B 411 15.85 33.20 -17.09
N ALA B 412 14.79 34.00 -17.27
CA ALA B 412 13.64 34.01 -16.38
C ALA B 412 13.02 32.63 -16.23
N VAL B 413 13.15 31.81 -17.27
CA VAL B 413 12.58 30.47 -17.25
C VAL B 413 13.65 29.39 -17.36
N GLN B 414 14.87 29.69 -16.90
CA GLN B 414 15.96 28.73 -16.98
C GLN B 414 15.57 27.40 -16.33
N ALA B 415 14.93 27.49 -15.16
CA ALA B 415 14.49 26.32 -14.41
C ALA B 415 13.60 25.40 -15.25
N VAL B 416 12.84 26.00 -16.15
CA VAL B 416 12.00 25.22 -17.05
C VAL B 416 12.88 24.41 -17.99
N ALA B 417 13.83 25.08 -18.64
CA ALA B 417 14.68 24.43 -19.63
C ALA B 417 15.42 23.25 -19.02
N LYS B 418 16.04 23.48 -17.87
CA LYS B 418 16.74 22.43 -17.15
C LYS B 418 15.80 21.24 -16.92
N ALA B 419 14.56 21.54 -16.51
CA ALA B 419 13.58 20.50 -16.29
C ALA B 419 13.40 19.67 -17.55
N SER B 420 13.25 20.37 -18.68
CA SER B 420 13.08 19.72 -19.97
C SER B 420 14.20 18.73 -20.23
N ILE B 421 15.39 19.05 -19.74
CA ILE B 421 16.50 18.10 -19.84
C ILE B 421 16.29 16.97 -18.85
N ASP B 422 16.15 17.33 -17.58
CA ASP B 422 16.09 16.35 -16.49
C ASP B 422 14.99 15.33 -16.73
N GLN B 423 13.78 15.82 -16.95
CA GLN B 423 12.64 14.96 -17.22
C GLN B 423 12.88 14.07 -18.44
N SER B 424 13.53 14.62 -19.46
CA SER B 424 13.86 13.83 -20.66
C SER B 424 14.71 12.64 -20.27
N ARG B 425 15.63 12.85 -19.33
CA ARG B 425 16.47 11.78 -18.83
C ARG B 425 15.67 10.86 -17.93
N GLU B 426 14.71 11.44 -17.21
CA GLU B 426 13.87 10.66 -16.30
C GLU B 426 12.97 9.71 -17.08
N MET B 427 12.55 10.12 -18.27
CA MET B 427 11.69 9.30 -19.11
C MET B 427 12.50 8.39 -20.03
N LYS B 428 13.82 8.41 -19.84
CA LYS B 428 14.75 7.54 -20.57
C LYS B 428 14.67 7.70 -22.09
N TYR B 429 14.72 8.94 -22.57
CA TYR B 429 14.74 9.23 -24.00
C TYR B 429 15.98 8.64 -24.67
N GLN B 430 15.80 8.12 -25.89
CA GLN B 430 16.94 7.71 -26.70
C GLN B 430 17.65 8.93 -27.27
N SER B 431 18.80 8.72 -27.90
CA SER B 431 19.63 9.83 -28.35
C SER B 431 19.06 10.55 -29.57
N LEU B 432 19.67 11.69 -29.90
CA LEU B 432 19.27 12.50 -31.04
C LEU B 432 19.28 11.72 -32.35
N ASN B 433 20.43 11.11 -32.65
CA ASN B 433 20.60 10.38 -33.90
C ASN B 433 19.64 9.20 -34.04
N GLU B 434 19.26 8.62 -32.92
CA GLU B 434 18.26 7.56 -32.91
C GLU B 434 16.92 8.09 -33.39
N TYR B 435 16.55 9.26 -32.89
CA TYR B 435 15.28 9.88 -33.26
C TYR B 435 15.33 10.41 -34.68
N ARG B 436 16.52 10.73 -35.17
CA ARG B 436 16.68 11.14 -36.56
C ARG B 436 16.50 9.94 -37.48
N LYS B 437 17.11 8.81 -37.11
CA LYS B 437 16.95 7.58 -37.87
C LYS B 437 15.50 7.10 -37.84
N ARG B 438 14.82 7.37 -36.73
CA ARG B 438 13.41 7.00 -36.56
C ARG B 438 12.52 7.75 -37.56
N PHE B 439 12.94 8.94 -37.93
CA PHE B 439 12.18 9.76 -38.88
C PHE B 439 12.90 9.91 -40.22
N SER B 440 13.68 8.89 -40.57
CA SER B 440 14.36 8.81 -41.87
C SER B 440 15.29 10.00 -42.13
N LEU B 441 16.03 10.42 -41.10
CA LEU B 441 16.99 11.50 -41.25
C LEU B 441 18.41 10.98 -41.09
N LYS B 442 19.35 11.61 -41.79
CA LYS B 442 20.76 11.24 -41.69
C LYS B 442 21.31 11.63 -40.31
N PRO B 443 21.91 10.68 -39.60
CA PRO B 443 22.51 10.94 -38.28
C PRO B 443 23.66 11.93 -38.39
N TYR B 444 23.82 12.79 -37.38
CA TYR B 444 24.92 13.74 -37.37
C TYR B 444 26.23 13.03 -37.03
N THR B 445 27.29 13.37 -37.76
CA THR B 445 28.58 12.71 -37.60
C THR B 445 29.54 13.54 -36.74
N SER B 446 29.13 14.74 -36.38
CA SER B 446 29.92 15.60 -35.52
C SER B 446 29.04 16.68 -34.89
N PHE B 447 29.56 17.36 -33.88
CA PHE B 447 28.82 18.43 -33.21
C PHE B 447 28.80 19.69 -34.07
N GLU B 448 29.88 19.89 -34.83
CA GLU B 448 29.96 21.02 -35.75
C GLU B 448 28.92 20.88 -36.86
N GLU B 449 28.64 19.65 -37.26
CA GLU B 449 27.60 19.39 -38.25
C GLU B 449 26.23 19.72 -37.68
N LEU B 450 26.05 19.40 -36.40
CA LEU B 450 24.81 19.68 -35.70
C LEU B 450 24.55 21.17 -35.58
N THR B 451 25.59 21.91 -35.18
CA THR B 451 25.43 23.34 -34.92
C THR B 451 25.70 24.20 -36.15
N GLY B 452 26.54 23.70 -37.07
CA GLY B 452 26.98 24.50 -38.20
C GLY B 452 27.85 25.63 -37.69
N GLU B 453 28.60 25.32 -36.63
CA GLU B 453 29.31 26.32 -35.84
C GLU B 453 30.39 25.61 -35.03
N LYS B 454 31.41 26.34 -34.59
CA LYS B 454 32.58 25.71 -33.96
C LYS B 454 32.64 25.81 -32.43
N GLU B 455 32.11 26.91 -31.87
CA GLU B 455 32.23 27.16 -30.43
C GLU B 455 31.32 26.26 -29.58
N MET B 456 30.02 26.42 -29.75
CA MET B 456 29.03 25.60 -29.06
C MET B 456 29.26 24.12 -29.34
N ALA B 457 29.73 23.82 -30.55
CA ALA B 457 30.07 22.45 -30.93
C ALA B 457 31.21 21.92 -30.08
N ALA B 458 32.20 22.77 -29.81
CA ALA B 458 33.33 22.40 -28.97
C ALA B 458 32.90 22.19 -27.53
N GLU B 459 32.03 23.08 -27.05
CA GLU B 459 31.48 22.94 -25.69
C GLU B 459 30.74 21.60 -25.55
N LEU B 460 29.83 21.34 -26.49
CA LEU B 460 29.05 20.11 -26.50
C LEU B 460 29.92 18.88 -26.66
N LYS B 461 31.02 19.01 -27.38
CA LYS B 461 31.93 17.88 -27.56
C LYS B 461 32.67 17.62 -26.26
N ALA B 462 32.96 18.69 -25.53
CA ALA B 462 33.57 18.56 -24.21
C ALA B 462 32.61 17.90 -23.22
N LEU B 463 31.32 18.20 -23.36
CA LEU B 463 30.33 17.69 -22.43
C LEU B 463 29.87 16.25 -22.70
N TYR B 464 29.72 15.91 -23.97
CA TYR B 464 29.12 14.64 -24.36
C TYR B 464 30.11 13.63 -24.95
N SER B 465 31.29 14.11 -25.31
CA SER B 465 32.35 13.28 -25.92
C SER B 465 31.95 12.69 -27.28
N ASP B 466 30.80 12.02 -27.34
CA ASP B 466 30.33 11.38 -28.57
C ASP B 466 29.05 12.03 -29.07
N ILE B 467 28.93 12.14 -30.39
CA ILE B 467 27.75 12.73 -31.00
C ILE B 467 26.54 11.80 -30.87
N ASP B 468 26.79 10.50 -30.77
CA ASP B 468 25.72 9.52 -30.65
C ASP B 468 25.14 9.46 -29.24
N VAL B 469 25.62 10.32 -28.35
CA VAL B 469 25.12 10.39 -26.99
C VAL B 469 24.41 11.71 -26.76
N MET B 470 24.41 12.56 -27.79
CA MET B 470 23.72 13.86 -27.71
C MET B 470 22.23 13.67 -27.48
N GLU B 471 21.66 14.49 -26.59
CA GLU B 471 20.25 14.40 -26.24
C GLU B 471 19.38 15.15 -27.24
N LEU B 472 18.10 14.82 -27.29
CA LEU B 472 17.19 15.35 -28.30
C LEU B 472 16.86 16.83 -28.12
N TYR B 473 16.42 17.20 -26.91
CA TYR B 473 15.94 18.55 -26.64
C TYR B 473 17.02 19.65 -26.84
N PRO B 474 18.18 19.54 -26.17
CA PRO B 474 19.16 20.61 -26.38
C PRO B 474 19.68 20.63 -27.81
N ALA B 475 19.72 19.47 -28.46
CA ALA B 475 20.11 19.41 -29.86
C ALA B 475 19.12 20.18 -30.71
N LEU B 476 17.85 20.06 -30.36
CA LEU B 476 16.79 20.80 -31.02
C LEU B 476 17.00 22.29 -30.82
N LEU B 477 17.45 22.68 -29.63
CA LEU B 477 17.61 24.10 -29.34
C LEU B 477 18.93 24.71 -29.86
N VAL B 478 19.90 23.88 -30.20
CA VAL B 478 21.19 24.40 -30.69
C VAL B 478 21.46 24.03 -32.15
N GLU B 479 20.53 23.31 -32.77
CA GLU B 479 20.71 22.82 -34.14
C GLU B 479 20.92 23.96 -35.13
N LYS B 480 21.69 23.68 -36.18
CA LYS B 480 21.82 24.63 -37.29
C LYS B 480 20.45 24.89 -37.90
N PRO B 481 20.01 26.16 -37.84
CA PRO B 481 18.71 26.50 -38.42
C PRO B 481 18.76 26.48 -39.95
N ARG B 482 17.61 26.31 -40.59
CA ARG B 482 17.52 26.50 -42.03
C ARG B 482 17.87 27.95 -42.35
N PRO B 483 18.33 28.23 -43.59
CA PRO B 483 18.71 29.58 -44.00
C PRO B 483 17.70 30.65 -43.61
N ASP B 484 18.08 31.50 -42.65
CA ASP B 484 17.22 32.56 -42.13
C ASP B 484 15.88 32.04 -41.62
N ALA B 485 15.90 30.85 -41.04
CA ALA B 485 14.69 30.24 -40.49
C ALA B 485 14.77 30.12 -38.97
N ILE B 486 13.64 29.80 -38.37
CA ILE B 486 13.54 29.72 -36.91
C ILE B 486 13.92 28.32 -36.41
N PHE B 487 13.75 27.31 -37.26
CA PHE B 487 13.98 25.93 -36.87
C PHE B 487 15.06 25.24 -37.68
N GLY B 488 15.52 24.10 -37.18
CA GLY B 488 16.42 23.24 -37.92
C GLY B 488 15.66 22.08 -38.53
N GLU B 489 16.38 21.12 -39.10
CA GLU B 489 15.78 19.99 -39.79
C GLU B 489 15.00 19.07 -38.85
N THR B 490 15.62 18.72 -37.73
CA THR B 490 15.06 17.76 -36.78
C THR B 490 13.71 18.22 -36.23
N MET B 491 13.66 19.48 -35.79
CA MET B 491 12.45 20.07 -35.24
C MET B 491 11.26 19.92 -36.20
N VAL B 492 11.47 20.28 -37.45
CA VAL B 492 10.43 20.22 -38.46
C VAL B 492 10.05 18.78 -38.80
N GLU B 493 11.05 17.96 -39.09
CA GLU B 493 10.80 16.59 -39.55
C GLU B 493 10.23 15.69 -38.46
N LEU B 494 10.36 16.11 -37.20
CA LEU B 494 9.71 15.38 -36.12
C LEU B 494 8.35 15.98 -35.80
N GLY B 495 8.26 17.31 -35.78
CA GLY B 495 7.04 18.00 -35.40
C GLY B 495 5.92 17.89 -36.42
N ALA B 496 6.27 17.79 -37.69
CA ALA B 496 5.27 17.80 -38.77
C ALA B 496 4.37 16.56 -38.81
N PRO B 497 4.93 15.35 -38.66
CA PRO B 497 4.00 14.20 -38.66
C PRO B 497 3.09 14.16 -37.43
N PHE B 498 3.66 14.46 -36.27
CA PHE B 498 2.89 14.59 -35.03
C PHE B 498 1.74 15.58 -35.22
N SER B 499 2.07 16.71 -35.83
CA SER B 499 1.07 17.76 -36.11
C SER B 499 0.00 17.24 -37.07
N LEU B 500 0.43 16.50 -38.08
CA LEU B 500 -0.50 15.93 -39.05
C LEU B 500 -1.51 15.03 -38.37
N LYS B 501 -1.03 14.10 -37.55
CA LYS B 501 -1.91 13.21 -36.82
C LYS B 501 -2.79 13.97 -35.83
N GLY B 502 -2.26 15.05 -35.27
CA GLY B 502 -2.98 15.83 -34.29
C GLY B 502 -4.04 16.76 -34.87
N LEU B 503 -3.94 17.01 -36.17
CA LEU B 503 -4.86 17.93 -36.83
C LEU B 503 -5.85 17.20 -37.73
N MET B 504 -5.32 16.48 -38.72
CA MET B 504 -6.15 15.77 -39.68
C MET B 504 -6.72 14.48 -39.10
N GLY B 505 -6.16 14.04 -37.97
CA GLY B 505 -6.63 12.86 -37.28
C GLY B 505 -7.90 13.12 -36.50
N ASN B 506 -8.27 14.39 -36.41
CA ASN B 506 -9.49 14.79 -35.71
C ASN B 506 -10.73 14.21 -36.41
N PRO B 507 -11.68 13.70 -35.61
CA PRO B 507 -12.89 13.07 -36.15
C PRO B 507 -13.70 13.98 -37.08
N ILE B 508 -13.62 15.29 -36.90
CA ILE B 508 -14.35 16.20 -37.77
C ILE B 508 -13.78 16.21 -39.19
N CYS B 509 -12.61 15.61 -39.36
CA CYS B 509 -11.98 15.50 -40.67
C CYS B 509 -12.33 14.17 -41.34
N SER B 510 -13.12 13.35 -40.65
CA SER B 510 -13.58 12.08 -41.20
C SER B 510 -14.78 12.29 -42.13
N PRO B 511 -14.89 11.46 -43.18
CA PRO B 511 -15.93 11.62 -44.21
C PRO B 511 -17.36 11.69 -43.68
N GLN B 512 -17.66 10.99 -42.59
CA GLN B 512 -19.00 11.02 -42.03
C GLN B 512 -19.24 12.31 -41.23
N TYR B 513 -18.16 12.98 -40.85
CA TYR B 513 -18.27 14.23 -40.12
C TYR B 513 -18.16 15.45 -41.03
N TRP B 514 -17.23 15.39 -41.99
CA TRP B 514 -16.92 16.55 -42.82
C TRP B 514 -18.03 16.85 -43.82
N LYS B 515 -19.10 17.47 -43.32
CA LYS B 515 -20.25 17.83 -44.14
C LYS B 515 -21.00 18.99 -43.49
N PRO B 516 -21.76 19.77 -44.28
CA PRO B 516 -22.44 20.97 -43.77
C PRO B 516 -23.34 20.72 -42.55
N SER B 517 -24.14 19.66 -42.60
CA SER B 517 -25.12 19.39 -41.55
C SER B 517 -24.47 19.18 -40.18
N THR B 518 -23.21 18.76 -40.18
CA THR B 518 -22.45 18.59 -38.94
C THR B 518 -22.32 19.91 -38.21
N PHE B 519 -22.17 20.98 -38.99
CA PHE B 519 -21.89 22.30 -38.43
C PHE B 519 -23.08 23.25 -38.58
N GLY B 520 -24.28 22.70 -38.61
CA GLY B 520 -25.49 23.49 -38.62
C GLY B 520 -25.91 23.99 -40.00
N GLY B 521 -25.26 23.47 -41.03
CA GLY B 521 -25.58 23.88 -42.38
C GLY B 521 -24.42 24.58 -43.08
N GLU B 522 -24.69 25.11 -44.27
CA GLU B 522 -23.66 25.72 -45.08
C GLU B 522 -23.00 26.94 -44.43
N VAL B 523 -23.73 27.61 -43.56
CA VAL B 523 -23.23 28.83 -42.92
C VAL B 523 -22.09 28.53 -41.94
N GLY B 524 -22.29 27.53 -41.08
CA GLY B 524 -21.25 27.13 -40.14
C GLY B 524 -20.05 26.54 -40.87
N PHE B 525 -20.33 25.70 -41.86
CA PHE B 525 -19.31 25.13 -42.72
C PHE B 525 -18.46 26.25 -43.32
N LYS B 526 -19.12 27.31 -43.75
CA LYS B 526 -18.43 28.46 -44.32
C LYS B 526 -17.62 29.20 -43.26
N ILE B 527 -18.16 29.26 -42.04
CA ILE B 527 -17.43 29.85 -40.92
C ILE B 527 -16.09 29.13 -40.74
N ILE B 528 -16.13 27.80 -40.84
CA ILE B 528 -14.90 27.03 -40.75
C ILE B 528 -13.98 27.28 -41.94
N ASN B 529 -14.50 27.12 -43.15
CA ASN B 529 -13.68 27.16 -44.35
C ASN B 529 -13.19 28.56 -44.75
N THR B 530 -13.60 29.59 -44.02
CA THR B 530 -13.12 30.94 -44.28
C THR B 530 -12.40 31.53 -43.07
N ALA B 531 -12.11 30.68 -42.09
CA ALA B 531 -11.47 31.13 -40.85
C ALA B 531 -10.03 31.56 -41.08
N SER B 532 -9.61 32.57 -40.31
CA SER B 532 -8.23 33.02 -40.29
C SER B 532 -7.99 33.80 -39.00
N ILE B 533 -6.73 33.99 -38.64
CA ILE B 533 -6.39 34.72 -37.43
C ILE B 533 -6.86 36.18 -37.54
N GLN B 534 -6.69 36.74 -38.73
CA GLN B 534 -7.13 38.10 -39.01
C GLN B 534 -8.64 38.22 -38.90
N SER B 535 -9.36 37.20 -39.34
CA SER B 535 -10.82 37.21 -39.28
C SER B 535 -11.31 36.98 -37.86
N LEU B 536 -10.60 36.14 -37.12
CA LEU B 536 -10.91 35.91 -35.71
C LEU B 536 -10.81 37.22 -34.93
N ILE B 537 -9.66 37.87 -35.05
CA ILE B 537 -9.42 39.13 -34.36
C ILE B 537 -10.41 40.20 -34.84
N CYS B 538 -10.60 40.28 -36.16
CA CYS B 538 -11.49 41.29 -36.75
C CYS B 538 -12.92 41.15 -36.24
N ASN B 539 -13.37 39.90 -36.11
CA ASN B 539 -14.73 39.64 -35.66
C ASN B 539 -14.90 39.77 -34.16
N ASN B 540 -13.83 39.57 -33.40
CA ASN B 540 -13.97 39.57 -31.94
C ASN B 540 -13.26 40.68 -31.18
N VAL B 541 -12.41 41.45 -31.86
CA VAL B 541 -11.71 42.54 -31.21
C VAL B 541 -12.21 43.89 -31.73
N LYS B 542 -12.45 44.81 -30.81
CA LYS B 542 -13.03 46.12 -31.15
C LYS B 542 -12.14 46.93 -32.09
N GLY B 543 -12.73 47.40 -33.19
CA GLY B 543 -12.02 48.23 -34.14
C GLY B 543 -11.39 47.44 -35.27
N CYS B 544 -11.51 46.12 -35.20
CA CYS B 544 -10.93 45.22 -36.20
C CYS B 544 -9.46 45.55 -36.49
N PRO B 545 -8.59 45.41 -35.48
CA PRO B 545 -7.19 45.79 -35.67
C PRO B 545 -6.43 44.81 -36.55
N PHE B 546 -5.46 45.30 -37.32
CA PHE B 546 -4.63 44.44 -38.13
C PHE B 546 -3.84 43.50 -37.22
N THR B 547 -3.79 42.23 -37.58
CA THR B 547 -2.97 41.27 -36.85
C THR B 547 -2.31 40.30 -37.82
N SER B 548 -1.25 39.65 -37.33
CA SER B 548 -0.48 38.73 -38.15
C SER B 548 0.44 37.92 -37.24
N PHE B 549 1.04 36.88 -37.80
CA PHE B 549 2.00 36.08 -37.05
C PHE B 549 3.42 36.57 -37.30
N ASN B 550 3.54 37.60 -38.11
CA ASN B 550 4.83 38.22 -38.35
C ASN B 550 4.81 39.71 -38.23
N VAL B 551 5.95 40.28 -37.88
CA VAL B 551 6.06 41.72 -37.68
C VAL B 551 5.97 42.48 -39.01
N ALA C 1 32.00 -0.58 3.30
CA ALA C 1 31.17 -1.02 2.17
C ALA C 1 29.69 -0.74 2.44
N ASN C 2 29.30 -0.78 3.71
CA ASN C 2 27.93 -0.50 4.10
C ASN C 2 27.58 0.96 3.81
N PRO C 3 26.54 1.17 2.98
CA PRO C 3 26.13 2.52 2.55
C PRO C 3 25.62 3.40 3.70
N CYS C 4 25.40 2.80 4.87
CA CYS C 4 24.91 3.55 6.03
C CYS C 4 26.06 3.93 6.97
N CYS C 5 27.29 3.69 6.54
CA CYS C 5 28.46 3.95 7.37
C CYS C 5 28.64 5.43 7.71
N SER C 6 28.14 6.30 6.85
CA SER C 6 28.30 7.74 7.06
C SER C 6 27.24 8.30 7.99
N ASN C 7 26.36 7.43 8.47
CA ASN C 7 25.21 7.83 9.28
C ASN C 7 24.42 8.96 8.62
N PRO C 8 23.91 8.71 7.40
CA PRO C 8 23.30 9.78 6.60
C PRO C 8 21.97 10.28 7.15
N CYS C 9 21.22 9.43 7.82
CA CYS C 9 19.90 9.78 8.30
C CYS C 9 19.94 10.65 9.55
N GLN C 10 19.35 11.84 9.45
CA GLN C 10 19.33 12.78 10.56
C GLN C 10 18.01 12.72 11.32
N ASN C 11 17.99 13.39 12.48
CA ASN C 11 16.78 13.52 13.29
C ASN C 11 16.14 12.19 13.65
N ARG C 12 16.97 11.24 14.08
CA ARG C 12 16.54 9.92 14.55
C ARG C 12 15.80 9.12 13.47
N GLY C 13 16.07 9.44 12.22
CA GLY C 13 15.57 8.63 11.11
C GLY C 13 16.42 7.38 11.02
N GLU C 14 15.84 6.27 10.59
CA GLU C 14 16.56 5.00 10.59
C GLU C 14 17.15 4.68 9.22
N CYS C 15 18.43 4.30 9.19
CA CYS C 15 19.08 3.99 7.93
C CYS C 15 18.97 2.51 7.58
N MET C 16 18.64 2.23 6.34
CA MET C 16 18.54 0.86 5.86
C MET C 16 19.22 0.70 4.51
N SER C 17 20.08 -0.31 4.38
CA SER C 17 20.73 -0.55 3.09
C SER C 17 19.73 -1.10 2.08
N THR C 18 19.67 -0.47 0.91
CA THR C 18 18.79 -0.92 -0.17
C THR C 18 19.64 -1.29 -1.38
N GLY C 19 20.55 -2.23 -1.20
CA GLY C 19 21.52 -2.58 -2.21
C GLY C 19 22.92 -2.44 -1.66
N PHE C 20 23.91 -2.72 -2.48
CA PHE C 20 25.31 -2.67 -2.04
C PHE C 20 25.84 -1.25 -1.91
N ASP C 21 25.29 -0.33 -2.70
CA ASP C 21 25.79 1.03 -2.74
C ASP C 21 24.70 2.08 -2.49
N GLN C 22 23.51 1.62 -2.13
CA GLN C 22 22.39 2.53 -1.90
C GLN C 22 21.78 2.34 -0.52
N TYR C 23 21.17 3.40 0.00
CA TYR C 23 20.50 3.36 1.29
C TYR C 23 19.15 4.06 1.22
N LYS C 24 18.40 3.98 2.32
CA LYS C 24 17.13 4.69 2.45
C LYS C 24 16.86 5.02 3.90
N CYS C 25 16.34 6.23 4.14
CA CYS C 25 16.06 6.69 5.48
C CYS C 25 14.56 6.63 5.79
N ASP C 26 14.23 5.88 6.83
CA ASP C 26 12.86 5.84 7.36
C ASP C 26 12.67 7.03 8.30
N CYS C 27 11.79 7.93 7.91
CA CYS C 27 11.59 9.18 8.64
C CYS C 27 10.28 9.16 9.42
N THR C 28 9.73 7.97 9.63
CA THR C 28 8.44 7.80 10.28
C THR C 28 8.39 8.45 11.66
N ARG C 29 7.46 9.38 11.83
CA ARG C 29 7.23 10.08 13.09
C ARG C 29 8.45 10.82 13.62
N THR C 30 9.34 11.21 12.72
CA THR C 30 10.52 11.98 13.11
C THR C 30 10.23 13.46 13.07
N GLY C 31 9.18 13.85 12.34
CA GLY C 31 8.83 15.24 12.17
C GLY C 31 9.49 15.82 10.93
N PHE C 32 10.34 15.01 10.31
CA PHE C 32 11.07 15.44 9.12
C PHE C 32 10.83 14.48 7.96
N TYR C 33 11.16 14.92 6.75
CA TYR C 33 11.13 14.06 5.58
C TYR C 33 12.28 14.42 4.65
N GLY C 34 12.29 13.83 3.46
CA GLY C 34 13.39 14.04 2.52
C GLY C 34 14.33 12.85 2.54
N GLU C 35 15.36 12.91 1.70
CA GLU C 35 16.28 11.79 1.54
C GLU C 35 16.94 11.37 2.86
N ASN C 36 17.49 12.32 3.61
CA ASN C 36 18.09 12.02 4.90
C ASN C 36 17.29 12.55 6.09
N CYS C 37 15.99 12.77 5.89
CA CYS C 37 15.10 13.27 6.94
C CYS C 37 15.57 14.61 7.50
N THR C 38 15.81 15.58 6.62
CA THR C 38 16.30 16.89 7.05
C THR C 38 15.28 17.99 6.77
N THR C 39 14.26 17.67 5.97
CA THR C 39 13.23 18.65 5.64
C THR C 39 12.10 18.60 6.66
N PRO C 40 11.95 19.68 7.44
CA PRO C 40 10.98 19.72 8.55
C PRO C 40 9.54 19.96 8.10
N GLU C 41 8.60 19.49 8.90
CA GLU C 41 7.20 19.81 8.70
C GLU C 41 6.91 21.18 9.32
N PHE C 42 5.71 21.70 9.07
CA PHE C 42 5.31 23.01 9.59
C PHE C 42 5.33 23.00 11.13
N LEU C 43 4.64 22.03 11.70
CA LEU C 43 4.59 21.86 13.15
C LEU C 43 6.00 21.66 13.72
N THR C 44 6.83 20.97 12.95
CA THR C 44 8.22 20.73 13.36
C THR C 44 8.99 22.05 13.43
N ARG C 45 8.77 22.91 12.44
CA ARG C 45 9.39 24.24 12.45
C ARG C 45 8.93 25.06 13.65
N ILE C 46 7.61 25.06 13.87
CA ILE C 46 7.04 25.79 15.00
C ILE C 46 7.62 25.33 16.33
N LYS C 47 7.63 24.02 16.55
CA LYS C 47 8.19 23.45 17.78
C LYS C 47 9.69 23.72 17.87
N LEU C 48 10.35 23.85 16.72
CA LEU C 48 11.78 24.08 16.68
C LEU C 48 12.16 25.48 17.13
N LEU C 49 11.51 26.49 16.54
CA LEU C 49 11.88 27.87 16.86
C LEU C 49 11.29 28.31 18.19
N LEU C 50 10.51 27.44 18.83
CA LEU C 50 9.92 27.76 20.12
C LEU C 50 10.52 26.93 21.25
N LYS C 51 11.47 26.08 20.93
CA LYS C 51 12.14 25.26 21.94
C LYS C 51 13.39 25.94 22.48
N PRO C 52 13.46 26.14 23.80
CA PRO C 52 14.65 26.70 24.43
C PRO C 52 15.80 25.70 24.47
N THR C 53 17.03 26.18 24.48
CA THR C 53 18.20 25.32 24.57
C THR C 53 18.40 24.85 26.00
N PRO C 54 19.08 23.70 26.17
CA PRO C 54 19.39 23.20 27.53
C PRO C 54 20.18 24.20 28.37
N ASN C 55 21.01 25.02 27.73
CA ASN C 55 21.79 26.02 28.45
C ASN C 55 20.92 27.15 28.98
N THR C 56 19.93 27.56 28.19
CA THR C 56 18.99 28.59 28.62
C THR C 56 18.17 28.11 29.81
N VAL C 57 17.66 26.89 29.69
CA VAL C 57 16.88 26.27 30.76
C VAL C 57 17.72 26.13 32.03
N HIS C 58 18.96 25.68 31.86
CA HIS C 58 19.87 25.54 32.99
C HIS C 58 20.17 26.89 33.62
N TYR C 59 20.18 27.94 32.81
CA TYR C 59 20.39 29.28 33.33
C TYR C 59 19.18 29.71 34.16
N ILE C 60 17.99 29.46 33.64
CA ILE C 60 16.76 29.85 34.33
C ILE C 60 16.59 29.11 35.65
N LEU C 61 17.00 27.83 35.67
CA LEU C 61 16.83 27.00 36.85
C LEU C 61 17.91 27.25 37.91
N THR C 62 18.98 27.93 37.55
CA THR C 62 20.05 28.22 38.50
C THR C 62 20.13 29.70 38.82
N HIS C 63 19.16 30.47 38.34
CA HIS C 63 19.06 31.89 38.66
C HIS C 63 17.65 32.23 39.12
N PHE C 64 17.42 33.51 39.44
CA PHE C 64 16.13 33.98 39.94
C PHE C 64 15.71 33.22 41.19
N LYS C 65 16.58 33.21 42.20
CA LYS C 65 16.33 32.47 43.43
C LYS C 65 15.07 32.94 44.16
N GLY C 66 14.77 34.23 44.05
CA GLY C 66 13.60 34.80 44.68
C GLY C 66 12.30 34.23 44.13
N VAL C 67 12.30 33.93 42.83
CA VAL C 67 11.12 33.36 42.18
C VAL C 67 10.93 31.90 42.58
N TRP C 68 12.03 31.13 42.53
CA TRP C 68 11.98 29.72 42.88
C TRP C 68 11.68 29.52 44.35
N ASN C 69 12.01 30.52 45.18
CA ASN C 69 11.68 30.45 46.59
C ASN C 69 10.16 30.49 46.77
N ILE C 70 9.49 31.25 45.90
CA ILE C 70 8.04 31.32 45.90
C ILE C 70 7.44 30.06 45.32
N VAL C 71 8.05 29.58 44.23
CA VAL C 71 7.58 28.36 43.56
C VAL C 71 7.61 27.15 44.48
N ASN C 72 8.72 26.96 45.17
CA ASN C 72 8.91 25.81 46.05
C ASN C 72 7.93 25.78 47.22
N ASN C 73 7.42 26.95 47.58
CA ASN C 73 6.49 27.06 48.71
C ASN C 73 5.03 26.96 48.28
N ILE C 74 4.80 26.78 46.99
CA ILE C 74 3.47 26.58 46.46
C ILE C 74 3.38 25.22 45.77
N PRO C 75 2.76 24.24 46.44
CA PRO C 75 2.68 22.84 45.99
C PRO C 75 2.17 22.68 44.56
N PHE C 76 1.18 23.49 44.17
CA PHE C 76 0.62 23.42 42.83
C PHE C 76 1.67 23.77 41.76
N LEU C 77 2.30 24.94 41.93
CA LEU C 77 3.31 25.40 41.00
C LEU C 77 4.51 24.45 40.97
N ARG C 78 4.92 23.98 42.15
CA ARG C 78 6.05 23.08 42.26
C ARG C 78 5.79 21.76 41.53
N SER C 79 4.58 21.23 41.72
CA SER C 79 4.18 19.99 41.06
C SER C 79 4.10 20.19 39.55
N LEU C 80 3.57 21.33 39.13
CA LEU C 80 3.45 21.66 37.72
C LEU C 80 4.82 21.71 37.04
N ILE C 81 5.73 22.48 37.64
CA ILE C 81 7.06 22.65 37.08
C ILE C 81 7.85 21.34 37.12
N MET C 82 7.67 20.57 38.19
CA MET C 82 8.33 19.27 38.27
C MET C 82 7.81 18.35 37.17
N LYS C 83 6.51 18.45 36.88
CA LYS C 83 5.91 17.68 35.80
C LYS C 83 6.51 18.09 34.46
N TYR C 84 6.71 19.40 34.27
CA TYR C 84 7.38 19.90 33.07
C TYR C 84 8.78 19.32 32.94
N VAL C 85 9.53 19.33 34.03
CA VAL C 85 10.90 18.82 34.04
C VAL C 85 10.94 17.34 33.69
N LEU C 86 10.03 16.58 34.28
CA LEU C 86 9.91 15.14 33.98
C LEU C 86 9.58 14.91 32.51
N THR C 87 8.66 15.70 31.98
CA THR C 87 8.24 15.57 30.59
C THR C 87 9.38 15.93 29.63
N SER C 88 10.21 16.90 30.02
CA SER C 88 11.29 17.36 29.17
C SER C 88 12.36 16.29 28.93
N ARG C 89 12.46 15.34 29.85
CA ARG C 89 13.42 14.26 29.73
C ARG C 89 12.79 13.01 29.13
N SER C 90 11.49 13.09 28.81
CA SER C 90 10.77 11.96 28.24
C SER C 90 10.92 11.94 26.72
N TYR C 91 10.49 10.83 26.12
CA TYR C 91 10.50 10.65 24.67
C TYR C 91 11.89 10.72 24.06
N LEU C 92 12.92 10.53 24.88
CA LEU C 92 14.30 10.55 24.41
C LEU C 92 14.91 9.15 24.39
N ILE C 93 14.39 8.28 25.25
CA ILE C 93 14.91 6.92 25.36
C ILE C 93 13.99 5.89 24.72
N ASP C 94 14.57 5.02 23.90
CA ASP C 94 13.81 3.93 23.30
C ASP C 94 13.35 2.95 24.38
N SER C 95 12.03 2.80 24.51
CA SER C 95 11.45 1.91 25.50
C SER C 95 10.11 1.40 24.99
N PRO C 96 10.02 0.11 24.63
CA PRO C 96 10.99 -1.00 24.68
C PRO C 96 12.29 -0.74 23.92
N PRO C 97 13.41 -1.28 24.42
CA PRO C 97 14.75 -1.00 23.89
C PRO C 97 14.97 -1.60 22.50
N THR C 98 16.02 -1.14 21.82
CA THR C 98 16.27 -1.55 20.44
C THR C 98 17.64 -2.21 20.25
N TYR C 99 18.66 -1.38 19.99
CA TYR C 99 19.96 -1.89 19.59
C TYR C 99 20.83 -2.36 20.75
N ASN C 100 21.85 -3.16 20.43
CA ASN C 100 22.93 -3.44 21.37
C ASN C 100 24.26 -3.53 20.63
N VAL C 101 25.28 -4.06 21.28
CA VAL C 101 26.64 -4.07 20.73
C VAL C 101 26.74 -4.91 19.44
N HIS C 102 25.89 -5.93 19.33
CA HIS C 102 25.96 -6.84 18.19
C HIS C 102 24.92 -6.56 17.12
N TYR C 103 23.95 -5.69 17.42
CA TYR C 103 22.86 -5.42 16.49
C TYR C 103 22.66 -3.95 16.22
N GLY C 104 23.04 -3.51 15.02
CA GLY C 104 22.83 -2.15 14.58
C GLY C 104 21.47 -2.01 13.92
N TYR C 105 20.69 -3.09 13.97
CA TYR C 105 19.32 -3.10 13.51
C TYR C 105 18.45 -3.80 14.56
N LYS C 106 17.16 -3.51 14.55
CA LYS C 106 16.25 -4.10 15.53
C LYS C 106 16.02 -5.59 15.25
N SER C 107 16.06 -6.39 16.30
CA SER C 107 15.85 -7.82 16.20
C SER C 107 15.29 -8.35 17.51
N TRP C 108 14.74 -9.56 17.49
CA TRP C 108 14.17 -10.12 18.71
C TRP C 108 15.25 -10.53 19.69
N GLU C 109 16.41 -10.91 19.15
CA GLU C 109 17.56 -11.27 19.98
C GLU C 109 18.00 -10.08 20.83
N ALA C 110 18.07 -8.91 20.21
CA ALA C 110 18.49 -7.69 20.90
C ALA C 110 17.48 -7.28 21.96
N PHE C 111 16.20 -7.50 21.69
CA PHE C 111 15.15 -7.12 22.64
C PHE C 111 15.06 -8.07 23.83
N SER C 112 15.15 -9.36 23.56
CA SER C 112 14.84 -10.37 24.58
C SER C 112 16.04 -10.76 25.45
N ASN C 113 17.24 -10.66 24.92
CA ASN C 113 18.44 -11.07 25.64
C ASN C 113 18.86 -10.02 26.67
N LEU C 114 18.55 -10.27 27.93
CA LEU C 114 18.78 -9.32 29.00
C LEU C 114 20.24 -9.19 29.40
N SER C 115 21.09 -10.07 28.89
CA SER C 115 22.51 -10.04 29.24
C SER C 115 23.23 -8.87 28.57
N TYR C 116 22.69 -8.39 27.46
CA TYR C 116 23.26 -7.23 26.76
C TYR C 116 22.97 -5.93 27.49
N TYR C 117 23.90 -4.99 27.42
CA TYR C 117 23.56 -3.59 27.61
C TYR C 117 22.83 -3.17 26.35
N THR C 118 21.87 -2.26 26.46
CA THR C 118 21.22 -1.73 25.26
C THR C 118 22.06 -0.55 24.75
N ARG C 119 21.70 -0.03 23.59
CA ARG C 119 22.45 1.06 22.99
C ARG C 119 21.54 2.17 22.48
N ALA C 120 21.78 3.40 22.94
CA ALA C 120 21.00 4.55 22.50
C ALA C 120 21.30 4.88 21.03
N LEU C 121 22.51 4.52 20.60
CA LEU C 121 22.87 4.60 19.20
C LEU C 121 23.48 3.27 18.76
N PRO C 122 23.09 2.79 17.57
CA PRO C 122 23.64 1.53 17.05
C PRO C 122 25.15 1.62 16.84
N PRO C 123 25.85 0.48 16.91
CA PRO C 123 27.30 0.48 16.71
C PRO C 123 27.68 0.75 15.26
N VAL C 124 28.91 1.22 15.04
CA VAL C 124 29.42 1.37 13.69
C VAL C 124 29.66 -0.03 13.11
N ALA C 125 29.12 -0.27 11.91
CA ALA C 125 29.25 -1.56 11.27
C ALA C 125 30.72 -1.93 11.05
N ASP C 126 31.01 -3.23 11.03
CA ASP C 126 32.38 -3.71 10.99
C ASP C 126 33.10 -3.37 9.68
N ASP C 127 32.38 -3.39 8.56
CA ASP C 127 32.99 -3.20 7.26
C ASP C 127 33.16 -1.72 6.90
N CYS C 128 32.96 -0.83 7.87
CA CYS C 128 33.18 0.58 7.65
C CYS C 128 34.67 0.89 7.57
N PRO C 129 35.07 1.76 6.62
CA PRO C 129 36.47 2.10 6.39
C PRO C 129 37.16 2.73 7.60
N THR C 130 36.44 3.57 8.33
CA THR C 130 37.00 4.22 9.51
C THR C 130 36.20 3.85 10.77
N PRO C 131 36.84 3.89 11.94
CA PRO C 131 36.18 3.53 13.21
C PRO C 131 34.90 4.31 13.48
N MET C 132 34.82 5.54 12.97
CA MET C 132 33.65 6.38 13.20
C MET C 132 32.65 6.31 12.06
N GLY C 133 33.06 5.65 10.97
CA GLY C 133 32.19 5.51 9.81
C GLY C 133 32.93 5.77 8.52
N VAL C 134 33.02 7.04 8.13
CA VAL C 134 33.75 7.43 6.92
C VAL C 134 34.68 8.59 7.19
N LYS C 135 34.51 9.23 8.35
CA LYS C 135 35.34 10.37 8.73
C LYS C 135 36.55 9.93 9.55
N GLY C 136 37.62 10.72 9.49
CA GLY C 136 38.81 10.45 10.27
C GLY C 136 39.81 9.58 9.53
N ASN C 137 40.87 9.19 10.24
CA ASN C 137 41.90 8.32 9.66
C ASN C 137 41.52 6.85 9.80
N LYS C 138 42.43 5.98 9.37
CA LYS C 138 42.18 4.54 9.43
C LYS C 138 42.03 4.05 10.86
N GLU C 139 42.75 4.68 11.79
CA GLU C 139 42.68 4.31 13.19
C GLU C 139 42.57 5.54 14.09
N LEU C 140 41.82 5.40 15.19
CA LEU C 140 41.71 6.45 16.19
C LEU C 140 43.05 6.68 16.88
N PRO C 141 43.26 7.89 17.43
CA PRO C 141 44.55 8.19 18.06
C PRO C 141 44.85 7.29 19.26
N ASP C 142 46.12 7.19 19.62
CA ASP C 142 46.55 6.33 20.72
C ASP C 142 45.87 6.73 22.02
N SER C 143 45.18 5.77 22.63
CA SER C 143 44.40 6.01 23.84
C SER C 143 45.28 6.44 25.02
N LYS C 144 46.51 5.94 25.05
CA LYS C 144 47.45 6.36 26.08
C LYS C 144 47.80 7.83 25.93
N GLU C 145 47.93 8.28 24.68
CA GLU C 145 48.26 9.68 24.42
C GLU C 145 47.10 10.61 24.76
N VAL C 146 45.88 10.20 24.41
CA VAL C 146 44.70 10.96 24.79
C VAL C 146 44.63 11.07 26.32
N LEU C 147 44.70 9.91 26.96
CA LEU C 147 44.71 9.80 28.42
C LEU C 147 45.71 10.76 29.08
N GLU C 148 46.97 10.66 28.68
CA GLU C 148 48.02 11.45 29.30
C GLU C 148 47.92 12.94 28.99
N LYS C 149 47.53 13.26 27.76
CA LYS C 149 47.52 14.66 27.32
C LYS C 149 46.34 15.44 27.87
N VAL C 150 45.14 14.84 27.91
CA VAL C 150 43.97 15.63 28.33
C VAL C 150 43.15 15.05 29.48
N LEU C 151 43.49 13.85 29.94
CA LEU C 151 42.68 13.21 30.98
C LEU C 151 43.36 13.14 32.34
N LEU C 152 44.64 12.78 32.36
CA LEU C 152 45.37 12.58 33.61
C LEU C 152 45.48 13.85 34.44
N ARG C 153 45.30 13.70 35.75
CA ARG C 153 45.35 14.82 36.68
C ARG C 153 46.78 15.32 36.91
N ARG C 154 46.98 16.62 36.72
CA ARG C 154 48.23 17.26 37.12
C ARG C 154 48.12 17.67 38.59
N GLU C 155 47.45 18.79 38.84
CA GLU C 155 47.09 19.18 40.19
C GLU C 155 45.60 18.87 40.41
N PHE C 156 45.24 18.57 41.64
CA PHE C 156 43.85 18.25 41.98
C PHE C 156 42.94 19.45 41.71
N ILE C 157 41.89 19.22 40.93
CA ILE C 157 40.90 20.26 40.64
C ILE C 157 39.61 19.96 41.39
N PRO C 158 39.33 20.71 42.46
CA PRO C 158 38.15 20.50 43.29
C PRO C 158 36.86 20.85 42.56
N ASP C 159 35.77 20.18 42.92
CA ASP C 159 34.46 20.50 42.37
C ASP C 159 33.97 21.83 42.93
N PRO C 160 33.71 22.80 42.05
CA PRO C 160 33.23 24.13 42.46
C PRO C 160 31.84 24.09 43.06
N GLN C 161 31.12 22.99 42.88
CA GLN C 161 29.81 22.81 43.49
C GLN C 161 29.94 22.23 44.90
N GLY C 162 31.17 21.89 45.27
CA GLY C 162 31.46 21.43 46.62
C GLY C 162 31.05 20.01 46.95
N SER C 163 30.91 19.18 45.91
CA SER C 163 30.58 17.77 46.12
C SER C 163 31.63 17.11 47.02
N ASN C 164 31.16 16.28 47.95
CA ASN C 164 32.06 15.62 48.89
C ASN C 164 32.19 14.13 48.65
N MET C 165 32.87 13.44 49.55
CA MET C 165 33.12 12.01 49.40
C MET C 165 31.88 11.17 49.72
N MET C 166 31.00 11.71 50.54
CA MET C 166 29.70 11.08 50.77
C MET C 166 28.97 10.97 49.44
N PHE C 167 29.01 12.05 48.67
CA PHE C 167 28.38 12.09 47.36
C PHE C 167 29.02 11.10 46.39
N ALA C 168 30.34 11.11 46.33
CA ALA C 168 31.07 10.27 45.39
C ALA C 168 30.82 8.79 45.67
N PHE C 169 30.97 8.41 46.93
CA PHE C 169 30.78 7.02 47.31
C PHE C 169 29.31 6.61 47.20
N PHE C 170 28.40 7.56 47.41
CA PHE C 170 26.99 7.28 47.17
C PHE C 170 26.75 7.01 45.69
N ALA C 171 27.45 7.75 44.84
CA ALA C 171 27.32 7.60 43.40
C ALA C 171 27.83 6.23 42.97
N GLN C 172 29.03 5.88 43.41
CA GLN C 172 29.60 4.57 43.10
C GLN C 172 28.69 3.44 43.58
N HIS C 173 28.33 3.50 44.86
CA HIS C 173 27.51 2.48 45.50
C HIS C 173 26.16 2.30 44.79
N PHE C 174 25.46 3.41 44.58
CA PHE C 174 24.15 3.37 43.93
C PHE C 174 24.22 2.88 42.49
N THR C 175 25.22 3.35 41.74
CA THR C 175 25.30 2.97 40.34
C THR C 175 25.78 1.54 40.14
N HIS C 176 26.50 0.99 41.11
CA HIS C 176 27.05 -0.36 40.93
C HIS C 176 26.03 -1.48 41.18
N GLN C 177 24.74 -1.14 41.19
CA GLN C 177 23.71 -2.17 41.23
C GLN C 177 23.22 -2.47 39.82
N PHE C 178 23.31 -1.50 38.93
CA PHE C 178 22.92 -1.72 37.54
C PHE C 178 24.08 -1.49 36.56
N PHE C 179 25.25 -1.15 37.09
CA PHE C 179 26.47 -1.14 36.28
C PHE C 179 27.37 -2.27 36.74
N LYS C 180 27.14 -3.45 36.16
CA LYS C 180 27.89 -4.65 36.53
C LYS C 180 28.29 -5.40 35.27
N THR C 181 29.35 -4.94 34.61
CA THR C 181 29.79 -5.52 33.35
C THR C 181 30.25 -6.96 33.51
N ASP C 182 29.72 -7.84 32.67
CA ASP C 182 30.15 -9.23 32.62
C ASP C 182 31.40 -9.36 31.77
N HIS C 183 32.56 -9.18 32.39
CA HIS C 183 33.83 -9.20 31.68
C HIS C 183 34.16 -10.57 31.09
N LYS C 184 33.42 -11.58 31.52
CA LYS C 184 33.57 -12.92 30.97
C LYS C 184 33.03 -12.98 29.54
N ARG C 185 31.99 -12.20 29.29
CA ARG C 185 31.36 -12.16 27.97
C ARG C 185 31.90 -11.01 27.12
N GLY C 186 32.05 -9.85 27.74
CA GLY C 186 32.53 -8.67 27.04
C GLY C 186 32.01 -7.39 27.67
N PRO C 187 32.55 -6.24 27.24
CA PRO C 187 32.17 -4.93 27.80
C PRO C 187 30.74 -4.52 27.46
N GLY C 188 30.12 -5.20 26.50
CA GLY C 188 28.76 -4.90 26.10
C GLY C 188 27.73 -5.71 26.85
N PHE C 189 28.19 -6.51 27.80
CA PHE C 189 27.31 -7.40 28.56
C PHE C 189 27.23 -7.02 30.04
N THR C 190 26.10 -7.32 30.66
CA THR C 190 25.88 -6.97 32.06
C THR C 190 25.50 -8.19 32.89
N ARG C 191 25.67 -8.08 34.21
CA ARG C 191 25.23 -9.12 35.13
C ARG C 191 23.97 -8.67 35.87
N GLY C 192 23.62 -7.40 35.69
CA GLY C 192 22.43 -6.84 36.31
C GLY C 192 21.20 -7.04 35.44
N LEU C 193 20.60 -8.22 35.55
CA LEU C 193 19.47 -8.59 34.70
C LEU C 193 18.20 -7.84 35.08
N GLY C 194 18.22 -7.19 36.25
CA GLY C 194 17.10 -6.38 36.67
C GLY C 194 17.06 -5.06 35.93
N HIS C 195 18.22 -4.64 35.42
CA HIS C 195 18.37 -3.43 34.63
C HIS C 195 17.77 -2.19 35.30
N GLY C 196 18.08 -1.99 36.57
CA GLY C 196 17.57 -0.84 37.29
C GLY C 196 17.80 -0.90 38.79
N VAL C 197 16.99 -0.15 39.53
CA VAL C 197 17.12 -0.06 40.97
C VAL C 197 16.33 -1.16 41.67
N ASP C 198 16.93 -2.34 41.76
CA ASP C 198 16.32 -3.47 42.45
C ASP C 198 17.00 -3.74 43.79
N LEU C 199 18.04 -2.95 44.07
CA LEU C 199 18.85 -3.09 45.27
C LEU C 199 19.49 -4.47 45.38
N ASN C 200 19.90 -5.01 44.24
CA ASN C 200 20.58 -6.31 44.24
C ASN C 200 21.97 -6.21 44.88
N HIS C 201 22.49 -4.99 44.96
CA HIS C 201 23.78 -4.76 45.59
C HIS C 201 23.67 -4.85 47.11
N ILE C 202 22.44 -4.96 47.60
CA ILE C 202 22.18 -5.16 49.02
C ILE C 202 21.67 -6.57 49.28
N TYR C 203 20.79 -7.05 48.41
CA TYR C 203 20.10 -8.32 48.62
C TYR C 203 20.63 -9.46 47.76
N GLY C 204 21.50 -9.15 46.81
CA GLY C 204 22.04 -10.17 45.93
C GLY C 204 21.26 -10.30 44.64
N GLU C 205 21.95 -10.70 43.57
CA GLU C 205 21.34 -10.80 42.25
C GLU C 205 20.38 -11.99 42.15
N THR C 206 20.76 -13.11 42.76
CA THR C 206 19.95 -14.32 42.67
C THR C 206 19.34 -14.70 44.02
N LEU C 207 18.38 -15.62 43.97
CA LEU C 207 17.64 -16.04 45.16
C LEU C 207 18.52 -16.78 46.17
N ASP C 208 19.46 -17.58 45.67
CA ASP C 208 20.36 -18.34 46.52
C ASP C 208 21.23 -17.41 47.38
N ARG C 209 21.82 -16.42 46.74
CA ARG C 209 22.64 -15.42 47.42
C ARG C 209 21.83 -14.66 48.46
N GLN C 210 20.63 -14.24 48.07
CA GLN C 210 19.72 -13.54 48.96
C GLN C 210 19.44 -14.37 50.22
N HIS C 211 19.09 -15.63 50.00
CA HIS C 211 18.80 -16.54 51.10
C HIS C 211 20.02 -16.75 51.98
N LYS C 212 21.20 -16.73 51.38
CA LYS C 212 22.43 -16.83 52.17
C LYS C 212 22.64 -15.57 53.00
N LEU C 213 22.14 -14.44 52.51
CA LEU C 213 22.31 -13.16 53.21
C LEU C 213 21.23 -12.90 54.26
N ARG C 214 20.18 -13.71 54.27
CA ARG C 214 19.05 -13.47 55.16
C ARG C 214 19.12 -14.25 56.48
N LEU C 215 18.48 -13.69 57.50
CA LEU C 215 18.43 -14.30 58.82
C LEU C 215 17.20 -15.19 58.98
N PHE C 216 16.22 -14.96 58.11
CA PHE C 216 14.94 -15.67 58.12
C PHE C 216 14.24 -15.55 59.48
N LYS C 217 14.46 -14.41 60.13
CA LYS C 217 13.76 -14.06 61.35
C LYS C 217 13.43 -12.57 61.31
N ASP C 218 12.15 -12.25 61.41
CA ASP C 218 11.66 -10.87 61.38
C ASP C 218 12.02 -10.13 60.10
N GLY C 219 12.29 -10.89 59.03
CA GLY C 219 12.56 -10.31 57.72
C GLY C 219 13.94 -9.69 57.58
N LYS C 220 14.77 -9.83 58.62
CA LYS C 220 16.04 -9.12 58.69
C LYS C 220 17.14 -9.79 57.89
N LEU C 221 18.20 -9.02 57.64
CA LEU C 221 19.43 -9.53 57.05
C LEU C 221 20.38 -9.96 58.17
N LYS C 222 21.21 -10.97 57.89
CA LYS C 222 22.21 -11.40 58.85
C LYS C 222 23.20 -10.27 59.12
N TYR C 223 23.77 -10.24 60.31
CA TYR C 223 24.73 -9.21 60.69
C TYR C 223 25.58 -9.66 61.86
N GLN C 224 26.66 -8.94 62.10
CA GLN C 224 27.52 -9.22 63.25
C GLN C 224 27.75 -7.95 64.04
N VAL C 225 28.06 -8.10 65.33
CA VAL C 225 28.34 -6.95 66.17
C VAL C 225 29.82 -6.88 66.51
N ILE C 226 30.47 -5.80 66.09
CA ILE C 226 31.87 -5.58 66.40
C ILE C 226 32.02 -4.26 67.17
N GLY C 227 32.58 -4.34 68.37
CA GLY C 227 32.78 -3.17 69.20
C GLY C 227 31.48 -2.46 69.54
N GLY C 228 30.37 -3.21 69.50
CA GLY C 228 29.07 -2.65 69.80
C GLY C 228 28.36 -2.11 68.58
N GLU C 229 28.98 -2.23 67.41
CA GLU C 229 28.40 -1.67 66.18
C GLU C 229 27.99 -2.77 65.20
N VAL C 230 26.90 -2.52 64.48
CA VAL C 230 26.36 -3.49 63.54
C VAL C 230 27.06 -3.43 62.18
N TYR C 231 27.62 -4.56 61.75
CA TYR C 231 28.30 -4.66 60.46
C TYR C 231 27.77 -5.86 59.68
N PRO C 232 27.99 -5.89 58.36
CA PRO C 232 27.58 -7.05 57.55
C PRO C 232 28.24 -8.34 58.01
N PRO C 233 27.63 -9.50 57.73
CA PRO C 233 28.20 -10.78 58.15
C PRO C 233 29.45 -11.15 57.38
N THR C 234 30.07 -12.27 57.72
CA THR C 234 31.30 -12.70 57.07
C THR C 234 31.04 -13.71 55.96
N VAL C 235 32.01 -13.87 55.08
CA VAL C 235 31.96 -14.87 54.02
C VAL C 235 31.90 -16.27 54.64
N LYS C 236 32.60 -16.44 55.75
CA LYS C 236 32.65 -17.72 56.45
C LYS C 236 31.28 -18.14 56.98
N ASP C 237 30.51 -17.16 57.45
CA ASP C 237 29.22 -17.44 58.07
C ASP C 237 28.10 -17.65 57.05
N THR C 238 28.21 -17.00 55.90
CA THR C 238 27.13 -17.00 54.91
C THR C 238 27.43 -17.85 53.67
N GLN C 239 28.71 -18.13 53.45
CA GLN C 239 29.19 -18.81 52.24
C GLN C 239 28.88 -18.00 50.99
N VAL C 240 28.63 -16.70 51.17
CA VAL C 240 28.40 -15.79 50.04
C VAL C 240 29.72 -15.50 49.34
N GLU C 241 29.72 -15.62 48.02
CA GLU C 241 30.93 -15.36 47.24
C GLU C 241 31.24 -13.87 47.16
N MET C 242 32.44 -13.51 47.60
CA MET C 242 32.91 -12.13 47.53
C MET C 242 34.26 -12.06 46.86
N ILE C 243 34.68 -10.87 46.46
CA ILE C 243 36.00 -10.67 45.86
C ILE C 243 36.95 -10.02 46.84
N TYR C 244 37.98 -10.76 47.23
CA TYR C 244 39.00 -10.27 48.16
C TYR C 244 40.38 -10.79 47.79
N PRO C 245 41.42 -9.97 48.00
CA PRO C 245 42.80 -10.44 47.89
C PRO C 245 43.08 -11.53 48.90
N PRO C 246 44.00 -12.46 48.60
CA PRO C 246 44.23 -13.64 49.45
C PRO C 246 44.68 -13.30 50.88
N HIS C 247 45.25 -12.12 51.08
CA HIS C 247 45.80 -11.77 52.39
C HIS C 247 44.76 -11.22 53.36
N ILE C 248 43.52 -11.08 52.89
CA ILE C 248 42.45 -10.57 53.74
C ILE C 248 41.96 -11.64 54.71
N PRO C 249 42.07 -11.37 56.03
CA PRO C 249 41.64 -12.30 57.08
C PRO C 249 40.15 -12.63 56.98
N GLU C 250 39.76 -13.79 57.50
CA GLU C 250 38.38 -14.25 57.39
C GLU C 250 37.38 -13.32 58.08
N ASN C 251 37.78 -12.76 59.22
CA ASN C 251 36.89 -11.90 59.99
C ASN C 251 36.69 -10.52 59.34
N LEU C 252 37.49 -10.24 58.32
CA LEU C 252 37.38 -8.97 57.60
C LEU C 252 36.74 -9.14 56.23
N GLN C 253 36.46 -10.38 55.86
CA GLN C 253 35.79 -10.66 54.60
C GLN C 253 34.28 -10.51 54.76
N PHE C 254 33.80 -9.27 54.71
CA PHE C 254 32.38 -8.99 54.84
C PHE C 254 31.61 -9.46 53.62
N ALA C 255 30.40 -9.97 53.84
CA ALA C 255 29.56 -10.45 52.75
C ALA C 255 28.35 -9.54 52.55
N VAL C 256 28.26 -8.94 51.37
CA VAL C 256 27.14 -8.08 51.02
C VAL C 256 26.55 -8.47 49.68
N GLY C 257 25.52 -7.76 49.24
CA GLY C 257 24.82 -8.05 48.00
C GLY C 257 25.73 -8.04 46.79
N GLN C 258 26.51 -6.97 46.64
CA GLN C 258 27.44 -6.86 45.53
C GLN C 258 28.81 -7.43 45.92
N GLU C 259 29.35 -8.27 45.04
CA GLU C 259 30.57 -9.03 45.33
C GLU C 259 31.84 -8.19 45.34
N VAL C 260 31.76 -6.94 44.87
CA VAL C 260 32.95 -6.11 44.76
C VAL C 260 32.96 -4.96 45.76
N PHE C 261 32.01 -4.93 46.64
CA PHE C 261 31.90 -3.84 47.55
C PHE C 261 32.89 -3.92 48.67
N GLY C 262 33.60 -5.02 48.76
CA GLY C 262 34.59 -5.18 49.77
C GLY C 262 35.88 -4.52 49.40
N LEU C 263 35.94 -4.00 48.20
CA LEU C 263 37.13 -3.41 47.63
C LEU C 263 37.38 -2.02 48.14
N VAL C 264 36.34 -1.31 48.51
CA VAL C 264 36.46 0.05 48.94
C VAL C 264 35.66 0.36 50.17
N PRO C 265 36.32 0.88 51.18
CA PRO C 265 35.74 1.14 52.50
C PRO C 265 34.54 2.08 52.49
N GLY C 266 34.44 2.95 51.48
CA GLY C 266 33.28 3.82 51.35
C GLY C 266 32.07 3.01 50.94
N LEU C 267 32.27 2.14 49.96
CA LEU C 267 31.24 1.21 49.51
C LEU C 267 30.75 0.35 50.68
N MET C 268 31.70 -0.12 51.49
CA MET C 268 31.36 -0.94 52.65
C MET C 268 30.61 -0.11 53.69
N MET C 269 30.97 1.17 53.79
CA MET C 269 30.28 2.09 54.68
C MET C 269 28.81 2.18 54.31
N TYR C 270 28.55 2.49 53.04
CA TYR C 270 27.17 2.60 52.56
C TYR C 270 26.42 1.26 52.65
N ALA C 271 27.13 0.16 52.42
CA ALA C 271 26.53 -1.16 52.54
C ALA C 271 26.05 -1.41 53.96
N THR C 272 26.90 -1.06 54.92
CA THR C 272 26.56 -1.18 56.33
C THR C 272 25.34 -0.32 56.67
N ILE C 273 25.38 0.93 56.23
CA ILE C 273 24.27 1.87 56.46
C ILE C 273 22.95 1.29 55.94
N TRP C 274 22.96 0.79 54.71
CA TRP C 274 21.74 0.26 54.10
C TRP C 274 21.26 -1.03 54.76
N LEU C 275 22.20 -1.87 55.19
CA LEU C 275 21.86 -3.06 55.97
C LEU C 275 21.08 -2.66 57.22
N ARG C 276 21.68 -1.76 58.00
CA ARG C 276 21.06 -1.24 59.21
C ARG C 276 19.67 -0.67 58.92
N GLU C 277 19.55 0.09 57.84
CA GLU C 277 18.26 0.66 57.45
C GLU C 277 17.23 -0.43 57.19
N HIS C 278 17.62 -1.48 56.46
CA HIS C 278 16.73 -2.61 56.21
C HIS C 278 16.22 -3.20 57.51
N ASN C 279 17.14 -3.52 58.42
CA ASN C 279 16.71 -4.14 59.67
C ASN C 279 15.82 -3.22 60.53
N ARG C 280 16.10 -1.92 60.48
CA ARG C 280 15.28 -0.93 61.19
C ARG C 280 13.86 -0.93 60.62
N VAL C 281 13.75 -0.92 59.31
CA VAL C 281 12.45 -0.98 58.64
C VAL C 281 11.72 -2.26 59.01
N CYS C 282 12.47 -3.35 59.12
CA CYS C 282 11.91 -4.62 59.58
C CYS C 282 11.32 -4.48 60.98
N ASP C 283 12.04 -3.78 61.86
CA ASP C 283 11.53 -3.53 63.20
C ASP C 283 10.21 -2.74 63.16
N ILE C 284 10.20 -1.66 62.38
CA ILE C 284 9.00 -0.83 62.27
C ILE C 284 7.79 -1.61 61.74
N LEU C 285 8.00 -2.36 60.66
CA LEU C 285 6.93 -3.16 60.07
C LEU C 285 6.45 -4.25 61.02
N LYS C 286 7.37 -4.89 61.73
CA LYS C 286 7.01 -5.91 62.71
C LYS C 286 6.16 -5.30 63.80
N GLN C 287 6.50 -4.08 64.21
CA GLN C 287 5.70 -3.37 65.19
C GLN C 287 4.30 -3.10 64.63
N GLU C 288 4.24 -2.72 63.35
CA GLU C 288 2.96 -2.45 62.71
C GLU C 288 2.17 -3.73 62.44
N HIS C 289 2.87 -4.79 62.04
CA HIS C 289 2.21 -6.04 61.70
C HIS C 289 2.80 -7.23 62.45
N PRO C 290 2.39 -7.44 63.71
CA PRO C 290 2.85 -8.58 64.50
C PRO C 290 2.35 -9.92 63.96
N GLU C 291 1.41 -9.87 63.01
CA GLU C 291 0.85 -11.09 62.44
C GLU C 291 1.57 -11.49 61.15
N TRP C 292 2.53 -10.69 60.73
CA TRP C 292 3.29 -10.97 59.51
C TRP C 292 4.42 -11.96 59.75
N GLY C 293 4.73 -12.74 58.71
CA GLY C 293 5.83 -13.69 58.77
C GLY C 293 7.12 -13.05 58.26
N ASP C 294 8.21 -13.82 58.33
CA ASP C 294 9.52 -13.36 57.94
C ASP C 294 9.58 -12.88 56.48
N GLU C 295 8.98 -13.67 55.59
CA GLU C 295 9.02 -13.39 54.17
C GLU C 295 8.40 -12.04 53.81
N GLN C 296 7.19 -11.80 54.29
CA GLN C 296 6.47 -10.57 53.97
C GLN C 296 7.20 -9.35 54.53
N LEU C 297 7.71 -9.47 55.74
CA LEU C 297 8.51 -8.41 56.35
C LEU C 297 9.72 -8.09 55.47
N PHE C 298 10.42 -9.14 55.05
CA PHE C 298 11.59 -8.95 54.18
C PHE C 298 11.23 -8.24 52.88
N GLN C 299 10.26 -8.78 52.15
CA GLN C 299 9.87 -8.24 50.85
C GLN C 299 9.40 -6.78 50.95
N THR C 300 8.50 -6.53 51.90
CA THR C 300 7.97 -5.18 52.10
C THR C 300 9.10 -4.22 52.46
N SER C 301 10.01 -4.67 53.31
CA SER C 301 11.18 -3.86 53.66
C SER C 301 11.99 -3.52 52.40
N ARG C 302 12.17 -4.52 51.53
CA ARG C 302 12.91 -4.31 50.30
C ARG C 302 12.26 -3.24 49.42
N LEU C 303 10.94 -3.36 49.21
CA LEU C 303 10.22 -2.36 48.43
C LEU C 303 10.37 -0.97 49.04
N ILE C 304 10.23 -0.89 50.35
CA ILE C 304 10.38 0.38 51.07
C ILE C 304 11.76 0.99 50.83
N LEU C 305 12.82 0.17 50.92
CA LEU C 305 14.17 0.67 50.70
C LEU C 305 14.40 1.08 49.25
N ILE C 306 13.74 0.41 48.32
CA ILE C 306 13.78 0.84 46.92
C ILE C 306 13.21 2.26 46.81
N GLY C 307 12.04 2.45 47.40
CA GLY C 307 11.41 3.76 47.46
C GLY C 307 12.32 4.82 48.04
N GLU C 308 12.93 4.51 49.18
CA GLU C 308 13.87 5.41 49.84
C GLU C 308 15.03 5.77 48.92
N THR C 309 15.54 4.76 48.22
CA THR C 309 16.67 4.96 47.32
C THR C 309 16.30 5.95 46.22
N ILE C 310 15.16 5.72 45.56
CA ILE C 310 14.74 6.62 44.49
C ILE C 310 14.51 8.04 45.02
N LYS C 311 13.83 8.13 46.18
CA LYS C 311 13.56 9.42 46.82
C LYS C 311 14.83 10.22 47.10
N ILE C 312 15.80 9.57 47.75
CA ILE C 312 17.07 10.19 48.09
C ILE C 312 17.85 10.57 46.85
N VAL C 313 17.84 9.70 45.84
CA VAL C 313 18.53 9.97 44.59
C VAL C 313 17.97 11.23 43.92
N ILE C 314 16.65 11.36 43.89
CA ILE C 314 16.05 12.53 43.25
C ILE C 314 16.20 13.81 44.07
N GLU C 315 15.80 13.79 45.33
CA GLU C 315 15.69 15.04 46.10
C GLU C 315 16.95 15.47 46.85
N ASP C 316 18.00 14.64 46.82
CA ASP C 316 19.26 15.01 47.47
C ASP C 316 20.42 14.96 46.50
N TYR C 317 20.68 13.77 45.98
CA TYR C 317 21.75 13.49 45.04
C TYR C 317 21.68 14.39 43.80
N VAL C 318 20.62 14.21 43.03
CA VAL C 318 20.42 14.99 41.82
C VAL C 318 20.12 16.45 42.15
N GLN C 319 19.47 16.70 43.29
CA GLN C 319 19.20 18.07 43.71
C GLN C 319 20.52 18.82 43.90
N HIS C 320 21.50 18.14 44.46
CA HIS C 320 22.83 18.72 44.64
C HIS C 320 23.55 18.85 43.31
N LEU C 321 23.47 17.80 42.49
CA LEU C 321 24.16 17.81 41.19
C LEU C 321 23.69 18.94 40.27
N SER C 322 22.39 19.18 40.25
CA SER C 322 21.78 20.13 39.31
C SER C 322 22.13 21.57 39.62
N GLY C 323 22.26 21.90 40.90
CA GLY C 323 22.50 23.26 41.31
C GLY C 323 21.26 24.12 41.11
N TYR C 324 20.11 23.45 41.04
CA TYR C 324 18.84 24.14 40.83
C TYR C 324 18.36 24.85 42.09
N HIS C 325 17.74 26.01 41.91
CA HIS C 325 17.07 26.67 43.03
C HIS C 325 15.69 26.04 43.21
N PHE C 326 15.12 25.55 42.12
CA PHE C 326 13.88 24.79 42.17
C PHE C 326 14.12 23.47 42.88
N LYS C 327 13.23 23.13 43.81
CA LYS C 327 13.37 21.89 44.56
C LYS C 327 12.68 20.73 43.85
N LEU C 328 13.48 19.79 43.36
CA LEU C 328 12.96 18.60 42.69
C LEU C 328 12.08 17.79 43.65
N LYS C 329 11.12 17.06 43.09
CA LYS C 329 10.17 16.31 43.89
C LYS C 329 9.92 14.91 43.36
N PHE C 330 10.17 13.91 44.19
CA PHE C 330 9.84 12.53 43.83
C PHE C 330 8.36 12.27 44.03
N ASP C 331 7.63 12.19 42.93
CA ASP C 331 6.20 11.95 42.98
C ASP C 331 5.71 11.26 41.71
N PRO C 332 5.61 9.92 41.76
CA PRO C 332 5.13 9.09 40.64
C PRO C 332 3.78 9.54 40.08
N GLU C 333 2.92 10.08 40.96
CA GLU C 333 1.59 10.50 40.55
C GLU C 333 1.59 11.55 39.44
N LEU C 334 2.72 12.24 39.28
CA LEU C 334 2.85 13.26 38.26
C LEU C 334 2.88 12.66 36.86
N LEU C 335 3.16 11.37 36.77
CA LEU C 335 3.25 10.69 35.47
C LEU C 335 2.02 9.85 35.15
N PHE C 336 1.09 9.78 36.10
CA PHE C 336 -0.08 8.91 35.97
C PHE C 336 -1.03 9.36 34.84
N ASN C 337 -0.99 10.64 34.52
CA ASN C 337 -1.86 11.19 33.48
C ASN C 337 -1.13 11.40 32.16
N GLN C 338 0.01 10.73 32.01
CA GLN C 338 0.81 10.86 30.80
C GLN C 338 1.32 9.52 30.30
N GLN C 339 1.72 9.47 29.04
CA GLN C 339 2.32 8.28 28.46
C GLN C 339 3.74 8.07 28.97
N PHE C 340 3.95 6.98 29.70
CA PHE C 340 5.26 6.66 30.23
C PHE C 340 5.39 5.16 30.45
N GLN C 341 6.40 4.55 29.85
CA GLN C 341 6.61 3.11 29.96
C GLN C 341 7.34 2.77 31.25
N TYR C 342 6.68 1.98 32.10
CA TYR C 342 7.29 1.56 33.36
C TYR C 342 8.19 0.35 33.16
N GLN C 343 9.27 0.57 32.40
CA GLN C 343 10.26 -0.45 32.16
C GLN C 343 11.58 0.22 31.79
N ASN C 344 12.68 -0.50 31.92
CA ASN C 344 13.98 0.08 31.66
C ASN C 344 15.02 -0.97 31.27
N ARG C 345 15.89 -0.59 30.34
CA ARG C 345 17.03 -1.42 29.96
C ARG C 345 18.28 -0.55 30.03
N ILE C 346 19.25 -0.97 30.83
CA ILE C 346 20.46 -0.18 31.03
C ILE C 346 21.28 -0.07 29.76
N ALA C 347 21.59 1.17 29.38
CA ALA C 347 22.34 1.44 28.15
C ALA C 347 23.84 1.49 28.40
N SER C 348 24.60 1.01 27.43
CA SER C 348 26.06 0.99 27.53
C SER C 348 26.63 2.41 27.66
N GLU C 349 26.03 3.34 26.93
CA GLU C 349 26.49 4.73 26.98
C GLU C 349 26.23 5.34 28.35
N PHE C 350 25.15 4.91 29.00
CA PHE C 350 24.83 5.35 30.35
C PHE C 350 25.94 4.90 31.30
N ASN C 351 26.40 3.67 31.10
CA ASN C 351 27.51 3.12 31.87
C ASN C 351 28.77 3.94 31.63
N THR C 352 29.08 4.18 30.36
CA THR C 352 30.28 4.90 29.98
C THR C 352 30.33 6.31 30.56
N LEU C 353 29.22 7.04 30.47
CA LEU C 353 29.20 8.44 30.90
C LEU C 353 29.30 8.56 32.42
N TYR C 354 28.98 7.48 33.13
CA TYR C 354 28.96 7.52 34.59
C TYR C 354 30.29 7.17 35.22
N HIS C 355 31.34 7.08 34.41
CA HIS C 355 32.68 6.85 34.93
C HIS C 355 33.27 8.13 35.50
N TRP C 356 32.94 8.42 36.75
CA TRP C 356 33.36 9.66 37.39
C TRP C 356 34.53 9.50 38.31
N HIS C 357 35.56 8.83 37.83
CA HIS C 357 36.80 8.68 38.58
C HIS C 357 37.51 10.02 38.90
N PRO C 358 37.28 11.09 38.10
CA PRO C 358 37.81 12.38 38.57
C PRO C 358 37.28 12.84 39.93
N LEU C 359 36.17 12.28 40.40
CA LEU C 359 35.65 12.60 41.73
C LEU C 359 36.65 12.23 42.81
N LEU C 360 37.46 11.21 42.53
CA LEU C 360 38.41 10.68 43.51
C LEU C 360 39.53 11.66 43.84
N PRO C 361 39.82 11.83 45.13
CA PRO C 361 40.90 12.70 45.61
C PRO C 361 42.26 12.02 45.51
N ASP C 362 43.32 12.76 45.78
CA ASP C 362 44.67 12.19 45.79
C ASP C 362 44.86 11.30 47.00
N THR C 363 44.22 11.67 48.11
CA THR C 363 44.24 10.88 49.32
C THR C 363 42.85 10.85 49.96
N PHE C 364 42.59 9.81 50.75
CA PHE C 364 41.33 9.70 51.47
C PHE C 364 41.55 10.09 52.93
N ASN C 365 40.99 11.23 53.31
CA ASN C 365 41.24 11.82 54.62
C ASN C 365 40.18 11.44 55.65
N ILE C 366 40.56 10.56 56.59
CA ILE C 366 39.64 10.13 57.63
C ILE C 366 40.17 10.53 59.00
N GLU C 367 39.38 11.34 59.70
CA GLU C 367 39.77 11.92 60.99
C GLU C 367 41.07 12.72 60.84
N ASP C 368 42.19 12.13 61.26
CA ASP C 368 43.48 12.82 61.18
C ASP C 368 44.48 12.02 60.36
N GLN C 369 43.98 11.11 59.53
CA GLN C 369 44.83 10.28 58.69
C GLN C 369 44.56 10.55 57.21
N GLU C 370 45.59 10.41 56.39
CA GLU C 370 45.47 10.56 54.95
C GLU C 370 45.95 9.29 54.25
N TYR C 371 45.00 8.47 53.80
CA TYR C 371 45.34 7.19 53.20
C TYR C 371 45.53 7.28 51.70
N SER C 372 46.60 6.68 51.20
CA SER C 372 46.82 6.58 49.76
C SER C 372 45.88 5.52 49.19
N PHE C 373 45.83 5.42 47.86
CA PHE C 373 44.97 4.42 47.21
C PHE C 373 45.40 3.00 47.58
N LYS C 374 46.71 2.80 47.71
CA LYS C 374 47.25 1.49 48.06
C LYS C 374 46.84 1.11 49.49
N GLN C 375 46.80 2.09 50.38
CA GLN C 375 46.44 1.87 51.77
C GLN C 375 44.93 1.74 51.95
N PHE C 376 44.18 2.47 51.13
CA PHE C 376 42.73 2.56 51.29
C PHE C 376 42.00 1.38 50.66
N LEU C 377 42.48 0.94 49.50
CA LEU C 377 41.82 -0.13 48.76
C LEU C 377 41.87 -1.48 49.50
N TYR C 378 40.75 -2.13 49.59
CA TYR C 378 40.67 -3.44 50.18
C TYR C 378 41.01 -3.46 51.65
N ASN C 379 40.85 -2.35 52.31
CA ASN C 379 41.23 -2.23 53.71
C ASN C 379 40.04 -1.83 54.58
N ASN C 380 39.25 -2.82 54.98
CA ASN C 380 38.07 -2.58 55.82
C ASN C 380 38.43 -2.39 57.28
N SER C 381 39.67 -2.73 57.63
CA SER C 381 40.15 -2.54 59.00
C SER C 381 40.17 -1.05 59.33
N ILE C 382 40.26 -0.22 58.30
CA ILE C 382 40.14 1.23 58.46
C ILE C 382 38.75 1.59 58.97
N LEU C 383 37.73 1.00 58.35
CA LEU C 383 36.34 1.21 58.72
C LEU C 383 36.07 0.76 60.16
N LEU C 384 36.65 -0.36 60.56
CA LEU C 384 36.50 -0.83 61.93
C LEU C 384 37.29 0.03 62.90
N GLU C 385 38.38 0.62 62.42
CA GLU C 385 39.23 1.47 63.23
C GLU C 385 38.52 2.78 63.58
N HIS C 386 38.15 3.54 62.55
CA HIS C 386 37.57 4.86 62.77
C HIS C 386 36.08 4.78 63.10
N GLY C 387 35.37 3.85 62.47
CA GLY C 387 33.96 3.71 62.73
C GLY C 387 33.11 4.48 61.73
N LEU C 388 31.84 4.11 61.66
CA LEU C 388 30.91 4.72 60.70
C LEU C 388 30.68 6.21 60.98
N THR C 389 30.61 6.57 62.25
CA THR C 389 30.40 7.96 62.64
C THR C 389 31.52 8.87 62.13
N GLN C 390 32.75 8.50 62.47
CA GLN C 390 33.92 9.25 62.04
C GLN C 390 34.07 9.20 60.53
N PHE C 391 33.67 8.08 59.93
CA PHE C 391 33.69 7.94 58.48
C PHE C 391 32.80 8.98 57.80
N VAL C 392 31.56 9.08 58.28
CA VAL C 392 30.61 10.06 57.74
C VAL C 392 31.09 11.48 58.00
N GLU C 393 31.50 11.75 59.23
CA GLU C 393 32.00 13.06 59.61
C GLU C 393 33.17 13.52 58.74
N SER C 394 34.05 12.58 58.39
CA SER C 394 35.22 12.90 57.59
C SER C 394 34.88 13.05 56.11
N PHE C 395 34.03 12.15 55.60
CA PHE C 395 33.68 12.20 54.19
C PHE C 395 32.80 13.39 53.85
N THR C 396 32.04 13.88 54.83
CA THR C 396 31.21 15.06 54.64
C THR C 396 32.08 16.29 54.43
N ARG C 397 33.26 16.31 55.07
CA ARG C 397 34.14 17.46 55.03
C ARG C 397 35.06 17.50 53.82
N GLN C 398 35.47 16.32 53.35
CA GLN C 398 36.44 16.25 52.26
C GLN C 398 35.79 16.44 50.89
N ILE C 399 36.28 17.44 50.16
CA ILE C 399 35.70 17.79 48.86
C ILE C 399 36.14 16.83 47.76
N ALA C 400 35.26 16.59 46.80
CA ALA C 400 35.56 15.74 45.66
C ALA C 400 36.09 16.58 44.50
N GLY C 401 36.53 15.92 43.44
CA GLY C 401 37.11 16.60 42.30
C GLY C 401 36.14 16.87 41.16
N ARG C 402 36.45 17.87 40.35
CA ARG C 402 35.62 18.21 39.21
CA ARG C 402 35.63 18.22 39.20
C ARG C 402 35.72 17.11 38.15
N VAL C 403 34.59 16.80 37.52
CA VAL C 403 34.54 15.72 36.54
C VAL C 403 34.80 16.23 35.12
N ALA C 404 34.16 17.35 34.77
CA ALA C 404 34.41 17.99 33.48
C ALA C 404 35.61 18.93 33.61
N GLY C 405 36.00 19.55 32.49
CA GLY C 405 37.07 20.53 32.52
C GLY C 405 38.43 19.96 32.14
N GLY C 406 38.53 18.64 32.10
CA GLY C 406 39.75 17.98 31.66
C GLY C 406 40.80 17.80 32.74
N ARG C 407 41.72 16.87 32.50
CA ARG C 407 42.92 16.65 33.32
C ARG C 407 42.65 16.57 34.82
N ASN C 408 41.72 15.71 35.23
CA ASN C 408 41.43 15.53 36.64
C ASN C 408 41.25 14.07 37.03
N VAL C 409 41.60 13.17 36.13
CA VAL C 409 41.60 11.74 36.44
C VAL C 409 42.86 11.37 37.20
N PRO C 410 42.70 10.90 38.46
CA PRO C 410 43.83 10.50 39.29
C PRO C 410 44.63 9.37 38.66
N ILE C 411 45.96 9.47 38.74
CA ILE C 411 46.86 8.53 38.07
C ILE C 411 46.64 7.09 38.56
N ALA C 412 46.23 6.95 39.82
CA ALA C 412 46.05 5.64 40.45
C ALA C 412 45.08 4.74 39.70
N VAL C 413 44.15 5.36 38.95
CA VAL C 413 43.17 4.61 38.18
C VAL C 413 43.29 4.87 36.68
N GLN C 414 44.48 5.27 36.22
CA GLN C 414 44.66 5.59 34.81
C GLN C 414 44.26 4.40 33.92
N ALA C 415 44.65 3.20 34.33
CA ALA C 415 44.34 1.98 33.58
C ALA C 415 42.83 1.81 33.39
N VAL C 416 42.05 2.30 34.34
CA VAL C 416 40.60 2.27 34.20
C VAL C 416 40.19 3.23 33.08
N ALA C 417 40.67 4.46 33.17
CA ALA C 417 40.31 5.49 32.20
C ALA C 417 40.63 5.02 30.79
N LYS C 418 41.86 4.56 30.61
CA LYS C 418 42.30 4.01 29.32
C LYS C 418 41.33 2.95 28.84
N ALA C 419 40.94 2.04 29.74
CA ALA C 419 40.02 0.98 29.39
C ALA C 419 38.73 1.60 28.84
N SER C 420 38.22 2.59 29.54
CA SER C 420 36.97 3.25 29.15
C SER C 420 37.05 3.77 27.72
N ILE C 421 38.26 4.15 27.30
CA ILE C 421 38.46 4.56 25.92
C ILE C 421 38.47 3.33 25.04
N ASP C 422 39.38 2.41 25.35
CA ASP C 422 39.60 1.23 24.50
C ASP C 422 38.31 0.44 24.28
N GLN C 423 37.65 0.11 25.39
CA GLN C 423 36.41 -0.64 25.33
C GLN C 423 35.35 0.12 24.54
N SER C 424 35.35 1.45 24.64
CA SER C 424 34.40 2.25 23.87
C SER C 424 34.62 2.03 22.39
N ARG C 425 35.89 1.91 22.00
CA ARG C 425 36.25 1.64 20.62
C ARG C 425 35.95 0.18 20.28
N GLU C 426 35.98 -0.67 21.29
CA GLU C 426 35.72 -2.09 21.08
C GLU C 426 34.24 -2.30 20.79
N MET C 427 33.39 -1.50 21.41
CA MET C 427 31.95 -1.60 21.23
C MET C 427 31.47 -0.73 20.08
N LYS C 428 32.42 -0.19 19.32
CA LYS C 428 32.14 0.61 18.13
C LYS C 428 31.20 1.78 18.39
N TYR C 429 31.51 2.57 19.42
CA TYR C 429 30.74 3.78 19.71
C TYR C 429 30.82 4.78 18.55
N GLN C 430 29.71 5.43 18.24
CA GLN C 430 29.72 6.52 17.27
C GLN C 430 30.36 7.75 17.89
N SER C 431 30.57 8.78 17.08
CA SER C 431 31.30 9.97 17.54
C SER C 431 30.51 10.79 18.55
N LEU C 432 31.17 11.81 19.10
CA LEU C 432 30.57 12.71 20.07
C LEU C 432 29.38 13.47 19.49
N ASN C 433 29.56 14.02 18.30
CA ASN C 433 28.52 14.85 17.68
C ASN C 433 27.31 14.05 17.23
N GLU C 434 27.51 12.77 16.95
CA GLU C 434 26.39 11.89 16.62
C GLU C 434 25.53 11.69 17.86
N TYR C 435 26.19 11.58 19.01
CA TYR C 435 25.48 11.40 20.28
C TYR C 435 24.85 12.71 20.75
N ARG C 436 25.44 13.82 20.35
CA ARG C 436 24.85 15.12 20.65
C ARG C 436 23.61 15.34 19.80
N LYS C 437 23.69 14.97 18.52
CA LYS C 437 22.56 15.05 17.62
C LYS C 437 21.44 14.11 18.07
N ARG C 438 21.83 12.93 18.56
CA ARG C 438 20.88 11.93 19.05
C ARG C 438 20.02 12.48 20.19
N PHE C 439 20.60 13.35 21.01
CA PHE C 439 19.87 13.92 22.14
C PHE C 439 19.53 15.40 21.93
N SER C 440 19.33 15.76 20.66
CA SER C 440 18.88 17.10 20.28
C SER C 440 19.81 18.22 20.74
N LEU C 441 21.11 17.95 20.73
CA LEU C 441 22.10 18.97 21.07
C LEU C 441 22.83 19.44 19.81
N LYS C 442 23.31 20.68 19.84
CA LYS C 442 24.06 21.24 18.72
C LYS C 442 25.44 20.60 18.63
N PRO C 443 25.81 20.12 17.42
CA PRO C 443 27.14 19.54 17.21
C PRO C 443 28.24 20.57 17.38
N TYR C 444 29.33 20.18 18.04
CA TYR C 444 30.48 21.08 18.20
C TYR C 444 31.20 21.27 16.87
N THR C 445 31.59 22.51 16.58
CA THR C 445 32.24 22.83 15.31
C THR C 445 33.76 22.93 15.45
N SER C 446 34.24 22.90 16.69
CA SER C 446 35.67 22.94 16.96
C SER C 446 35.98 22.38 18.34
N PHE C 447 37.24 22.04 18.56
CA PHE C 447 37.66 21.51 19.86
C PHE C 447 37.69 22.61 20.92
N GLU C 448 37.93 23.84 20.48
CA GLU C 448 37.93 24.98 21.39
C GLU C 448 36.54 25.24 21.95
N GLU C 449 35.52 25.08 21.11
CA GLU C 449 34.15 25.23 21.56
C GLU C 449 33.80 24.13 22.57
N LEU C 450 34.33 22.94 22.34
CA LEU C 450 34.11 21.81 23.22
C LEU C 450 34.75 22.05 24.60
N THR C 451 36.00 22.49 24.59
CA THR C 451 36.73 22.64 25.84
C THR C 451 36.56 24.01 26.48
N GLY C 452 36.38 25.04 25.65
CA GLY C 452 36.31 26.40 26.14
C GLY C 452 37.65 26.90 26.60
N GLU C 453 38.80 26.85 26.09
CA GLU C 453 40.12 26.44 26.44
C GLU C 453 40.77 26.33 25.09
N LYS C 454 42.16 26.59 25.32
CA LYS C 454 42.96 26.48 24.10
C LYS C 454 44.02 25.41 24.09
N GLU C 455 44.60 25.10 25.22
CA GLU C 455 45.69 24.15 25.25
C GLU C 455 45.23 22.73 24.91
N MET C 456 44.35 22.23 25.71
CA MET C 456 43.79 20.90 25.53
C MET C 456 43.10 20.77 24.17
N ALA C 457 42.47 21.83 23.73
CA ALA C 457 41.83 21.85 22.42
C ALA C 457 42.86 21.70 21.31
N ALA C 458 44.04 22.30 21.51
CA ALA C 458 45.12 22.19 20.53
C ALA C 458 45.67 20.77 20.49
N GLU C 459 45.90 20.18 21.66
CA GLU C 459 46.35 18.79 21.72
C GLU C 459 45.35 17.85 21.04
N LEU C 460 44.08 18.03 21.39
CA LEU C 460 43.00 17.22 20.85
C LEU C 460 42.86 17.38 19.34
N LYS C 461 43.05 18.60 18.85
CA LYS C 461 42.97 18.84 17.41
C LYS C 461 44.15 18.20 16.72
N ALA C 462 45.29 18.16 17.41
CA ALA C 462 46.47 17.50 16.88
C ALA C 462 46.27 15.99 16.82
N LEU C 463 45.47 15.46 17.73
CA LEU C 463 45.25 14.01 17.81
C LEU C 463 44.14 13.49 16.89
N TYR C 464 43.01 14.20 16.85
CA TYR C 464 41.83 13.73 16.11
C TYR C 464 41.65 14.40 14.75
N SER C 465 42.34 15.53 14.54
CA SER C 465 42.27 16.32 13.31
C SER C 465 40.89 16.93 13.06
N ASP C 466 39.84 16.10 13.11
CA ASP C 466 38.48 16.56 12.85
C ASP C 466 37.63 16.45 14.12
N ILE C 467 36.77 17.45 14.33
CA ILE C 467 35.91 17.50 15.52
C ILE C 467 34.84 16.42 15.47
N ASP C 468 34.46 16.01 14.25
CA ASP C 468 33.42 15.00 14.08
C ASP C 468 33.93 13.59 14.28
N VAL C 469 35.19 13.46 14.69
CA VAL C 469 35.81 12.16 14.93
C VAL C 469 36.08 12.01 16.44
N MET C 470 35.85 13.08 17.19
CA MET C 470 36.03 13.07 18.63
C MET C 470 35.18 11.99 19.29
N GLU C 471 35.74 11.30 20.28
CA GLU C 471 35.05 10.22 20.98
C GLU C 471 34.22 10.76 22.14
N LEU C 472 33.27 9.95 22.61
CA LEU C 472 32.29 10.41 23.59
C LEU C 472 32.85 10.61 24.99
N TYR C 473 33.45 9.55 25.55
CA TYR C 473 33.93 9.56 26.94
C TYR C 473 34.99 10.64 27.23
N PRO C 474 36.08 10.69 26.43
CA PRO C 474 37.06 11.75 26.72
C PRO C 474 36.47 13.14 26.54
N ALA C 475 35.57 13.30 25.57
CA ALA C 475 34.88 14.57 25.37
C ALA C 475 34.11 14.93 26.62
N LEU C 476 33.47 13.93 27.23
CA LEU C 476 32.73 14.13 28.46
C LEU C 476 33.66 14.58 29.58
N LEU C 477 34.87 14.03 29.60
CA LEU C 477 35.79 14.38 30.68
C LEU C 477 36.54 15.70 30.45
N VAL C 478 36.57 16.20 29.22
CA VAL C 478 37.29 17.43 28.93
C VAL C 478 36.37 18.57 28.50
N GLU C 479 35.06 18.34 28.55
CA GLU C 479 34.08 19.33 28.10
C GLU C 479 34.08 20.58 28.97
N LYS C 480 33.79 21.72 28.35
CA LYS C 480 33.60 22.97 29.08
C LYS C 480 32.45 22.84 30.07
N PRO C 481 32.74 22.99 31.36
CA PRO C 481 31.71 22.88 32.40
C PRO C 481 30.75 24.07 32.37
N ARG C 482 29.55 23.88 32.90
CA ARG C 482 28.65 25.00 33.15
C ARG C 482 29.30 25.91 34.19
N PRO C 483 28.90 27.20 34.22
CA PRO C 483 29.49 28.16 35.16
C PRO C 483 29.58 27.66 36.60
N ASP C 484 30.81 27.48 37.08
CA ASP C 484 31.06 26.96 38.44
C ASP C 484 30.33 25.65 38.70
N ALA C 485 30.30 24.78 37.69
CA ALA C 485 29.62 23.49 37.81
C ALA C 485 30.57 22.32 37.61
N ILE C 486 30.04 21.12 37.83
CA ILE C 486 30.86 19.91 37.78
C ILE C 486 30.81 19.24 36.40
N PHE C 487 29.73 19.48 35.67
CA PHE C 487 29.51 18.80 34.39
C PHE C 487 29.36 19.77 33.23
N GLY C 488 29.52 19.24 32.01
CA GLY C 488 29.23 19.98 30.81
C GLY C 488 27.81 19.68 30.36
N GLU C 489 27.44 20.17 29.18
CA GLU C 489 26.09 20.00 28.65
C GLU C 489 25.78 18.55 28.28
N THR C 490 26.73 17.90 27.60
CA THR C 490 26.54 16.55 27.09
C THR C 490 26.26 15.55 28.19
N MET C 491 27.05 15.62 29.26
CA MET C 491 26.91 14.73 30.41
C MET C 491 25.50 14.78 30.99
N VAL C 492 24.96 15.99 31.10
CA VAL C 492 23.64 16.19 31.68
C VAL C 492 22.54 15.76 30.73
N GLU C 493 22.62 16.23 29.47
CA GLU C 493 21.56 15.97 28.51
C GLU C 493 21.54 14.53 28.01
N LEU C 494 22.59 13.77 28.31
CA LEU C 494 22.57 12.35 28.05
C LEU C 494 22.20 11.58 29.31
N GLY C 495 22.80 11.97 30.43
CA GLY C 495 22.60 11.27 31.68
C GLY C 495 21.20 11.37 32.27
N ALA C 496 20.55 12.52 32.06
CA ALA C 496 19.25 12.78 32.67
C ALA C 496 18.11 11.87 32.16
N PRO C 497 17.97 11.69 30.83
CA PRO C 497 16.88 10.79 30.41
C PRO C 497 17.08 9.34 30.84
N PHE C 498 18.32 8.86 30.73
CA PHE C 498 18.70 7.54 31.22
C PHE C 498 18.29 7.39 32.69
N SER C 499 18.56 8.43 33.47
CA SER C 499 18.23 8.42 34.88
C SER C 499 16.73 8.41 35.10
N LEU C 500 15.99 9.16 34.28
CA LEU C 500 14.54 9.18 34.36
C LEU C 500 13.96 7.79 34.14
N LYS C 501 14.47 7.12 33.10
CA LYS C 501 14.01 5.78 32.80
C LYS C 501 14.42 4.79 33.90
N GLY C 502 15.57 5.05 34.52
CA GLY C 502 16.08 4.16 35.56
C GLY C 502 15.48 4.39 36.94
N LEU C 503 14.78 5.50 37.11
CA LEU C 503 14.21 5.86 38.40
C LEU C 503 12.68 5.75 38.41
N MET C 504 12.04 6.49 37.52
CA MET C 504 10.58 6.51 37.45
C MET C 504 10.05 5.33 36.66
N GLY C 505 10.95 4.63 35.96
CA GLY C 505 10.59 3.46 35.19
C GLY C 505 10.46 2.22 36.06
N ASN C 506 10.81 2.37 37.33
CA ASN C 506 10.68 1.30 38.31
C ASN C 506 9.22 0.94 38.53
N PRO C 507 8.91 -0.36 38.65
CA PRO C 507 7.52 -0.81 38.83
C PRO C 507 6.84 -0.24 40.07
N ILE C 508 7.59 0.13 41.10
CA ILE C 508 6.98 0.67 42.31
C ILE C 508 6.42 2.07 42.06
N CYS C 509 6.77 2.66 40.92
CA CYS C 509 6.26 3.98 40.56
C CYS C 509 5.03 3.87 39.67
N SER C 510 4.65 2.64 39.32
CA SER C 510 3.44 2.41 38.56
C SER C 510 2.21 2.57 39.45
N PRO C 511 1.06 2.96 38.86
CA PRO C 511 -0.15 3.24 39.65
C PRO C 511 -0.65 2.09 40.50
N GLN C 512 -0.43 0.84 40.07
CA GLN C 512 -0.88 -0.31 40.84
C GLN C 512 0.05 -0.62 41.99
N TYR C 513 1.25 -0.08 41.95
CA TYR C 513 2.22 -0.27 43.01
C TYR C 513 2.26 0.92 43.97
N TRP C 514 2.16 2.12 43.42
CA TRP C 514 2.32 3.33 44.23
C TRP C 514 1.10 3.57 45.12
N LYS C 515 1.01 2.79 46.19
CA LYS C 515 -0.09 2.90 47.15
C LYS C 515 0.38 2.38 48.50
N PRO C 516 -0.23 2.85 49.60
CA PRO C 516 0.20 2.48 50.96
C PRO C 516 0.27 0.97 51.22
N SER C 517 -0.71 0.22 50.72
CA SER C 517 -0.79 -1.21 50.99
C SER C 517 0.42 -1.97 50.48
N THR C 518 1.04 -1.47 49.41
CA THR C 518 2.23 -2.08 48.84
C THR C 518 3.37 -2.07 49.85
N PHE C 519 3.39 -1.06 50.70
CA PHE C 519 4.49 -0.87 51.64
C PHE C 519 4.07 -1.08 53.09
N GLY C 520 2.98 -1.82 53.28
CA GLY C 520 2.53 -2.18 54.62
C GLY C 520 1.75 -1.10 55.34
N GLY C 521 1.11 -0.21 54.57
CA GLY C 521 0.32 0.85 55.15
C GLY C 521 0.99 2.21 55.09
N GLU C 522 0.34 3.20 55.69
CA GLU C 522 0.79 4.59 55.62
C GLU C 522 2.15 4.82 56.29
N VAL C 523 2.56 3.90 57.17
CA VAL C 523 3.81 4.05 57.89
C VAL C 523 5.02 3.86 56.98
N GLY C 524 5.01 2.76 56.21
CA GLY C 524 6.07 2.52 55.25
C GLY C 524 6.08 3.55 54.14
N PHE C 525 4.87 3.91 53.70
CA PHE C 525 4.69 4.96 52.71
C PHE C 525 5.33 6.26 53.20
N LYS C 526 5.18 6.53 54.49
CA LYS C 526 5.76 7.71 55.11
C LYS C 526 7.28 7.56 55.18
N ILE C 527 7.76 6.34 55.41
CA ILE C 527 9.19 6.07 55.42
C ILE C 527 9.79 6.43 54.06
N ILE C 528 9.09 6.08 52.99
CA ILE C 528 9.54 6.43 51.66
C ILE C 528 9.47 7.93 51.39
N ASN C 529 8.30 8.52 51.64
CA ASN C 529 8.05 9.90 51.26
C ASN C 529 8.73 10.96 52.13
N THR C 530 9.41 10.53 53.19
CA THR C 530 10.14 11.45 54.05
C THR C 530 11.61 11.08 54.13
N ALA C 531 12.06 10.28 53.18
CA ALA C 531 13.45 9.82 53.18
C ALA C 531 14.40 10.92 52.73
N SER C 532 15.61 10.89 53.28
CA SER C 532 16.68 11.80 52.90
C SER C 532 18.01 11.18 53.30
N ILE C 533 19.10 11.63 52.70
CA ILE C 533 20.41 11.10 53.04
C ILE C 533 20.72 11.41 54.50
N GLN C 534 20.27 12.58 54.95
CA GLN C 534 20.48 13.02 56.32
C GLN C 534 19.75 12.12 57.31
N SER C 535 18.51 11.77 56.99
CA SER C 535 17.71 10.90 57.86
C SER C 535 18.24 9.47 57.80
N LEU C 536 18.70 9.07 56.61
CA LEU C 536 19.30 7.76 56.42
C LEU C 536 20.51 7.59 57.33
N ILE C 537 21.36 8.61 57.36
CA ILE C 537 22.55 8.55 58.22
C ILE C 537 22.14 8.67 59.69
N CYS C 538 21.23 9.57 59.98
CA CYS C 538 20.81 9.84 61.36
C CYS C 538 20.22 8.61 62.05
N ASN C 539 19.35 7.90 61.34
CA ASN C 539 18.68 6.73 61.91
C ASN C 539 19.62 5.56 62.18
N ASN C 540 20.68 5.45 61.38
CA ASN C 540 21.50 4.24 61.40
C ASN C 540 22.94 4.44 61.85
N VAL C 541 23.36 5.69 62.02
CA VAL C 541 24.73 5.97 62.46
C VAL C 541 24.73 6.55 63.86
N LYS C 542 25.54 5.96 64.74
CA LYS C 542 25.61 6.37 66.14
C LYS C 542 26.05 7.83 66.29
N GLY C 543 25.31 8.56 67.12
CA GLY C 543 25.61 9.97 67.35
C GLY C 543 24.83 10.89 66.45
N CYS C 544 24.18 10.32 65.45
CA CYS C 544 23.42 11.08 64.44
C CYS C 544 24.22 12.25 63.88
N PRO C 545 25.33 11.96 63.19
CA PRO C 545 26.17 13.05 62.69
C PRO C 545 25.52 13.79 61.53
N PHE C 546 25.75 15.09 61.44
CA PHE C 546 25.27 15.86 60.30
C PHE C 546 25.96 15.40 59.03
N THR C 547 25.19 15.25 57.95
CA THR C 547 25.77 14.91 56.68
C THR C 547 25.06 15.62 55.53
N SER C 548 25.71 15.62 54.38
CA SER C 548 25.20 16.31 53.19
C SER C 548 26.02 15.84 52.00
N PHE C 549 25.64 16.30 50.81
CA PHE C 549 26.39 15.95 49.61
C PHE C 549 27.35 17.07 49.22
N ASN C 550 27.38 18.13 50.03
CA ASN C 550 28.31 19.23 49.82
C ASN C 550 29.03 19.63 51.10
N VAL C 551 30.14 20.34 50.96
CA VAL C 551 30.95 20.76 52.10
C VAL C 551 30.47 22.09 52.67
N ALA D 1 -7.12 -18.03 59.66
CA ALA D 1 -6.80 -17.05 60.68
C ALA D 1 -6.59 -15.67 60.08
N ASN D 2 -6.10 -15.64 58.85
CA ASN D 2 -5.87 -14.39 58.14
C ASN D 2 -7.20 -13.65 57.92
N PRO D 3 -7.27 -12.40 58.40
CA PRO D 3 -8.49 -11.58 58.31
C PRO D 3 -8.89 -11.24 56.88
N CYS D 4 -8.03 -11.54 55.91
CA CYS D 4 -8.32 -11.24 54.50
C CYS D 4 -8.82 -12.48 53.76
N CYS D 5 -9.12 -13.54 54.50
CA CYS D 5 -9.57 -14.79 53.90
C CYS D 5 -10.95 -14.67 53.24
N SER D 6 -11.76 -13.73 53.72
CA SER D 6 -13.12 -13.57 53.21
C SER D 6 -13.16 -12.73 51.94
N ASN D 7 -12.00 -12.21 51.54
CA ASN D 7 -11.89 -11.29 50.41
C ASN D 7 -12.88 -10.12 50.54
N PRO D 8 -12.74 -9.33 51.62
CA PRO D 8 -13.74 -8.30 51.92
C PRO D 8 -13.67 -7.10 50.97
N CYS D 9 -12.48 -6.78 50.49
CA CYS D 9 -12.29 -5.60 49.65
C CYS D 9 -12.90 -5.76 48.26
N GLN D 10 -13.76 -4.81 47.90
CA GLN D 10 -14.45 -4.84 46.61
C GLN D 10 -13.83 -3.85 45.64
N ASN D 11 -14.18 -4.00 44.36
CA ASN D 11 -13.74 -3.09 43.31
C ASN D 11 -12.22 -2.92 43.24
N ARG D 12 -11.52 -4.05 43.29
CA ARG D 12 -10.06 -4.09 43.18
C ARG D 12 -9.35 -3.32 44.29
N GLY D 13 -10.04 -3.03 45.37
CA GLY D 13 -9.41 -2.49 46.56
C GLY D 13 -8.51 -3.57 47.12
N GLU D 14 -7.42 -3.19 47.78
CA GLU D 14 -6.45 -4.20 48.23
C GLU D 14 -6.55 -4.48 49.74
N CYS D 15 -6.56 -5.75 50.10
CA CYS D 15 -6.71 -6.13 51.50
C CYS D 15 -5.37 -6.24 52.20
N MET D 16 -5.28 -5.67 53.40
CA MET D 16 -4.06 -5.77 54.20
C MET D 16 -4.41 -6.08 55.66
N SER D 17 -3.69 -7.01 56.26
CA SER D 17 -3.91 -7.34 57.66
C SER D 17 -3.27 -6.31 58.58
N THR D 18 -4.06 -5.81 59.53
CA THR D 18 -3.56 -4.86 60.52
C THR D 18 -3.70 -5.45 61.92
N GLY D 19 -3.10 -6.62 62.11
CA GLY D 19 -3.26 -7.36 63.35
C GLY D 19 -3.75 -8.77 63.05
N PHE D 20 -3.97 -9.56 64.09
CA PHE D 20 -4.39 -10.94 63.92
C PHE D 20 -5.86 -11.07 63.51
N ASP D 21 -6.68 -10.12 63.95
CA ASP D 21 -8.12 -10.22 63.74
C ASP D 21 -8.72 -8.98 63.09
N GLN D 22 -7.89 -8.18 62.42
CA GLN D 22 -8.37 -6.97 61.78
C GLN D 22 -7.74 -6.76 60.41
N TYR D 23 -8.47 -6.11 59.52
CA TYR D 23 -7.96 -5.81 58.18
C TYR D 23 -8.22 -4.34 57.81
N LYS D 24 -7.73 -3.96 56.64
CA LYS D 24 -7.95 -2.63 56.09
C LYS D 24 -7.84 -2.68 54.57
N CYS D 25 -8.73 -1.95 53.89
CA CYS D 25 -8.74 -1.93 52.44
C CYS D 25 -8.16 -0.65 51.88
N ASP D 26 -7.15 -0.79 51.03
CA ASP D 26 -6.60 0.32 50.27
C ASP D 26 -7.50 0.56 49.06
N CYS D 27 -8.19 1.71 49.09
CA CYS D 27 -9.15 2.06 48.05
C CYS D 27 -8.56 3.04 47.04
N THR D 28 -7.23 3.15 47.05
CA THR D 28 -6.52 4.10 46.20
C THR D 28 -6.84 3.92 44.71
N ARG D 29 -7.38 4.98 44.11
CA ARG D 29 -7.69 5.03 42.69
C ARG D 29 -8.64 3.93 42.22
N THR D 30 -9.50 3.47 43.12
CA THR D 30 -10.50 2.47 42.75
C THR D 30 -11.80 3.15 42.32
N GLY D 31 -11.96 4.40 42.75
CA GLY D 31 -13.18 5.14 42.49
C GLY D 31 -14.21 4.91 43.59
N PHE D 32 -13.79 4.18 44.61
CA PHE D 32 -14.66 3.87 45.74
C PHE D 32 -13.97 4.18 47.06
N TYR D 33 -14.76 4.34 48.11
CA TYR D 33 -14.23 4.49 49.46
C TYR D 33 -15.09 3.73 50.45
N GLY D 34 -14.71 3.77 51.73
CA GLY D 34 -15.40 3.01 52.76
C GLY D 34 -14.55 1.85 53.22
N GLU D 35 -15.08 1.07 54.17
CA GLU D 35 -14.32 -0.01 54.79
C GLU D 35 -13.89 -1.08 53.78
N ASN D 36 -14.83 -1.54 52.95
CA ASN D 36 -14.49 -2.54 51.94
C ASN D 36 -14.51 -1.97 50.51
N CYS D 37 -14.37 -0.65 50.39
CA CYS D 37 -14.40 0.02 49.09
C CYS D 37 -15.69 -0.30 48.33
N THR D 38 -16.83 -0.01 48.94
CA THR D 38 -18.11 -0.29 48.31
C THR D 38 -18.91 0.97 48.02
N THR D 39 -18.54 2.08 48.66
CA THR D 39 -19.23 3.34 48.46
C THR D 39 -18.63 4.10 47.27
N PRO D 40 -19.44 4.31 46.23
CA PRO D 40 -18.99 4.94 44.99
C PRO D 40 -18.87 6.47 45.07
N GLU D 41 -17.91 7.02 44.33
CA GLU D 41 -17.82 8.46 44.18
C GLU D 41 -18.83 8.91 43.13
N PHE D 42 -19.04 10.22 43.05
CA PHE D 42 -20.02 10.80 42.13
C PHE D 42 -19.71 10.42 40.68
N LEU D 43 -18.47 10.68 40.27
CA LEU D 43 -18.01 10.34 38.93
C LEU D 43 -18.09 8.84 38.70
N THR D 44 -17.87 8.06 39.75
CA THR D 44 -17.95 6.61 39.66
C THR D 44 -19.39 6.17 39.42
N ARG D 45 -20.33 6.81 40.10
CA ARG D 45 -21.75 6.53 39.89
C ARG D 45 -22.15 6.87 38.46
N ILE D 46 -21.73 8.06 38.01
CA ILE D 46 -22.01 8.49 36.65
C ILE D 46 -21.48 7.51 35.60
N LYS D 47 -20.22 7.13 35.75
CA LYS D 47 -19.61 6.17 34.82
C LYS D 47 -20.25 4.79 34.95
N LEU D 48 -20.84 4.51 36.11
CA LEU D 48 -21.47 3.22 36.36
C LEU D 48 -22.80 3.09 35.64
N LEU D 49 -23.67 4.08 35.81
CA LEU D 49 -25.00 4.00 35.21
C LEU D 49 -24.96 4.21 33.70
N LEU D 50 -23.83 4.69 33.18
CA LEU D 50 -23.70 4.94 31.76
C LEU D 50 -22.96 3.82 31.03
N LYS D 51 -22.48 2.84 31.80
CA LYS D 51 -21.74 1.72 31.22
C LYS D 51 -22.65 0.57 30.82
N PRO D 52 -22.61 0.19 29.54
CA PRO D 52 -23.40 -0.95 29.04
C PRO D 52 -22.78 -2.28 29.43
N THR D 53 -23.63 -3.29 29.66
CA THR D 53 -23.15 -4.62 30.02
C THR D 53 -22.49 -5.29 28.81
N PRO D 54 -21.55 -6.22 29.06
CA PRO D 54 -20.88 -6.95 27.99
C PRO D 54 -21.85 -7.64 27.01
N ASN D 55 -22.98 -8.12 27.52
CA ASN D 55 -23.97 -8.78 26.68
C ASN D 55 -24.65 -7.80 25.72
N THR D 56 -24.81 -6.56 26.16
CA THR D 56 -25.39 -5.52 25.32
C THR D 56 -24.44 -5.17 24.17
N VAL D 57 -23.17 -4.95 24.51
CA VAL D 57 -22.14 -4.65 23.53
C VAL D 57 -22.00 -5.81 22.53
N HIS D 58 -22.05 -7.02 23.06
CA HIS D 58 -21.98 -8.22 22.22
C HIS D 58 -23.16 -8.29 21.27
N TYR D 59 -24.35 -8.03 21.79
CA TYR D 59 -25.57 -8.01 20.97
C TYR D 59 -25.44 -6.99 19.85
N ILE D 60 -25.00 -5.78 20.18
CA ILE D 60 -24.84 -4.72 19.21
C ILE D 60 -23.82 -5.11 18.13
N LEU D 61 -22.73 -5.72 18.56
CA LEU D 61 -21.65 -6.09 17.64
C LEU D 61 -21.99 -7.32 16.79
N THR D 62 -23.01 -8.08 17.20
CA THR D 62 -23.40 -9.25 16.44
C THR D 62 -24.68 -9.03 15.64
N HIS D 63 -25.31 -7.87 15.81
CA HIS D 63 -26.53 -7.55 15.08
C HIS D 63 -26.35 -6.27 14.27
N PHE D 64 -27.42 -5.84 13.60
CA PHE D 64 -27.40 -4.66 12.73
C PHE D 64 -26.33 -4.80 11.66
N LYS D 65 -26.42 -5.86 10.87
CA LYS D 65 -25.39 -6.22 9.90
C LYS D 65 -25.15 -5.15 8.84
N GLY D 66 -26.21 -4.46 8.44
CA GLY D 66 -26.10 -3.42 7.41
C GLY D 66 -25.30 -2.22 7.88
N VAL D 67 -25.58 -1.77 9.09
CA VAL D 67 -24.86 -0.64 9.68
C VAL D 67 -23.37 -0.93 9.76
N TRP D 68 -23.03 -2.13 10.22
CA TRP D 68 -21.63 -2.55 10.26
C TRP D 68 -21.06 -2.68 8.86
N ASN D 69 -21.91 -3.03 7.90
CA ASN D 69 -21.48 -3.12 6.52
C ASN D 69 -21.10 -1.75 6.00
N ILE D 70 -21.77 -0.73 6.51
CA ILE D 70 -21.43 0.65 6.16
C ILE D 70 -20.16 1.10 6.89
N VAL D 71 -20.08 0.81 8.18
CA VAL D 71 -18.94 1.22 9.00
C VAL D 71 -17.62 0.62 8.52
N ASN D 72 -17.65 -0.67 8.18
CA ASN D 72 -16.46 -1.37 7.72
C ASN D 72 -15.87 -0.77 6.44
N ASN D 73 -16.71 -0.10 5.67
CA ASN D 73 -16.27 0.53 4.43
C ASN D 73 -15.86 1.98 4.62
N ILE D 74 -15.87 2.43 5.88
CA ILE D 74 -15.42 3.79 6.22
C ILE D 74 -14.26 3.71 7.19
N PRO D 75 -13.02 3.88 6.68
CA PRO D 75 -11.78 3.75 7.44
C PRO D 75 -11.77 4.54 8.75
N PHE D 76 -12.29 5.76 8.70
CA PHE D 76 -12.35 6.62 9.88
C PHE D 76 -13.22 6.00 10.98
N LEU D 77 -14.44 5.63 10.61
CA LEU D 77 -15.38 5.03 11.56
C LEU D 77 -14.88 3.69 12.08
N ARG D 78 -14.35 2.88 11.17
CA ARG D 78 -13.82 1.57 11.54
C ARG D 78 -12.67 1.69 12.54
N SER D 79 -11.76 2.62 12.27
CA SER D 79 -10.64 2.87 13.17
C SER D 79 -11.11 3.42 14.51
N LEU D 80 -12.14 4.28 14.47
CA LEU D 80 -12.72 4.86 15.67
C LEU D 80 -13.28 3.78 16.58
N ILE D 81 -14.16 2.94 16.01
CA ILE D 81 -14.81 1.87 16.75
C ILE D 81 -13.79 0.83 17.22
N MET D 82 -12.79 0.55 16.39
CA MET D 82 -11.74 -0.39 16.78
C MET D 82 -10.95 0.16 17.98
N LYS D 83 -10.72 1.47 17.97
CA LYS D 83 -10.05 2.14 19.08
C LYS D 83 -10.89 2.03 20.34
N TYR D 84 -12.21 2.20 20.18
CA TYR D 84 -13.12 2.01 21.30
C TYR D 84 -13.03 0.60 21.87
N VAL D 85 -13.01 -0.38 20.99
CA VAL D 85 -12.93 -1.79 21.40
C VAL D 85 -11.64 -2.08 22.16
N LEU D 86 -10.52 -1.63 21.59
CA LEU D 86 -9.22 -1.77 22.25
C LEU D 86 -9.22 -1.12 23.63
N THR D 87 -9.74 0.09 23.70
CA THR D 87 -9.81 0.85 24.95
C THR D 87 -10.67 0.13 26.00
N SER D 88 -11.75 -0.49 25.54
CA SER D 88 -12.68 -1.17 26.45
C SER D 88 -12.02 -2.38 27.12
N ARG D 89 -11.00 -2.93 26.48
CA ARG D 89 -10.27 -4.07 27.03
C ARG D 89 -9.04 -3.62 27.82
N SER D 90 -8.81 -2.32 27.87
CA SER D 90 -7.66 -1.77 28.59
C SER D 90 -7.98 -1.56 30.07
N TYR D 91 -6.93 -1.31 30.85
CA TYR D 91 -7.04 -0.99 32.28
C TYR D 91 -7.63 -2.13 33.11
N LEU D 92 -7.63 -3.34 32.57
CA LEU D 92 -8.14 -4.50 33.28
C LEU D 92 -7.00 -5.36 33.83
N ILE D 93 -5.84 -5.27 33.19
CA ILE D 93 -4.71 -6.12 33.55
C ILE D 93 -3.61 -5.33 34.26
N ASP D 94 -3.13 -5.86 35.37
CA ASP D 94 -1.99 -5.27 36.07
C ASP D 94 -0.74 -5.35 35.22
N SER D 95 -0.24 -4.19 34.81
CA SER D 95 0.98 -4.11 34.01
C SER D 95 1.77 -2.87 34.40
N PRO D 96 2.93 -3.04 35.05
CA PRO D 96 3.68 -4.25 35.43
C PRO D 96 2.90 -5.21 36.33
N PRO D 97 3.17 -6.52 36.22
CA PRO D 97 2.44 -7.57 36.94
C PRO D 97 2.62 -7.51 38.45
N THR D 98 1.73 -8.16 39.19
CA THR D 98 1.77 -8.12 40.64
C THR D 98 1.94 -9.51 41.27
N TYR D 99 0.82 -10.18 41.52
CA TYR D 99 0.84 -11.42 42.30
C TYR D 99 1.22 -12.65 41.50
N ASN D 100 1.59 -13.72 42.22
CA ASN D 100 1.72 -15.05 41.64
C ASN D 100 1.29 -16.11 42.65
N VAL D 101 1.56 -17.38 42.35
CA VAL D 101 1.08 -18.48 43.16
C VAL D 101 1.67 -18.47 44.58
N HIS D 102 2.81 -17.82 44.76
CA HIS D 102 3.48 -17.83 46.05
C HIS D 102 3.34 -16.52 46.82
N TYR D 103 2.81 -15.49 46.18
CA TYR D 103 2.71 -14.18 46.81
C TYR D 103 1.33 -13.54 46.64
N GLY D 104 0.61 -13.45 47.74
CA GLY D 104 -0.70 -12.80 47.76
C GLY D 104 -0.56 -11.30 47.97
N TYR D 105 0.68 -10.88 48.17
CA TYR D 105 1.00 -9.46 48.31
C TYR D 105 2.06 -9.09 47.28
N LYS D 106 2.17 -7.81 46.97
CA LYS D 106 3.17 -7.36 46.00
C LYS D 106 4.57 -7.44 46.60
N SER D 107 5.50 -7.99 45.82
CA SER D 107 6.88 -8.13 46.25
C SER D 107 7.80 -8.07 45.04
N TRP D 108 9.09 -7.80 45.27
CA TRP D 108 10.04 -7.72 44.17
C TRP D 108 10.30 -9.10 43.58
N GLU D 109 10.13 -10.14 44.40
CA GLU D 109 10.29 -11.50 43.94
C GLU D 109 9.23 -11.85 42.91
N ALA D 110 7.99 -11.47 43.21
CA ALA D 110 6.86 -11.74 42.32
C ALA D 110 6.99 -10.95 41.01
N PHE D 111 7.58 -9.76 41.09
CA PHE D 111 7.75 -8.94 39.91
C PHE D 111 8.90 -9.41 39.01
N SER D 112 10.02 -9.75 39.62
CA SER D 112 11.26 -9.97 38.88
C SER D 112 11.45 -11.41 38.38
N ASN D 113 10.90 -12.38 39.11
CA ASN D 113 11.10 -13.79 38.74
C ASN D 113 10.17 -14.19 37.59
N LEU D 114 10.77 -14.37 36.41
CA LEU D 114 10.00 -14.63 35.20
C LEU D 114 9.56 -16.08 35.07
N SER D 115 10.01 -16.94 35.97
CA SER D 115 9.65 -18.35 35.92
C SER D 115 8.21 -18.59 36.36
N TYR D 116 7.65 -17.64 37.11
CA TYR D 116 6.26 -17.71 37.56
C TYR D 116 5.27 -17.30 36.48
N TYR D 117 4.14 -17.99 36.41
CA TYR D 117 2.96 -17.39 35.81
C TYR D 117 2.53 -16.28 36.76
N THR D 118 1.98 -15.20 36.23
CA THR D 118 1.47 -14.15 37.11
C THR D 118 0.01 -14.45 37.42
N ARG D 119 -0.60 -13.66 38.30
CA ARG D 119 -1.97 -13.93 38.72
C ARG D 119 -2.83 -12.66 38.71
N ALA D 120 -4.01 -12.75 38.08
CA ALA D 120 -4.95 -11.65 38.05
C ALA D 120 -5.59 -11.45 39.43
N LEU D 121 -5.81 -12.57 40.11
CA LEU D 121 -6.24 -12.54 41.51
C LEU D 121 -5.27 -13.32 42.37
N PRO D 122 -4.95 -12.79 43.56
CA PRO D 122 -4.03 -13.45 44.48
C PRO D 122 -4.55 -14.80 44.95
N PRO D 123 -3.64 -15.73 45.28
CA PRO D 123 -4.07 -17.03 45.78
C PRO D 123 -4.74 -16.94 47.14
N VAL D 124 -5.56 -17.92 47.49
CA VAL D 124 -6.12 -17.98 48.82
C VAL D 124 -5.01 -18.40 49.77
N ALA D 125 -4.86 -17.65 50.87
CA ALA D 125 -3.80 -17.90 51.84
C ALA D 125 -3.90 -19.32 52.40
N ASP D 126 -2.77 -19.86 52.83
CA ASP D 126 -2.68 -21.25 53.25
C ASP D 126 -3.41 -21.54 54.56
N ASP D 127 -3.54 -20.52 55.42
CA ASP D 127 -4.13 -20.72 56.73
C ASP D 127 -5.62 -20.37 56.76
N CYS D 128 -6.22 -20.25 55.58
CA CYS D 128 -7.66 -20.03 55.48
C CYS D 128 -8.41 -21.32 55.75
N PRO D 129 -9.54 -21.23 56.48
CA PRO D 129 -10.32 -22.40 56.90
C PRO D 129 -10.89 -23.22 55.73
N THR D 130 -11.31 -22.55 54.66
CA THR D 130 -11.88 -23.23 53.49
C THR D 130 -11.08 -22.90 52.24
N PRO D 131 -11.07 -23.80 51.24
CA PRO D 131 -10.34 -23.61 49.99
C PRO D 131 -10.63 -22.28 49.29
N MET D 132 -11.87 -21.82 49.33
CA MET D 132 -12.23 -20.57 48.67
C MET D 132 -12.09 -19.36 49.59
N GLY D 133 -11.73 -19.61 50.84
CA GLY D 133 -11.55 -18.55 51.81
C GLY D 133 -12.24 -18.83 53.14
N VAL D 134 -13.52 -18.49 53.21
CA VAL D 134 -14.31 -18.75 54.41
C VAL D 134 -15.65 -19.41 54.07
N LYS D 135 -16.04 -19.35 52.80
CA LYS D 135 -17.29 -19.95 52.35
C LYS D 135 -17.10 -21.40 51.94
N GLY D 136 -18.18 -22.16 51.98
CA GLY D 136 -18.16 -23.55 51.55
C GLY D 136 -17.73 -24.52 52.64
N ASN D 137 -17.69 -25.79 52.29
CA ASN D 137 -17.28 -26.83 53.23
C ASN D 137 -15.75 -26.86 53.40
N LYS D 138 -15.28 -27.78 54.23
CA LYS D 138 -13.84 -27.92 54.48
C LYS D 138 -13.09 -28.31 53.21
N GLU D 139 -13.75 -29.08 52.35
CA GLU D 139 -13.13 -29.52 51.10
C GLU D 139 -14.06 -29.33 49.91
N LEU D 140 -13.50 -28.90 48.79
CA LEU D 140 -14.23 -28.80 47.53
C LEU D 140 -14.72 -30.19 47.11
N PRO D 141 -15.81 -30.25 46.33
CA PRO D 141 -16.33 -31.54 45.89
C PRO D 141 -15.32 -32.33 45.06
N ASP D 142 -15.42 -33.65 45.12
CA ASP D 142 -14.52 -34.54 44.39
C ASP D 142 -14.42 -34.17 42.91
N SER D 143 -13.20 -33.97 42.45
CA SER D 143 -12.96 -33.53 41.08
C SER D 143 -13.44 -34.56 40.06
N LYS D 144 -13.31 -35.84 40.39
CA LYS D 144 -13.76 -36.91 39.52
C LYS D 144 -15.27 -36.82 39.28
N GLU D 145 -16.01 -36.49 40.33
CA GLU D 145 -17.46 -36.40 40.23
C GLU D 145 -17.90 -35.18 39.44
N VAL D 146 -17.21 -34.07 39.61
CA VAL D 146 -17.48 -32.88 38.81
C VAL D 146 -17.25 -33.18 37.33
N LEU D 147 -16.05 -33.71 37.06
CA LEU D 147 -15.66 -34.15 35.72
C LEU D 147 -16.71 -35.05 35.07
N GLU D 148 -17.05 -36.14 35.75
CA GLU D 148 -17.95 -37.13 35.18
C GLU D 148 -19.38 -36.62 35.04
N LYS D 149 -19.83 -35.81 36.00
CA LYS D 149 -21.22 -35.35 35.99
C LYS D 149 -21.48 -34.23 34.99
N VAL D 150 -20.62 -33.21 34.96
CA VAL D 150 -20.93 -32.03 34.17
C VAL D 150 -19.94 -31.67 33.06
N LEU D 151 -18.85 -32.43 32.95
CA LEU D 151 -17.82 -32.08 31.97
C LEU D 151 -17.69 -33.09 30.82
N LEU D 152 -17.74 -34.37 31.15
CA LEU D 152 -17.49 -35.42 30.16
C LEU D 152 -18.55 -35.46 29.06
N ARG D 153 -18.12 -35.81 27.85
CA ARG D 153 -18.97 -35.81 26.68
C ARG D 153 -19.77 -37.10 26.54
N ARG D 154 -21.10 -36.98 26.53
CA ARG D 154 -21.97 -38.11 26.26
C ARG D 154 -22.10 -38.30 24.75
N GLU D 155 -22.51 -37.23 24.07
CA GLU D 155 -22.59 -37.20 22.62
C GLU D 155 -21.92 -35.92 22.13
N PHE D 156 -21.22 -36.01 21.01
CA PHE D 156 -20.48 -34.87 20.47
C PHE D 156 -21.38 -33.68 20.18
N ILE D 157 -21.05 -32.54 20.76
CA ILE D 157 -21.80 -31.31 20.54
C ILE D 157 -21.01 -30.37 19.63
N PRO D 158 -21.46 -30.22 18.38
CA PRO D 158 -20.75 -29.37 17.42
C PRO D 158 -20.84 -27.89 17.78
N ASP D 159 -19.84 -27.13 17.35
CA ASP D 159 -19.84 -25.68 17.57
C ASP D 159 -20.84 -25.01 16.63
N PRO D 160 -21.81 -24.27 17.19
CA PRO D 160 -22.80 -23.53 16.39
C PRO D 160 -22.18 -22.42 15.55
N GLN D 161 -20.98 -21.97 15.91
CA GLN D 161 -20.27 -20.98 15.10
C GLN D 161 -19.52 -21.64 13.97
N GLY D 162 -19.57 -22.98 13.93
CA GLY D 162 -18.99 -23.74 12.85
C GLY D 162 -17.46 -23.75 12.82
N SER D 163 -16.83 -23.63 13.98
CA SER D 163 -15.39 -23.73 14.08
C SER D 163 -14.91 -25.08 13.55
N ASN D 164 -13.77 -25.09 12.87
CA ASN D 164 -13.23 -26.34 12.33
C ASN D 164 -11.91 -26.72 12.98
N MET D 165 -11.26 -27.75 12.45
CA MET D 165 -10.03 -28.27 13.04
C MET D 165 -8.84 -27.37 12.71
N MET D 166 -8.93 -26.63 11.61
CA MET D 166 -7.93 -25.61 11.31
C MET D 166 -7.88 -24.61 12.44
N PHE D 167 -9.06 -24.19 12.89
CA PHE D 167 -9.17 -23.26 14.01
C PHE D 167 -8.63 -23.87 15.30
N ALA D 168 -9.09 -25.07 15.62
CA ALA D 168 -8.71 -25.73 16.87
C ALA D 168 -7.19 -25.90 16.97
N PHE D 169 -6.61 -26.45 15.91
CA PHE D 169 -5.17 -26.69 15.90
C PHE D 169 -4.37 -25.40 15.80
N PHE D 170 -4.94 -24.37 15.16
CA PHE D 170 -4.28 -23.07 15.16
C PHE D 170 -4.25 -22.51 16.57
N ALA D 171 -5.33 -22.73 17.31
CA ALA D 171 -5.42 -22.24 18.68
C ALA D 171 -4.41 -22.96 19.56
N GLN D 172 -4.36 -24.28 19.45
CA GLN D 172 -3.39 -25.08 20.21
C GLN D 172 -1.96 -24.62 19.90
N HIS D 173 -1.62 -24.64 18.61
CA HIS D 173 -0.29 -24.27 18.14
C HIS D 173 0.12 -22.88 18.60
N PHE D 174 -0.76 -21.91 18.40
CA PHE D 174 -0.49 -20.52 18.75
C PHE D 174 -0.33 -20.34 20.26
N THR D 175 -1.24 -20.90 21.03
CA THR D 175 -1.21 -20.71 22.48
C THR D 175 -0.03 -21.42 23.14
N HIS D 176 0.43 -22.52 22.53
CA HIS D 176 1.48 -23.31 23.17
C HIS D 176 2.88 -22.70 23.05
N GLN D 177 2.95 -21.43 22.69
CA GLN D 177 4.23 -20.73 22.69
C GLN D 177 4.39 -19.92 23.99
N PHE D 178 3.27 -19.59 24.62
CA PHE D 178 3.33 -18.89 25.91
C PHE D 178 2.61 -19.65 27.02
N PHE D 179 1.98 -20.77 26.69
CA PHE D 179 1.50 -21.70 27.71
C PHE D 179 2.39 -22.93 27.73
N LYS D 180 3.44 -22.88 28.54
CA LYS D 180 4.39 -23.99 28.63
C LYS D 180 4.75 -24.25 30.09
N THR D 181 3.87 -24.95 30.80
CA THR D 181 4.04 -25.18 32.23
C THR D 181 5.29 -25.98 32.55
N ASP D 182 6.08 -25.48 33.49
CA ASP D 182 7.26 -26.19 33.97
C ASP D 182 6.87 -27.17 35.08
N HIS D 183 6.60 -28.40 34.67
CA HIS D 183 6.14 -29.44 35.59
C HIS D 183 7.23 -29.89 36.55
N LYS D 184 8.46 -29.46 36.31
CA LYS D 184 9.57 -29.77 37.19
C LYS D 184 9.53 -28.86 38.42
N ARG D 185 8.89 -27.71 38.27
CA ARG D 185 8.76 -26.75 39.36
C ARG D 185 7.35 -26.79 39.95
N GLY D 186 6.35 -26.85 39.09
CA GLY D 186 4.96 -26.86 39.52
C GLY D 186 4.06 -26.22 38.49
N PRO D 187 2.73 -26.35 38.68
CA PRO D 187 1.74 -25.80 37.73
C PRO D 187 1.76 -24.27 37.65
N GLY D 188 2.32 -23.61 38.66
CA GLY D 188 2.36 -22.17 38.69
C GLY D 188 3.62 -21.59 38.06
N PHE D 189 4.36 -22.41 37.33
CA PHE D 189 5.60 -21.98 36.70
C PHE D 189 5.58 -22.22 35.20
N THR D 190 6.31 -21.39 34.45
CA THR D 190 6.33 -21.48 33.00
C THR D 190 7.75 -21.58 32.45
N ARG D 191 7.88 -22.18 31.27
CA ARG D 191 9.17 -22.31 30.60
C ARG D 191 9.32 -21.23 29.53
N GLY D 192 8.22 -20.52 29.25
CA GLY D 192 8.23 -19.46 28.26
C GLY D 192 8.57 -18.12 28.89
N LEU D 193 9.88 -17.85 29.01
CA LEU D 193 10.35 -16.64 29.66
C LEU D 193 10.04 -15.39 28.86
N GLY D 194 9.66 -15.57 27.59
CA GLY D 194 9.27 -14.45 26.75
C GLY D 194 7.93 -13.88 27.16
N HIS D 195 7.09 -14.72 27.76
CA HIS D 195 5.77 -14.31 28.25
C HIS D 195 4.92 -13.63 27.18
N GLY D 196 4.90 -14.20 25.98
CA GLY D 196 4.10 -13.64 24.91
C GLY D 196 4.41 -14.23 23.54
N VAL D 197 4.05 -13.49 22.50
CA VAL D 197 4.23 -13.95 21.13
C VAL D 197 5.63 -13.66 20.63
N ASP D 198 6.55 -14.60 20.86
CA ASP D 198 7.93 -14.45 20.41
C ASP D 198 8.29 -15.51 19.38
N LEU D 199 7.31 -16.36 19.08
CA LEU D 199 7.46 -17.44 18.10
C LEU D 199 8.56 -18.42 18.48
N ASN D 200 8.78 -18.59 19.79
CA ASN D 200 9.75 -19.56 20.28
C ASN D 200 9.35 -20.99 19.93
N HIS D 201 8.07 -21.19 19.61
CA HIS D 201 7.59 -22.52 19.23
C HIS D 201 8.00 -22.85 17.80
N ILE D 202 8.58 -21.87 17.12
CA ILE D 202 9.14 -22.09 15.79
C ILE D 202 10.66 -22.01 15.84
N TYR D 203 11.19 -21.06 16.60
CA TYR D 203 12.62 -20.76 16.60
C TYR D 203 13.36 -21.32 17.81
N GLY D 204 12.64 -21.76 18.82
CA GLY D 204 13.26 -22.30 20.02
C GLY D 204 13.30 -21.29 21.14
N GLU D 205 13.23 -21.77 22.37
CA GLU D 205 13.25 -20.91 23.54
C GLU D 205 14.64 -20.34 23.81
N THR D 206 15.67 -21.16 23.59
CA THR D 206 17.04 -20.72 23.84
C THR D 206 17.83 -20.54 22.55
N LEU D 207 18.96 -19.84 22.64
CA LEU D 207 19.77 -19.51 21.48
C LEU D 207 20.44 -20.73 20.85
N ASP D 208 20.87 -21.66 21.70
CA ASP D 208 21.52 -22.87 21.22
C ASP D 208 20.56 -23.73 20.40
N ARG D 209 19.33 -23.84 20.88
CA ARG D 209 18.28 -24.56 20.16
C ARG D 209 18.01 -23.91 18.81
N GLN D 210 17.92 -22.58 18.82
CA GLN D 210 17.73 -21.80 17.61
C GLN D 210 18.83 -22.08 16.59
N HIS D 211 20.08 -22.06 17.06
CA HIS D 211 21.22 -22.30 16.20
C HIS D 211 21.20 -23.72 15.66
N LYS D 212 20.74 -24.67 16.48
CA LYS D 212 20.58 -26.04 16.02
C LYS D 212 19.52 -26.12 14.93
N LEU D 213 18.52 -25.25 15.00
CA LEU D 213 17.41 -25.26 14.04
C LEU D 213 17.70 -24.44 12.79
N ARG D 214 18.72 -23.59 12.85
CA ARG D 214 19.02 -22.69 11.72
C ARG D 214 19.99 -23.32 10.71
N LEU D 215 19.87 -22.90 9.46
CA LEU D 215 20.73 -23.37 8.38
C LEU D 215 21.96 -22.49 8.26
N PHE D 216 21.87 -21.27 8.79
CA PHE D 216 22.94 -20.28 8.72
C PHE D 216 23.33 -19.98 7.28
N LYS D 217 22.34 -20.01 6.41
CA LYS D 217 22.48 -19.60 5.02
C LYS D 217 21.19 -18.94 4.55
N ASP D 218 21.30 -17.70 4.07
CA ASP D 218 20.16 -16.93 3.58
C ASP D 218 19.10 -16.68 4.65
N GLY D 219 19.49 -16.85 5.92
CA GLY D 219 18.60 -16.58 7.04
C GLY D 219 17.60 -17.69 7.32
N LYS D 220 17.74 -18.80 6.59
CA LYS D 220 16.73 -19.86 6.61
C LYS D 220 16.88 -20.86 7.76
N LEU D 221 15.80 -21.58 8.02
CA LEU D 221 15.81 -22.68 8.97
C LEU D 221 16.07 -23.99 8.24
N LYS D 222 16.73 -24.92 8.91
CA LYS D 222 17.00 -26.23 8.33
C LYS D 222 15.70 -26.95 7.97
N TYR D 223 15.76 -27.82 6.97
CA TYR D 223 14.58 -28.54 6.52
C TYR D 223 14.98 -29.75 5.69
N GLN D 224 14.02 -30.65 5.46
CA GLN D 224 14.25 -31.79 4.59
C GLN D 224 13.21 -31.84 3.48
N VAL D 225 13.53 -32.52 2.40
CA VAL D 225 12.61 -32.65 1.28
C VAL D 225 12.20 -34.10 1.09
N ILE D 226 10.94 -34.38 1.42
CA ILE D 226 10.38 -35.72 1.25
C ILE D 226 9.28 -35.71 0.20
N GLY D 227 9.46 -36.50 -0.85
CA GLY D 227 8.50 -36.56 -1.94
C GLY D 227 8.27 -35.23 -2.60
N GLY D 228 9.30 -34.39 -2.61
CA GLY D 228 9.21 -33.07 -3.22
C GLY D 228 8.59 -32.03 -2.31
N GLU D 229 8.23 -32.43 -1.09
CA GLU D 229 7.60 -31.52 -0.14
C GLU D 229 8.57 -31.13 0.96
N VAL D 230 8.44 -29.90 1.46
CA VAL D 230 9.33 -29.42 2.52
C VAL D 230 8.77 -29.74 3.91
N TYR D 231 9.59 -30.40 4.72
CA TYR D 231 9.21 -30.75 6.08
C TYR D 231 10.30 -30.34 7.07
N PRO D 232 9.96 -30.24 8.36
CA PRO D 232 10.98 -29.94 9.38
C PRO D 232 12.09 -30.99 9.42
N PRO D 233 13.29 -30.60 9.86
CA PRO D 233 14.43 -31.54 9.94
C PRO D 233 14.21 -32.59 11.03
N THR D 234 15.10 -33.58 11.09
CA THR D 234 14.96 -34.67 12.06
C THR D 234 15.80 -34.43 13.31
N VAL D 235 15.48 -35.17 14.36
CA VAL D 235 16.23 -35.10 15.61
C VAL D 235 17.65 -35.63 15.40
N LYS D 236 17.76 -36.67 14.60
CA LYS D 236 19.06 -37.29 14.30
C LYS D 236 19.99 -36.32 13.56
N ASP D 237 19.39 -35.41 12.80
CA ASP D 237 20.17 -34.50 11.97
C ASP D 237 20.57 -33.22 12.70
N THR D 238 19.77 -32.82 13.69
CA THR D 238 19.95 -31.54 14.35
C THR D 238 20.33 -31.65 15.82
N GLN D 239 20.10 -32.82 16.40
CA GLN D 239 20.27 -33.04 17.84
C GLN D 239 19.39 -32.09 18.67
N VAL D 240 18.29 -31.65 18.07
CA VAL D 240 17.31 -30.84 18.77
C VAL D 240 16.40 -31.75 19.61
N GLU D 241 16.39 -31.53 20.91
CA GLU D 241 15.62 -32.37 21.82
C GLU D 241 14.12 -32.26 21.55
N MET D 242 13.49 -33.40 21.35
CA MET D 242 12.05 -33.47 21.13
C MET D 242 11.43 -34.54 22.03
N ILE D 243 10.13 -34.42 22.30
CA ILE D 243 9.44 -35.42 23.10
C ILE D 243 8.72 -36.42 22.20
N TYR D 244 9.28 -37.63 22.12
CA TYR D 244 8.68 -38.72 21.38
C TYR D 244 8.75 -40.02 22.17
N PRO D 245 7.77 -40.91 21.98
CA PRO D 245 7.88 -42.26 22.54
C PRO D 245 9.09 -42.97 21.97
N PRO D 246 9.67 -43.92 22.72
CA PRO D 246 10.90 -44.59 22.27
C PRO D 246 10.72 -45.42 21.00
N HIS D 247 9.48 -45.79 20.67
CA HIS D 247 9.23 -46.65 19.53
C HIS D 247 9.18 -45.87 18.21
N ILE D 248 9.15 -44.54 18.31
CA ILE D 248 9.09 -43.70 17.12
C ILE D 248 10.43 -43.67 16.38
N PRO D 249 10.43 -44.06 15.10
CA PRO D 249 11.63 -44.09 14.26
C PRO D 249 12.28 -42.72 14.14
N GLU D 250 13.60 -42.69 13.93
CA GLU D 250 14.36 -41.45 13.89
C GLU D 250 13.98 -40.56 12.71
N ASN D 251 13.51 -41.17 11.62
CA ASN D 251 13.15 -40.42 10.42
C ASN D 251 11.83 -39.67 10.60
N LEU D 252 10.98 -40.18 11.48
CA LEU D 252 9.68 -39.58 11.73
C LEU D 252 9.73 -38.57 12.89
N GLN D 253 10.89 -38.49 13.54
CA GLN D 253 11.06 -37.55 14.64
C GLN D 253 11.43 -36.16 14.14
N PHE D 254 10.41 -35.39 13.76
CA PHE D 254 10.63 -34.03 13.28
C PHE D 254 11.05 -33.10 14.43
N ALA D 255 11.98 -32.21 14.13
CA ALA D 255 12.49 -31.28 15.13
C ALA D 255 12.01 -29.85 14.86
N VAL D 256 11.26 -29.29 15.79
CA VAL D 256 10.76 -27.93 15.67
C VAL D 256 11.01 -27.15 16.96
N GLY D 257 10.66 -25.87 16.95
CA GLY D 257 10.92 -24.98 18.06
C GLY D 257 10.38 -25.46 19.39
N GLN D 258 9.10 -25.85 19.41
CA GLN D 258 8.46 -26.37 20.62
C GLN D 258 8.57 -27.89 20.68
N GLU D 259 9.07 -28.39 21.81
CA GLU D 259 9.45 -29.80 21.93
C GLU D 259 8.26 -30.77 22.04
N VAL D 260 7.05 -30.25 22.20
CA VAL D 260 5.89 -31.12 22.36
C VAL D 260 4.99 -31.14 21.12
N PHE D 261 5.45 -30.52 20.04
CA PHE D 261 4.64 -30.43 18.83
C PHE D 261 4.61 -31.72 18.01
N GLY D 262 5.39 -32.71 18.44
CA GLY D 262 5.41 -33.99 17.75
C GLY D 262 4.28 -34.89 18.20
N LEU D 263 3.57 -34.47 19.24
CA LEU D 263 2.50 -35.28 19.81
C LEU D 263 1.28 -35.33 18.92
N VAL D 264 0.99 -34.23 18.24
CA VAL D 264 -0.17 -34.15 17.35
C VAL D 264 0.23 -33.72 15.96
N PRO D 265 -0.20 -34.48 14.93
CA PRO D 265 0.05 -34.13 13.53
C PRO D 265 -0.55 -32.77 13.16
N GLY D 266 -1.61 -32.38 13.86
CA GLY D 266 -2.22 -31.08 13.65
C GLY D 266 -1.28 -29.95 14.00
N LEU D 267 -0.41 -30.19 14.98
CA LEU D 267 0.59 -29.21 15.39
C LEU D 267 1.76 -29.20 14.42
N MET D 268 2.15 -30.39 13.96
CA MET D 268 3.27 -30.52 13.03
C MET D 268 2.92 -29.91 11.69
N MET D 269 1.63 -29.92 11.36
CA MET D 269 1.13 -29.27 10.15
C MET D 269 1.45 -27.78 10.16
N TYR D 270 1.02 -27.10 11.21
CA TYR D 270 1.26 -25.67 11.37
C TYR D 270 2.74 -25.35 11.53
N ALA D 271 3.46 -26.26 12.19
CA ALA D 271 4.91 -26.11 12.32
C ALA D 271 5.56 -26.07 10.94
N THR D 272 5.17 -27.01 10.09
CA THR D 272 5.65 -27.08 8.71
C THR D 272 5.29 -25.82 7.93
N ILE D 273 4.02 -25.42 8.03
CA ILE D 273 3.54 -24.23 7.34
C ILE D 273 4.34 -22.99 7.71
N TRP D 274 4.53 -22.77 9.01
CA TRP D 274 5.27 -21.60 9.49
C TRP D 274 6.75 -21.67 9.13
N LEU D 275 7.30 -22.88 9.10
CA LEU D 275 8.67 -23.09 8.61
C LEU D 275 8.80 -22.59 7.17
N ARG D 276 7.96 -23.13 6.31
CA ARG D 276 7.92 -22.73 4.92
C ARG D 276 7.72 -21.23 4.76
N GLU D 277 6.92 -20.64 5.65
CA GLU D 277 6.68 -19.21 5.61
C GLU D 277 7.95 -18.43 5.94
N HIS D 278 8.66 -18.87 6.97
CA HIS D 278 9.92 -18.24 7.35
C HIS D 278 10.91 -18.27 6.20
N ASN D 279 11.06 -19.44 5.58
CA ASN D 279 12.01 -19.53 4.46
C ASN D 279 11.57 -18.72 3.23
N ARG D 280 10.26 -18.65 3.00
CA ARG D 280 9.71 -17.84 1.91
C ARG D 280 10.05 -16.37 2.12
N VAL D 281 9.75 -15.87 3.31
CA VAL D 281 10.07 -14.49 3.67
C VAL D 281 11.57 -14.25 3.54
N CYS D 282 12.37 -15.27 3.89
CA CYS D 282 13.81 -15.17 3.69
C CYS D 282 14.17 -14.97 2.23
N ASP D 283 13.53 -15.73 1.34
CA ASP D 283 13.74 -15.55 -0.09
C ASP D 283 13.38 -14.14 -0.54
N ILE D 284 12.22 -13.67 -0.11
CA ILE D 284 11.77 -12.32 -0.47
C ILE D 284 12.76 -11.23 -0.02
N LEU D 285 13.16 -11.30 1.24
CA LEU D 285 14.09 -10.32 1.80
C LEU D 285 15.46 -10.38 1.13
N LYS D 286 15.91 -11.59 0.80
CA LYS D 286 17.17 -11.76 0.10
C LYS D 286 17.08 -11.12 -1.28
N GLN D 287 15.91 -11.24 -1.91
CA GLN D 287 15.68 -10.59 -3.19
C GLN D 287 15.69 -9.08 -3.04
N GLU D 288 15.18 -8.59 -1.92
CA GLU D 288 15.16 -7.16 -1.65
C GLU D 288 16.53 -6.64 -1.22
N HIS D 289 17.22 -7.41 -0.38
CA HIS D 289 18.52 -6.99 0.15
C HIS D 289 19.60 -8.02 -0.13
N PRO D 290 20.16 -8.00 -1.34
CA PRO D 290 21.26 -8.92 -1.68
C PRO D 290 22.54 -8.61 -0.90
N GLU D 291 22.58 -7.46 -0.26
CA GLU D 291 23.75 -7.04 0.52
C GLU D 291 23.67 -7.54 1.96
N TRP D 292 22.54 -8.12 2.33
CA TRP D 292 22.33 -8.62 3.68
C TRP D 292 22.97 -10.00 3.90
N GLY D 293 23.37 -10.25 5.14
CA GLY D 293 23.90 -11.55 5.53
C GLY D 293 22.83 -12.43 6.13
N ASP D 294 23.22 -13.64 6.53
CA ASP D 294 22.31 -14.63 7.07
C ASP D 294 21.57 -14.16 8.33
N GLU D 295 22.31 -13.56 9.25
CA GLU D 295 21.78 -13.16 10.54
C GLU D 295 20.63 -12.16 10.41
N GLN D 296 20.87 -11.08 9.68
CA GLN D 296 19.87 -10.02 9.51
C GLN D 296 18.63 -10.56 8.80
N LEU D 297 18.84 -11.43 7.82
CA LEU D 297 17.72 -12.07 7.11
C LEU D 297 16.87 -12.89 8.08
N PHE D 298 17.53 -13.71 8.90
CA PHE D 298 16.83 -14.52 9.89
C PHE D 298 16.02 -13.65 10.85
N GLN D 299 16.69 -12.67 11.47
CA GLN D 299 16.05 -11.83 12.48
C GLN D 299 14.86 -11.05 11.91
N THR D 300 15.07 -10.42 10.75
CA THR D 300 14.03 -9.65 10.10
C THR D 300 12.85 -10.55 9.75
N SER D 301 13.14 -11.74 9.24
CA SER D 301 12.11 -12.72 8.93
C SER D 301 11.31 -13.06 10.19
N ARG D 302 12.01 -13.21 11.31
CA ARG D 302 11.35 -13.52 12.58
C ARG D 302 10.39 -12.41 13.00
N LEU D 303 10.86 -11.16 12.94
CA LEU D 303 9.99 -10.03 13.26
C LEU D 303 8.75 -10.01 12.36
N ILE D 304 8.97 -10.21 11.07
CA ILE D 304 7.87 -10.24 10.11
C ILE D 304 6.86 -11.33 10.43
N LEU D 305 7.33 -12.52 10.77
CA LEU D 305 6.43 -13.63 11.08
C LEU D 305 5.68 -13.39 12.39
N ILE D 306 6.32 -12.72 13.34
CA ILE D 306 5.62 -12.31 14.55
C ILE D 306 4.46 -11.39 14.19
N GLY D 307 4.76 -10.40 13.35
CA GLY D 307 3.74 -9.49 12.83
C GLY D 307 2.58 -10.23 12.17
N GLU D 308 2.90 -11.15 11.27
CA GLU D 308 1.89 -11.96 10.59
C GLU D 308 1.04 -12.72 11.59
N THR D 309 1.69 -13.27 12.61
CA THR D 309 1.00 -14.04 13.64
C THR D 309 -0.03 -13.18 14.34
N ILE D 310 0.40 -12.03 14.84
CA ILE D 310 -0.54 -11.11 15.52
C ILE D 310 -1.69 -10.71 14.59
N LYS D 311 -1.34 -10.35 13.37
CA LYS D 311 -2.32 -9.95 12.35
C LYS D 311 -3.41 -11.01 12.13
N ILE D 312 -2.97 -12.24 11.88
CA ILE D 312 -3.88 -13.35 11.65
C ILE D 312 -4.73 -13.64 12.89
N VAL D 313 -4.11 -13.60 14.06
CA VAL D 313 -4.83 -13.83 15.30
C VAL D 313 -5.96 -12.82 15.48
N ILE D 314 -5.68 -11.55 15.18
CA ILE D 314 -6.73 -10.54 15.34
C ILE D 314 -7.81 -10.61 14.25
N GLU D 315 -7.40 -10.58 12.98
CA GLU D 315 -8.36 -10.37 11.90
C GLU D 315 -8.98 -11.64 11.31
N ASP D 316 -8.58 -12.81 11.79
CA ASP D 316 -9.15 -14.07 11.32
C ASP D 316 -9.63 -14.94 12.48
N TYR D 317 -8.70 -15.27 13.36
CA TYR D 317 -8.94 -16.09 14.54
C TYR D 317 -10.01 -15.49 15.46
N VAL D 318 -9.68 -14.34 16.03
CA VAL D 318 -10.61 -13.63 16.91
C VAL D 318 -11.82 -13.13 16.13
N GLN D 319 -11.63 -12.77 14.86
CA GLN D 319 -12.75 -12.35 14.02
C GLN D 319 -13.78 -13.45 13.91
N HIS D 320 -13.31 -14.69 13.80
CA HIS D 320 -14.19 -15.85 13.78
C HIS D 320 -14.82 -16.10 15.15
N LEU D 321 -13.99 -16.10 16.20
CA LEU D 321 -14.48 -16.37 17.55
C LEU D 321 -15.58 -15.41 18.00
N SER D 322 -15.38 -14.13 17.73
CA SER D 322 -16.28 -13.08 18.21
C SER D 322 -17.66 -13.16 17.60
N GLY D 323 -17.73 -13.53 16.33
CA GLY D 323 -18.99 -13.54 15.61
C GLY D 323 -19.43 -12.13 15.26
N TYR D 324 -18.51 -11.18 15.43
CA TYR D 324 -18.80 -9.78 15.16
C TYR D 324 -19.07 -9.52 13.69
N HIS D 325 -19.95 -8.58 13.41
CA HIS D 325 -20.16 -8.09 12.05
C HIS D 325 -19.15 -7.00 11.74
N PHE D 326 -18.69 -6.33 12.80
CA PHE D 326 -17.64 -5.33 12.69
C PHE D 326 -16.30 -6.02 12.42
N LYS D 327 -15.58 -5.53 11.41
CA LYS D 327 -14.29 -6.10 11.06
C LYS D 327 -13.18 -5.57 11.95
N LEU D 328 -12.69 -6.42 12.84
CA LEU D 328 -11.57 -6.06 13.70
C LEU D 328 -10.34 -5.74 12.87
N LYS D 329 -9.53 -4.80 13.34
CA LYS D 329 -8.40 -4.33 12.57
C LYS D 329 -7.10 -4.30 13.39
N PHE D 330 -6.08 -4.97 12.89
CA PHE D 330 -4.77 -4.92 13.52
C PHE D 330 -4.01 -3.66 13.08
N ASP D 331 -3.91 -2.71 14.00
CA ASP D 331 -3.20 -1.46 13.73
C ASP D 331 -2.69 -0.84 15.03
N PRO D 332 -1.40 -1.06 15.34
CA PRO D 332 -0.72 -0.50 16.52
C PRO D 332 -0.89 1.01 16.67
N GLU D 333 -0.98 1.71 15.54
CA GLU D 333 -1.07 3.17 15.53
C GLU D 333 -2.29 3.70 16.29
N LEU D 334 -3.29 2.84 16.49
CA LEU D 334 -4.49 3.22 17.21
C LEU D 334 -4.23 3.42 18.70
N LEU D 335 -3.06 2.99 19.16
CA LEU D 335 -2.73 3.08 20.59
C LEU D 335 -1.62 4.09 20.89
N PHE D 336 -1.14 4.77 19.86
CA PHE D 336 -0.02 5.70 20.03
C PHE D 336 -0.42 6.95 20.81
N ASN D 337 -1.69 7.34 20.73
CA ASN D 337 -2.16 8.54 21.42
C ASN D 337 -2.89 8.20 22.72
N GLN D 338 -2.65 7.00 23.24
CA GLN D 338 -3.28 6.56 24.47
C GLN D 338 -2.29 5.90 25.43
N GLN D 339 -2.65 5.82 26.70
CA GLN D 339 -1.82 5.15 27.70
C GLN D 339 -1.86 3.64 27.50
N PHE D 340 -0.70 3.05 27.29
CA PHE D 340 -0.61 1.61 27.07
C PHE D 340 0.81 1.11 27.33
N GLN D 341 0.93 0.10 28.20
CA GLN D 341 2.23 -0.47 28.53
C GLN D 341 2.59 -1.58 27.56
N TYR D 342 3.70 -1.41 26.86
CA TYR D 342 4.15 -2.41 25.90
C TYR D 342 4.97 -3.50 26.58
N GLN D 343 4.30 -4.23 27.47
CA GLN D 343 4.90 -5.36 28.15
C GLN D 343 3.79 -6.32 28.55
N ASN D 344 4.15 -7.58 28.78
CA ASN D 344 3.18 -8.58 29.17
C ASN D 344 3.78 -9.65 30.07
N ARG D 345 2.96 -10.17 30.97
CA ARG D 345 3.32 -11.30 31.80
C ARG D 345 2.16 -12.29 31.76
N ILE D 346 2.42 -13.51 31.31
CA ILE D 346 1.36 -14.50 31.13
C ILE D 346 0.75 -14.93 32.46
N ALA D 347 -0.56 -14.78 32.57
CA ALA D 347 -1.29 -15.12 33.79
C ALA D 347 -1.71 -16.58 33.81
N SER D 348 -1.74 -17.15 35.01
CA SER D 348 -2.12 -18.55 35.19
C SER D 348 -3.57 -18.80 34.80
N GLU D 349 -4.44 -17.84 35.10
CA GLU D 349 -5.85 -17.96 34.80
C GLU D 349 -6.09 -17.91 33.28
N PHE D 350 -5.23 -17.17 32.59
CA PHE D 350 -5.28 -17.10 31.13
C PHE D 350 -4.99 -18.48 30.55
N ASN D 351 -4.01 -19.16 31.13
CA ASN D 351 -3.69 -20.53 30.77
C ASN D 351 -4.87 -21.45 31.05
N THR D 352 -5.46 -21.28 32.23
CA THR D 352 -6.57 -22.12 32.67
C THR D 352 -7.78 -22.03 31.76
N LEU D 353 -8.19 -20.81 31.43
CA LEU D 353 -9.40 -20.60 30.62
C LEU D 353 -9.21 -21.07 29.18
N TYR D 354 -7.95 -21.22 28.76
CA TYR D 354 -7.67 -21.57 27.37
C TYR D 354 -7.56 -23.07 27.15
N HIS D 355 -7.93 -23.85 28.16
CA HIS D 355 -8.02 -25.30 28.00
C HIS D 355 -9.28 -25.67 27.23
N TRP D 356 -9.23 -25.50 25.91
CA TRP D 356 -10.41 -25.68 25.07
C TRP D 356 -10.49 -27.07 24.45
N HIS D 357 -10.29 -28.09 25.27
CA HIS D 357 -10.37 -29.48 24.81
C HIS D 357 -11.74 -29.92 24.27
N PRO D 358 -12.85 -29.30 24.72
CA PRO D 358 -14.12 -29.62 24.04
C PRO D 358 -14.15 -29.37 22.53
N LEU D 359 -13.15 -28.65 22.01
CA LEU D 359 -13.03 -28.44 20.58
C LEU D 359 -12.78 -29.75 19.84
N LEU D 360 -12.08 -30.67 20.50
CA LEU D 360 -11.66 -31.92 19.87
C LEU D 360 -12.84 -32.84 19.55
N PRO D 361 -12.84 -33.40 18.34
CA PRO D 361 -13.85 -34.38 17.91
C PRO D 361 -13.54 -35.77 18.45
N ASP D 362 -14.48 -36.70 18.29
CA ASP D 362 -14.28 -38.07 18.74
C ASP D 362 -13.24 -38.79 17.89
N THR D 363 -13.22 -38.46 16.60
CA THR D 363 -12.20 -38.98 15.69
C THR D 363 -11.68 -37.87 14.78
N PHE D 364 -10.50 -38.09 14.21
CA PHE D 364 -9.91 -37.13 13.28
C PHE D 364 -10.05 -37.64 11.86
N ASN D 365 -10.87 -36.93 11.07
CA ASN D 365 -11.18 -37.36 9.71
C ASN D 365 -10.27 -36.71 8.68
N ILE D 366 -9.36 -37.49 8.14
CA ILE D 366 -8.44 -37.01 7.11
C ILE D 366 -8.67 -37.76 5.81
N GLU D 367 -9.08 -37.01 4.77
CA GLU D 367 -9.47 -37.57 3.49
C GLU D 367 -10.59 -38.60 3.67
N ASP D 368 -10.28 -39.87 3.47
CA ASP D 368 -11.28 -40.92 3.58
C ASP D 368 -11.02 -41.81 4.80
N GLN D 369 -10.24 -41.29 5.74
CA GLN D 369 -9.87 -42.04 6.94
C GLN D 369 -10.39 -41.37 8.20
N GLU D 370 -10.67 -42.17 9.23
CA GLU D 370 -11.09 -41.66 10.53
C GLU D 370 -10.21 -42.25 11.62
N TYR D 371 -9.25 -41.48 12.10
CA TYR D 371 -8.31 -41.97 13.09
C TYR D 371 -8.80 -41.72 14.51
N SER D 372 -8.58 -42.70 15.39
CA SER D 372 -8.88 -42.52 16.80
C SER D 372 -7.78 -41.70 17.47
N PHE D 373 -7.99 -41.33 18.73
CA PHE D 373 -6.98 -40.59 19.48
C PHE D 373 -5.68 -41.39 19.60
N LYS D 374 -5.81 -42.69 19.83
CA LYS D 374 -4.66 -43.57 19.98
C LYS D 374 -3.84 -43.65 18.68
N GLN D 375 -4.55 -43.65 17.56
CA GLN D 375 -3.89 -43.73 16.25
C GLN D 375 -3.30 -42.40 15.82
N PHE D 376 -3.92 -41.31 16.26
CA PHE D 376 -3.55 -39.98 15.79
C PHE D 376 -2.35 -39.41 16.55
N LEU D 377 -2.31 -39.62 17.86
CA LEU D 377 -1.25 -39.07 18.70
C LEU D 377 0.13 -39.62 18.35
N TYR D 378 1.11 -38.72 18.28
CA TYR D 378 2.50 -39.08 18.00
C TYR D 378 2.67 -39.88 16.71
N ASN D 379 1.80 -39.62 15.74
CA ASN D 379 1.86 -40.32 14.46
C ASN D 379 2.05 -39.35 13.30
N ASN D 380 3.29 -38.94 13.07
CA ASN D 380 3.60 -38.02 11.99
C ASN D 380 3.63 -38.69 10.62
N SER D 381 3.59 -40.02 10.62
CA SER D 381 3.56 -40.78 9.37
C SER D 381 2.25 -40.51 8.63
N ILE D 382 1.23 -40.09 9.37
CA ILE D 382 -0.05 -39.71 8.79
C ILE D 382 0.13 -38.45 7.94
N LEU D 383 0.89 -37.49 8.47
CA LEU D 383 1.16 -36.24 7.77
C LEU D 383 1.90 -36.50 6.46
N LEU D 384 2.88 -37.40 6.51
CA LEU D 384 3.62 -37.77 5.31
C LEU D 384 2.73 -38.56 4.36
N GLU D 385 1.77 -39.27 4.92
CA GLU D 385 0.84 -40.09 4.15
C GLU D 385 -0.08 -39.23 3.30
N HIS D 386 -0.77 -38.28 3.93
CA HIS D 386 -1.81 -37.52 3.24
C HIS D 386 -1.30 -36.21 2.65
N GLY D 387 -0.37 -35.56 3.34
CA GLY D 387 0.22 -34.32 2.85
C GLY D 387 -0.46 -33.08 3.40
N LEU D 388 0.23 -31.95 3.30
CA LEU D 388 -0.26 -30.69 3.83
C LEU D 388 -1.57 -30.25 3.17
N THR D 389 -1.66 -30.44 1.86
CA THR D 389 -2.87 -30.05 1.11
C THR D 389 -4.10 -30.78 1.62
N GLN D 390 -4.03 -32.11 1.61
CA GLN D 390 -5.12 -32.95 2.09
C GLN D 390 -5.43 -32.68 3.56
N PHE D 391 -4.39 -32.44 4.34
CA PHE D 391 -4.55 -32.09 5.75
C PHE D 391 -5.39 -30.82 5.92
N VAL D 392 -5.04 -29.79 5.14
CA VAL D 392 -5.74 -28.52 5.21
C VAL D 392 -7.18 -28.64 4.73
N GLU D 393 -7.39 -29.35 3.63
CA GLU D 393 -8.74 -29.57 3.12
C GLU D 393 -9.62 -30.31 4.14
N SER D 394 -9.10 -31.41 4.65
CA SER D 394 -9.81 -32.23 5.64
C SER D 394 -10.13 -31.44 6.90
N PHE D 395 -9.13 -30.76 7.46
CA PHE D 395 -9.33 -30.00 8.68
C PHE D 395 -10.27 -28.82 8.46
N THR D 396 -10.30 -28.32 7.22
CA THR D 396 -11.23 -27.25 6.86
C THR D 396 -12.65 -27.80 6.82
N ARG D 397 -12.78 -29.06 6.40
CA ARG D 397 -14.12 -29.67 6.30
C ARG D 397 -14.70 -30.11 7.65
N GLN D 398 -13.85 -30.61 8.54
CA GLN D 398 -14.33 -31.18 9.81
C GLN D 398 -14.64 -30.13 10.86
N ILE D 399 -15.84 -30.21 11.45
CA ILE D 399 -16.28 -29.25 12.45
C ILE D 399 -15.76 -29.59 13.85
N ALA D 400 -15.49 -28.56 14.64
CA ALA D 400 -15.03 -28.73 16.02
C ALA D 400 -16.21 -28.72 16.99
N GLY D 401 -15.92 -28.97 18.26
CA GLY D 401 -16.96 -29.06 19.26
C GLY D 401 -17.18 -27.78 20.05
N ARG D 402 -18.36 -27.66 20.64
CA ARG D 402 -18.70 -26.49 21.47
CA ARG D 402 -18.69 -26.49 21.46
C ARG D 402 -17.94 -26.54 22.79
N VAL D 403 -17.36 -25.42 23.18
CA VAL D 403 -16.54 -25.36 24.40
C VAL D 403 -17.37 -25.14 25.66
N ALA D 404 -18.23 -24.13 25.64
CA ALA D 404 -19.12 -23.89 26.77
C ALA D 404 -20.41 -24.70 26.60
N GLY D 405 -21.33 -24.56 27.54
CA GLY D 405 -22.61 -25.26 27.44
C GLY D 405 -22.62 -26.57 28.20
N GLY D 406 -21.44 -27.07 28.56
CA GLY D 406 -21.33 -28.26 29.39
C GLY D 406 -21.26 -29.58 28.66
N ARG D 407 -20.66 -30.57 29.33
CA ARG D 407 -20.63 -31.95 28.88
C ARG D 407 -20.16 -32.14 27.44
N ASN D 408 -18.98 -31.63 27.13
CA ASN D 408 -18.42 -31.80 25.79
C ASN D 408 -16.93 -32.07 25.80
N VAL D 409 -16.40 -32.41 26.97
CA VAL D 409 -14.99 -32.82 27.06
C VAL D 409 -14.84 -34.27 26.61
N PRO D 410 -14.06 -34.49 25.54
CA PRO D 410 -13.83 -35.85 25.02
C PRO D 410 -13.18 -36.75 26.07
N ILE D 411 -13.70 -37.98 26.18
CA ILE D 411 -13.26 -38.92 27.21
C ILE D 411 -11.76 -39.21 27.14
N ALA D 412 -11.22 -39.21 25.91
CA ALA D 412 -9.81 -39.56 25.68
C ALA D 412 -8.86 -38.68 26.48
N VAL D 413 -9.30 -37.47 26.82
CA VAL D 413 -8.48 -36.55 27.60
C VAL D 413 -9.13 -36.17 28.93
N GLN D 414 -9.94 -37.07 29.49
CA GLN D 414 -10.59 -36.79 30.77
C GLN D 414 -9.57 -36.44 31.84
N ALA D 415 -8.48 -37.22 31.88
CA ALA D 415 -7.41 -37.01 32.85
C ALA D 415 -6.83 -35.61 32.76
N VAL D 416 -6.87 -35.02 31.56
CA VAL D 416 -6.43 -33.65 31.39
C VAL D 416 -7.37 -32.72 32.12
N ALA D 417 -8.67 -32.83 31.82
CA ALA D 417 -9.69 -31.98 32.41
C ALA D 417 -9.62 -32.05 33.92
N LYS D 418 -9.59 -33.27 34.45
CA LYS D 418 -9.46 -33.49 35.89
C LYS D 418 -8.27 -32.73 36.42
N ALA D 419 -7.13 -32.85 35.73
CA ALA D 419 -5.92 -32.16 36.15
C ALA D 419 -6.17 -30.67 36.24
N SER D 420 -6.84 -30.14 35.22
CA SER D 420 -7.16 -28.71 35.16
C SER D 420 -7.92 -28.28 36.40
N ILE D 421 -8.75 -29.16 36.93
CA ILE D 421 -9.44 -28.89 38.18
C ILE D 421 -8.44 -28.95 39.32
N ASP D 422 -7.76 -30.09 39.43
CA ASP D 422 -6.88 -30.36 40.57
C ASP D 422 -5.82 -29.29 40.73
N GLN D 423 -5.10 -29.02 39.65
CA GLN D 423 -4.08 -27.98 39.65
C GLN D 423 -4.67 -26.62 40.02
N SER D 424 -5.88 -26.35 39.57
CA SER D 424 -6.55 -25.09 39.90
C SER D 424 -6.71 -24.97 41.41
N ARG D 425 -6.98 -26.11 42.05
CA ARG D 425 -7.11 -26.14 43.50
C ARG D 425 -5.73 -26.10 44.14
N GLU D 426 -4.74 -26.65 43.44
CA GLU D 426 -3.38 -26.71 43.96
C GLU D 426 -2.76 -25.31 44.00
N MET D 427 -3.13 -24.46 43.05
CA MET D 427 -2.61 -23.10 42.98
C MET D 427 -3.49 -22.12 43.76
N LYS D 428 -4.45 -22.66 44.51
CA LYS D 428 -5.34 -21.89 45.37
C LYS D 428 -6.09 -20.79 44.62
N TYR D 429 -6.78 -21.16 43.55
CA TYR D 429 -7.62 -20.22 42.80
C TYR D 429 -8.81 -19.75 43.64
N GLN D 430 -9.12 -18.47 43.54
CA GLN D 430 -10.34 -17.95 44.14
C GLN D 430 -11.55 -18.40 43.32
N SER D 431 -12.75 -18.16 43.82
CA SER D 431 -13.96 -18.68 43.20
C SER D 431 -14.31 -17.98 41.89
N LEU D 432 -15.31 -18.52 41.19
CA LEU D 432 -15.79 -17.98 39.93
C LEU D 432 -16.28 -16.53 40.08
N ASN D 433 -17.17 -16.31 41.04
CA ASN D 433 -17.77 -14.99 41.26
C ASN D 433 -16.73 -13.93 41.61
N GLU D 434 -15.66 -14.34 42.27
CA GLU D 434 -14.57 -13.42 42.60
C GLU D 434 -13.86 -12.96 41.34
N TYR D 435 -13.65 -13.88 40.41
CA TYR D 435 -13.01 -13.54 39.14
C TYR D 435 -13.95 -12.73 38.26
N ARG D 436 -15.25 -12.97 38.40
CA ARG D 436 -16.23 -12.17 37.67
C ARG D 436 -16.24 -10.74 38.18
N LYS D 437 -16.21 -10.58 39.50
CA LYS D 437 -16.14 -9.25 40.11
C LYS D 437 -14.83 -8.56 39.73
N ARG D 438 -13.75 -9.35 39.64
CA ARG D 438 -12.44 -8.84 39.26
C ARG D 438 -12.47 -8.21 37.87
N PHE D 439 -13.28 -8.76 36.98
CA PHE D 439 -13.36 -8.27 35.62
C PHE D 439 -14.66 -7.50 35.36
N SER D 440 -15.20 -6.92 36.42
CA SER D 440 -16.40 -6.08 36.34
C SER D 440 -17.62 -6.81 35.78
N LEU D 441 -17.79 -8.06 36.19
CA LEU D 441 -18.97 -8.84 35.81
C LEU D 441 -19.86 -9.07 37.02
N LYS D 442 -21.15 -9.21 36.80
CA LYS D 442 -22.09 -9.49 37.87
C LYS D 442 -21.91 -10.93 38.37
N PRO D 443 -21.83 -11.11 39.70
CA PRO D 443 -21.74 -12.45 40.28
C PRO D 443 -23.02 -13.24 40.04
N TYR D 444 -22.90 -14.52 39.71
CA TYR D 444 -24.07 -15.38 39.54
C TYR D 444 -24.74 -15.62 40.89
N THR D 445 -26.07 -15.58 40.91
CA THR D 445 -26.83 -15.73 42.14
C THR D 445 -27.38 -17.14 42.30
N SER D 446 -27.15 -17.98 41.29
CA SER D 446 -27.57 -19.37 41.35
C SER D 446 -26.80 -20.19 40.31
N PHE D 447 -26.97 -21.51 40.36
CA PHE D 447 -26.34 -22.38 39.38
C PHE D 447 -27.16 -22.41 38.09
N GLU D 448 -28.47 -22.21 38.23
CA GLU D 448 -29.35 -22.14 37.07
C GLU D 448 -29.05 -20.89 36.24
N GLU D 449 -28.65 -19.81 36.91
CA GLU D 449 -28.26 -18.60 36.21
C GLU D 449 -26.95 -18.84 35.46
N LEU D 450 -26.06 -19.62 36.09
CA LEU D 450 -24.78 -19.97 35.49
C LEU D 450 -24.96 -20.80 34.22
N THR D 451 -25.70 -21.89 34.32
CA THR D 451 -25.83 -22.82 33.20
C THR D 451 -26.95 -22.43 32.24
N GLY D 452 -28.00 -21.78 32.75
CA GLY D 452 -29.17 -21.46 31.95
C GLY D 452 -30.00 -22.72 31.71
N GLU D 453 -29.83 -23.69 32.60
CA GLU D 453 -30.45 -25.01 32.45
C GLU D 453 -30.60 -25.64 33.83
N LYS D 454 -31.52 -26.60 33.97
CA LYS D 454 -31.89 -27.13 35.29
C LYS D 454 -31.08 -28.34 35.76
N GLU D 455 -30.78 -29.26 34.85
CA GLU D 455 -30.15 -30.54 35.22
C GLU D 455 -28.73 -30.38 35.78
N MET D 456 -27.84 -29.87 34.94
CA MET D 456 -26.46 -29.62 35.35
C MET D 456 -26.39 -28.66 36.53
N ALA D 457 -27.34 -27.73 36.58
CA ALA D 457 -27.42 -26.80 37.70
C ALA D 457 -27.73 -27.55 38.99
N ALA D 458 -28.64 -28.51 38.91
CA ALA D 458 -29.00 -29.33 40.06
C ALA D 458 -27.82 -30.16 40.51
N GLU D 459 -27.11 -30.76 39.55
CA GLU D 459 -25.89 -31.51 39.86
C GLU D 459 -24.87 -30.64 40.61
N LEU D 460 -24.54 -29.51 40.00
CA LEU D 460 -23.57 -28.58 40.55
C LEU D 460 -23.99 -28.03 41.91
N LYS D 461 -25.29 -27.93 42.15
CA LYS D 461 -25.79 -27.47 43.44
C LYS D 461 -25.63 -28.57 44.47
N ALA D 462 -25.85 -29.80 44.04
CA ALA D 462 -25.67 -30.95 44.93
C ALA D 462 -24.20 -31.11 45.30
N LEU D 463 -23.30 -30.73 44.40
CA LEU D 463 -21.87 -30.86 44.65
C LEU D 463 -21.28 -29.70 45.44
N TYR D 464 -21.57 -28.47 45.01
CA TYR D 464 -20.91 -27.28 45.55
C TYR D 464 -21.70 -26.56 46.65
N SER D 465 -22.99 -26.89 46.77
CA SER D 465 -23.88 -26.29 47.76
C SER D 465 -24.12 -24.78 47.55
N ASP D 466 -23.04 -24.01 47.49
CA ASP D 466 -23.16 -22.57 47.32
C ASP D 466 -22.56 -22.13 45.97
N ILE D 467 -23.20 -21.15 45.34
CA ILE D 467 -22.74 -20.63 44.05
C ILE D 467 -21.43 -19.86 44.21
N ASP D 468 -21.22 -19.28 45.39
CA ASP D 468 -20.02 -18.50 45.65
C ASP D 468 -18.79 -19.39 45.89
N VAL D 469 -18.98 -20.70 45.83
CA VAL D 469 -17.90 -21.65 46.03
C VAL D 469 -17.56 -22.32 44.69
N MET D 470 -18.35 -22.03 43.66
CA MET D 470 -18.15 -22.58 42.34
C MET D 470 -16.77 -22.21 41.78
N GLU D 471 -16.09 -23.18 41.17
CA GLU D 471 -14.73 -22.98 40.67
C GLU D 471 -14.75 -22.38 39.26
N LEU D 472 -13.61 -21.83 38.84
CA LEU D 472 -13.54 -21.07 37.59
C LEU D 472 -13.61 -21.95 36.34
N TYR D 473 -12.70 -22.90 36.22
CA TYR D 473 -12.58 -23.74 35.02
C TYR D 473 -13.86 -24.53 34.67
N PRO D 474 -14.39 -25.34 35.63
CA PRO D 474 -15.62 -26.06 35.26
C PRO D 474 -16.78 -25.12 34.97
N ALA D 475 -16.82 -23.97 35.63
CA ALA D 475 -17.84 -22.97 35.34
C ALA D 475 -17.70 -22.47 33.91
N LEU D 476 -16.46 -22.28 33.48
CA LEU D 476 -16.16 -21.88 32.11
C LEU D 476 -16.66 -22.94 31.13
N LEU D 477 -16.51 -24.21 31.51
CA LEU D 477 -16.92 -25.28 30.59
C LEU D 477 -18.42 -25.59 30.62
N VAL D 478 -19.13 -25.18 31.68
CA VAL D 478 -20.56 -25.46 31.77
C VAL D 478 -21.42 -24.20 31.67
N GLU D 479 -20.78 -23.05 31.48
CA GLU D 479 -21.48 -21.77 31.44
C GLU D 479 -22.48 -21.71 30.29
N LYS D 480 -23.57 -21.00 30.51
CA LYS D 480 -24.52 -20.71 29.44
C LYS D 480 -23.82 -19.92 28.34
N PRO D 481 -23.77 -20.49 27.13
CA PRO D 481 -23.11 -19.81 26.02
C PRO D 481 -23.92 -18.62 25.53
N ARG D 482 -23.28 -17.69 24.82
CA ARG D 482 -24.02 -16.67 24.10
C ARG D 482 -24.87 -17.37 23.05
N PRO D 483 -25.99 -16.75 22.64
CA PRO D 483 -26.91 -17.36 21.67
C PRO D 483 -26.20 -17.88 20.41
N ASP D 484 -26.22 -19.20 20.24
CA ASP D 484 -25.57 -19.87 19.11
C ASP D 484 -24.08 -19.56 19.03
N ALA D 485 -23.45 -19.39 20.19
CA ALA D 485 -22.02 -19.11 20.25
C ALA D 485 -21.26 -20.22 20.96
N ILE D 486 -19.93 -20.16 20.85
CA ILE D 486 -19.07 -21.22 21.38
C ILE D 486 -18.72 -20.98 22.86
N PHE D 487 -18.76 -19.71 23.28
CA PHE D 487 -18.33 -19.35 24.62
C PHE D 487 -19.44 -18.67 25.43
N GLY D 488 -19.24 -18.61 26.74
CA GLY D 488 -20.10 -17.84 27.62
C GLY D 488 -19.46 -16.49 27.92
N GLU D 489 -20.11 -15.72 28.79
CA GLU D 489 -19.65 -14.36 29.10
C GLU D 489 -18.28 -14.34 29.79
N THR D 490 -18.13 -15.17 30.81
CA THR D 490 -16.91 -15.19 31.62
C THR D 490 -15.65 -15.46 30.78
N MET D 491 -15.72 -16.50 29.97
CA MET D 491 -14.63 -16.89 29.09
C MET D 491 -14.11 -15.73 28.26
N VAL D 492 -15.03 -14.99 27.65
CA VAL D 492 -14.67 -13.87 26.79
C VAL D 492 -14.17 -12.67 27.59
N GLU D 493 -14.92 -12.28 28.61
CA GLU D 493 -14.58 -11.08 29.38
C GLU D 493 -13.32 -11.25 30.21
N LEU D 494 -12.88 -12.49 30.39
CA LEU D 494 -11.59 -12.73 31.02
C LEU D 494 -10.49 -12.89 29.97
N GLY D 495 -10.77 -13.65 28.92
CA GLY D 495 -9.77 -13.94 27.90
C GLY D 495 -9.36 -12.77 27.04
N ALA D 496 -10.28 -11.83 26.84
CA ALA D 496 -10.04 -10.72 25.92
C ALA D 496 -8.96 -9.74 26.41
N PRO D 497 -9.01 -9.29 27.68
CA PRO D 497 -7.94 -8.37 28.10
C PRO D 497 -6.56 -9.04 28.12
N PHE D 498 -6.51 -10.28 28.60
CA PHE D 498 -5.28 -11.06 28.58
C PHE D 498 -4.69 -11.12 27.17
N SER D 499 -5.56 -11.39 26.20
CA SER D 499 -5.15 -11.46 24.80
C SER D 499 -4.69 -10.10 24.31
N LEU D 500 -5.35 -9.05 24.75
CA LEU D 500 -4.96 -7.69 24.36
C LEU D 500 -3.54 -7.40 24.81
N LYS D 501 -3.25 -7.67 26.07
CA LYS D 501 -1.90 -7.46 26.60
C LYS D 501 -0.89 -8.38 25.92
N GLY D 502 -1.34 -9.57 25.54
CA GLY D 502 -0.47 -10.55 24.92
C GLY D 502 -0.21 -10.32 23.44
N LEU D 503 -1.00 -9.44 22.82
CA LEU D 503 -0.87 -9.18 21.39
C LEU D 503 -0.33 -7.78 21.10
N MET D 504 -1.06 -6.77 21.55
CA MET D 504 -0.66 -5.38 21.31
C MET D 504 0.49 -4.98 22.23
N GLY D 505 0.68 -5.74 23.30
CA GLY D 505 1.75 -5.46 24.25
C GLY D 505 3.12 -5.84 23.70
N ASN D 506 3.11 -6.59 22.60
CA ASN D 506 4.35 -6.98 21.93
C ASN D 506 5.15 -5.75 21.51
N PRO D 507 6.47 -5.79 21.73
CA PRO D 507 7.35 -4.64 21.44
C PRO D 507 7.32 -4.17 19.99
N ILE D 508 6.95 -5.04 19.05
CA ILE D 508 6.89 -4.64 17.65
C ILE D 508 5.69 -3.72 17.41
N CYS D 509 4.79 -3.64 18.37
CA CYS D 509 3.64 -2.76 18.27
C CYS D 509 3.94 -1.39 18.88
N SER D 510 5.14 -1.24 19.42
CA SER D 510 5.58 0.04 19.96
C SER D 510 5.97 0.97 18.82
N PRO D 511 5.81 2.29 19.03
CA PRO D 511 6.07 3.29 17.98
C PRO D 511 7.48 3.23 17.37
N GLN D 512 8.49 2.93 18.19
CA GLN D 512 9.87 2.87 17.69
C GLN D 512 10.13 1.60 16.88
N TYR D 513 9.23 0.63 17.01
CA TYR D 513 9.34 -0.63 16.27
C TYR D 513 8.44 -0.65 15.05
N TRP D 514 7.24 -0.09 15.19
CA TRP D 514 6.24 -0.17 14.12
C TRP D 514 6.55 0.78 12.97
N LYS D 515 7.45 0.35 12.09
CA LYS D 515 7.86 1.12 10.93
C LYS D 515 8.48 0.18 9.89
N PRO D 516 8.46 0.58 8.61
CA PRO D 516 8.92 -0.30 7.52
C PRO D 516 10.35 -0.82 7.69
N SER D 517 11.26 0.05 8.13
CA SER D 517 12.68 -0.30 8.24
C SER D 517 12.93 -1.42 9.24
N THR D 518 12.03 -1.58 10.20
CA THR D 518 12.12 -2.67 11.16
C THR D 518 11.98 -4.02 10.44
N PHE D 519 11.17 -4.04 9.40
CA PHE D 519 10.83 -5.28 8.71
C PHE D 519 11.43 -5.35 7.31
N GLY D 520 12.58 -4.70 7.12
CA GLY D 520 13.31 -4.79 5.88
C GLY D 520 12.85 -3.85 4.78
N GLY D 521 11.91 -2.98 5.11
CA GLY D 521 11.38 -2.03 4.15
C GLY D 521 9.88 -2.16 3.98
N GLU D 522 9.35 -1.50 2.96
CA GLU D 522 7.91 -1.49 2.71
C GLU D 522 7.37 -2.87 2.34
N VAL D 523 8.23 -3.71 1.77
CA VAL D 523 7.81 -5.03 1.32
C VAL D 523 7.46 -5.95 2.48
N GLY D 524 8.36 -6.04 3.46
CA GLY D 524 8.12 -6.86 4.64
C GLY D 524 6.96 -6.33 5.46
N PHE D 525 6.93 -5.00 5.60
CA PHE D 525 5.83 -4.31 6.27
C PHE D 525 4.51 -4.71 5.63
N LYS D 526 4.48 -4.73 4.30
CA LYS D 526 3.29 -5.11 3.57
C LYS D 526 2.97 -6.59 3.77
N ILE D 527 4.01 -7.43 3.90
CA ILE D 527 3.82 -8.84 4.20
C ILE D 527 3.06 -8.97 5.52
N ILE D 528 3.43 -8.16 6.51
CA ILE D 528 2.73 -8.17 7.78
C ILE D 528 1.29 -7.66 7.63
N ASN D 529 1.13 -6.51 6.97
CA ASN D 529 -0.17 -5.84 6.91
C ASN D 529 -1.17 -6.44 5.94
N THR D 530 -0.77 -7.47 5.20
CA THR D 530 -1.70 -8.16 4.30
C THR D 530 -1.78 -9.65 4.63
N ALA D 531 -1.30 -10.01 5.82
CA ALA D 531 -1.31 -11.40 6.24
C ALA D 531 -2.72 -11.90 6.54
N SER D 532 -2.97 -13.15 6.19
CA SER D 532 -4.23 -13.82 6.51
C SER D 532 -3.99 -15.32 6.55
N ILE D 533 -4.91 -16.06 7.15
CA ILE D 533 -4.77 -17.51 7.21
C ILE D 533 -4.84 -18.10 5.80
N GLN D 534 -5.70 -17.51 4.98
CA GLN D 534 -5.87 -17.95 3.60
C GLN D 534 -4.61 -17.69 2.79
N SER D 535 -3.93 -16.58 3.06
CA SER D 535 -2.70 -16.26 2.36
C SER D 535 -1.55 -17.11 2.91
N LEU D 536 -1.57 -17.35 4.21
CA LEU D 536 -0.58 -18.21 4.85
C LEU D 536 -0.60 -19.60 4.24
N ILE D 537 -1.80 -20.11 4.01
CA ILE D 537 -1.94 -21.44 3.40
C ILE D 537 -1.64 -21.39 1.91
N CYS D 538 -2.15 -20.36 1.23
CA CYS D 538 -2.00 -20.24 -0.21
C CYS D 538 -0.54 -20.13 -0.65
N ASN D 539 0.25 -19.38 0.12
CA ASN D 539 1.65 -19.16 -0.22
C ASN D 539 2.55 -20.37 0.05
N ASN D 540 2.11 -21.25 0.95
CA ASN D 540 2.99 -22.31 1.44
C ASN D 540 2.49 -23.73 1.21
N VAL D 541 1.20 -23.89 0.92
CA VAL D 541 0.65 -25.22 0.69
C VAL D 541 0.39 -25.42 -0.80
N LYS D 542 0.88 -26.54 -1.34
CA LYS D 542 0.79 -26.84 -2.76
C LYS D 542 -0.65 -26.85 -3.27
N GLY D 543 -0.91 -26.10 -4.34
CA GLY D 543 -2.22 -26.04 -4.95
C GLY D 543 -3.06 -24.88 -4.44
N CYS D 544 -2.56 -24.18 -3.43
CA CYS D 544 -3.27 -23.07 -2.80
C CYS D 544 -4.71 -23.46 -2.46
N PRO D 545 -4.88 -24.41 -1.53
CA PRO D 545 -6.23 -24.88 -1.22
C PRO D 545 -7.00 -23.86 -0.38
N PHE D 546 -8.30 -23.78 -0.57
CA PHE D 546 -9.15 -22.93 0.25
C PHE D 546 -9.05 -23.36 1.70
N THR D 547 -8.93 -22.40 2.60
CA THR D 547 -8.96 -22.70 4.02
C THR D 547 -9.73 -21.63 4.77
N SER D 548 -10.14 -21.98 5.99
CA SER D 548 -10.94 -21.08 6.81
C SER D 548 -10.98 -21.60 8.23
N PHE D 549 -11.41 -20.77 9.16
CA PHE D 549 -11.57 -21.20 10.54
C PHE D 549 -13.00 -21.71 10.78
N ASN D 550 -13.83 -21.63 9.74
CA ASN D 550 -15.18 -22.18 9.80
C ASN D 550 -15.48 -23.14 8.65
N VAL D 551 -16.44 -24.02 8.85
CA VAL D 551 -16.79 -25.03 7.86
C VAL D 551 -17.61 -24.42 6.71
C1 NAG E . -20.77 11.00 -20.06
C2 NAG E . -20.00 11.75 -18.98
C3 NAG E . -20.63 11.50 -17.61
C4 NAG E . -22.11 11.83 -17.63
C5 NAG E . -22.79 11.07 -18.78
C6 NAG E . -24.24 11.44 -18.96
C7 NAG E . -17.59 12.19 -19.23
C8 NAG E . -16.21 11.62 -19.18
N2 NAG E . -18.59 11.35 -18.98
O3 NAG E . -19.97 12.31 -16.64
O4 NAG E . -22.71 11.43 -16.41
O5 NAG E . -22.13 11.38 -20.03
O6 NAG E . -24.38 12.80 -19.32
O7 NAG E . -17.79 13.38 -19.47
C1 NAG E . -23.46 12.49 -15.92
C2 NAG E . -24.41 11.87 -14.93
C3 NAG E . -25.05 12.97 -14.13
C4 NAG E . -24.01 13.81 -13.45
C5 NAG E . -23.14 14.40 -14.52
C6 NAG E . -22.01 15.11 -13.81
C7 NAG E . -25.44 9.87 -15.80
C8 NAG E . -26.70 9.23 -16.25
N2 NAG E . -25.44 11.18 -15.66
O3 NAG E . -25.78 12.36 -13.10
O4 NAG E . -24.65 14.83 -12.69
O5 NAG E . -22.57 13.34 -15.25
O6 NAG E . -21.36 16.01 -14.68
O7 NAG E . -24.46 9.20 -15.57
C1 NAG F . -2.71 4.01 -16.08
C2 NAG F . -3.84 3.68 -15.12
C3 NAG F . -3.62 4.35 -13.77
C4 NAG F . -2.23 4.05 -13.24
C5 NAG F . -1.17 4.38 -14.29
C6 NAG F . 0.23 3.99 -13.88
C7 NAG F . -6.11 3.19 -15.97
C8 NAG F . -7.36 3.76 -16.53
N2 NAG F . -5.13 4.06 -15.69
O3 NAG F . -4.60 3.90 -12.85
O4 NAG F . -1.98 4.85 -12.08
O5 NAG F . -1.46 3.67 -15.51
O6 NAG F . 0.41 2.59 -13.97
O7 NAG F . -5.97 1.99 -15.77
C1 NAG F . -1.72 4.03 -10.92
C2 NAG F . -0.93 4.87 -9.92
C3 NAG F . -0.68 4.08 -8.64
C4 NAG F . -2.00 3.55 -8.08
C5 NAG F . -2.72 2.75 -9.16
C6 NAG F . -4.09 2.26 -8.72
C7 NAG F . 0.51 6.52 -11.02
C8 NAG F . 1.88 6.80 -11.57
N2 NAG F . 0.33 5.31 -10.49
O3 NAG F . -0.05 4.92 -7.67
O4 NAG F . -1.75 2.71 -6.96
O5 NAG F . -2.94 3.58 -10.31
O6 NAG F . -4.62 1.31 -9.63
O7 NAG F . -0.39 7.36 -11.06
C1 NAG G . 22.65 -13.55 24.84
C2 NAG G . 22.42 -15.05 25.11
C3 NAG G . 23.74 -15.72 25.48
C4 NAG G . 24.80 -15.43 24.42
C5 NAG G . 24.91 -13.93 24.18
C6 NAG G . 25.85 -13.58 23.04
C7 NAG G . 20.28 -15.84 26.01
C8 NAG G . 19.40 -15.95 27.22
N2 NAG G . 21.46 -15.23 26.18
O3 NAG G . 23.54 -17.12 25.60
O4 NAG G . 26.07 -15.93 24.86
O5 NAG G . 23.63 -13.41 23.82
O6 NAG G . 25.39 -14.11 21.80
O7 NAG G . 19.93 -16.29 24.91
C1 NAG G . 26.54 -16.94 23.95
C2 NAG G . 28.07 -17.03 24.05
C3 NAG G . 28.59 -18.11 23.12
C4 NAG G . 27.87 -19.43 23.35
C5 NAG G . 26.36 -19.22 23.27
C6 NAG G . 25.57 -20.47 23.60
C7 NAG G . 29.01 -14.87 24.71
C8 NAG G . 29.64 -13.60 24.24
N2 NAG G . 28.69 -15.75 23.76
O3 NAG G . 29.99 -18.28 23.33
O4 NAG G . 28.26 -20.39 22.37
O5 NAG G . 25.97 -18.21 24.20
O6 NAG G . 24.20 -20.31 23.25
O7 NAG G . 28.79 -15.07 25.91
C1 NAG H . 12.05 -18.15 40.89
C2 NAG H . 13.56 -18.34 40.97
C3 NAG H . 13.91 -19.83 41.06
C4 NAG H . 13.14 -20.50 42.20
C5 NAG H . 11.65 -20.21 42.04
C6 NAG H . 10.82 -20.73 43.19
C7 NAG H . 15.10 -16.74 39.90
C8 NAG H . 15.66 -16.25 38.61
N2 NAG H . 14.22 -17.74 39.81
O3 NAG H . 15.31 -19.97 41.29
O4 NAG H . 13.35 -21.90 42.15
O5 NAG H . 11.44 -18.79 42.00
O6 NAG H . 11.19 -20.12 44.42
O7 NAG H . 15.42 -16.26 40.98
C1 NAG H . 13.92 -22.40 43.38
C2 NAG H . 13.54 -23.87 43.51
C3 NAG H . 14.15 -24.47 44.78
C4 NAG H . 15.66 -24.22 44.81
C5 NAG H . 15.93 -22.73 44.63
C6 NAG H . 17.41 -22.42 44.56
C7 NAG H . 11.41 -24.44 42.44
C8 NAG H . 9.92 -24.56 42.62
N2 NAG H . 12.10 -24.04 43.52
O3 NAG H . 13.89 -25.86 44.82
O4 NAG H . 16.19 -24.67 46.05
O5 NAG H . 15.34 -22.26 43.42
O6 NAG H . 17.62 -21.05 44.23
O7 NAG H . 11.95 -24.69 41.37
CHA HEM I . -28.40 -9.96 -20.64
CHB HEM I . -29.84 -13.85 -18.39
CHC HEM I . -27.52 -16.50 -21.65
CHD HEM I . -26.93 -12.58 -24.30
C1A HEM I . -28.96 -10.84 -19.79
C2A HEM I . -29.56 -10.42 -18.63
C3A HEM I . -29.95 -11.50 -17.99
C4A HEM I . -29.61 -12.58 -18.75
CMA HEM I . -30.68 -11.53 -16.68
CAA HEM I . -29.71 -9.00 -18.19
CBA HEM I . -30.99 -8.40 -18.73
CGA HEM I . -31.28 -7.08 -18.08
O1A HEM I . -30.55 -6.65 -17.16
O2A HEM I . -32.26 -6.39 -18.43
C1B HEM I . -29.25 -14.88 -19.08
C2B HEM I . -29.27 -16.16 -18.56
C3B HEM I . -28.64 -16.95 -19.43
C4B HEM I . -28.21 -16.08 -20.53
CMB HEM I . -29.89 -16.60 -17.29
CAB HEM I . -28.48 -18.37 -19.21
CBB HEM I . -27.41 -18.99 -19.65
C1C HEM I . -27.23 -15.67 -22.70
C2C HEM I . -26.79 -16.07 -23.94
C3C HEM I . -26.62 -14.93 -24.68
C4C HEM I . -26.97 -13.86 -23.89
CMC HEM I . -26.55 -17.46 -24.42
CAC HEM I . -26.19 -14.86 -26.06
CBC HEM I . -24.98 -15.14 -26.41
C1D HEM I . -27.22 -11.55 -23.45
C2D HEM I . -26.93 -10.17 -23.76
C3D HEM I . -27.34 -9.45 -22.72
C4D HEM I . -27.87 -10.40 -21.80
CMD HEM I . -26.30 -9.63 -25.00
CAD HEM I . -27.25 -7.96 -22.52
CBD HEM I . -25.91 -7.69 -21.84
CGD HEM I . -25.76 -6.32 -21.23
O1D HEM I . -26.21 -5.33 -21.76
O2D HEM I . -25.18 -6.14 -20.17
NA HEM I . -28.97 -12.17 -19.85
NB HEM I . -28.62 -14.86 -20.24
NC HEM I . -27.33 -14.35 -22.71
ND HEM I . -27.79 -11.64 -22.27
FE HEM I . -28.31 -13.15 -21.39
C1 NAG J . -39.67 13.14 -50.07
C2 NAG J . -40.63 13.68 -49.00
C3 NAG J . -42.02 13.86 -49.61
C4 NAG J . -41.95 14.70 -50.88
C5 NAG J . -40.92 14.12 -51.85
C6 NAG J . -40.70 14.96 -53.07
C7 NAG J . -41.14 13.18 -46.65
C8 NAG J . -41.12 12.13 -45.58
N2 NAG J . -40.69 12.80 -47.85
O3 NAG J . -42.89 14.49 -48.67
O4 NAG J . -43.22 14.71 -51.52
O5 NAG J . -39.65 14.01 -51.19
O6 NAG J . -39.50 15.70 -52.99
O7 NAG J . -41.53 14.32 -46.45
C1 NAG K . -26.81 -27.09 -6.87
C2 NAG K . -28.17 -27.28 -6.20
C3 NAG K . -28.13 -28.48 -5.27
C4 NAG K . -27.63 -29.72 -6.02
C5 NAG K . -26.30 -29.42 -6.69
C6 NAG K . -25.79 -30.56 -7.54
C7 NAG K . -29.75 -25.49 -5.65
C8 NAG K . -30.00 -24.27 -4.82
N2 NAG K . -28.57 -26.09 -5.48
O3 NAG K . -29.43 -28.73 -4.75
O4 NAG K . -27.47 -30.80 -5.11
O5 NAG K . -26.44 -28.28 -7.55
O6 NAG K . -24.45 -30.37 -7.93
O7 NAG K . -30.59 -25.93 -6.44
C01 4LA L . -23.87 -15.15 -41.28
C02 4LA L . -23.19 -14.75 -42.43
C03 4LA L . -22.10 -13.92 -42.33
C04 4LA L . -21.66 -13.48 -41.06
C05 4LA L . -22.31 -13.86 -39.94
C06 4LA L . -23.42 -14.71 -40.04
N07 4LA L . -20.64 -12.69 -40.73
C08 4LA L . -20.58 -12.53 -39.44
C09 4LA L . -21.61 -13.24 -38.86
C10 4LA L . -19.58 -11.71 -38.65
C11 4LA L . -21.94 -13.35 -37.41
C12 4LA L . -23.22 -12.66 -37.08
O13 4LA L . -24.27 -13.19 -37.26
C14 4LA L . -19.79 -12.06 -41.68
O15 4LA L . -20.18 -11.89 -42.78
C16 4LA L . -18.38 -11.71 -41.31
B17 4LA L . -17.61 -10.87 -42.59
B18 4LA L . -16.41 -9.93 -41.78
B19 4LA L . -15.35 -11.04 -40.97
B20 4LA L . -15.97 -11.41 -42.55
B21 4LA L . -17.27 -12.54 -42.33
C22 4LA L . -17.43 -12.94 -40.66
B23 4LA L . -18.00 -10.07 -41.11
B24 4LA L . -16.61 -10.25 -40.09
B25 4LA L . -16.28 -11.94 -39.81
B26 4LA L . -15.86 -12.66 -41.34
O27 4LA L . -24.99 -15.98 -41.28
C28 4LA L . -25.47 -16.48 -42.51
O29 4LA L . -23.22 -11.39 -36.54
C30 4LA L . -23.72 -11.47 -35.23
C01 N1B M . -23.88 -15.14 -41.28
C02 N1B M . -23.20 -14.75 -42.42
C03 N1B M . -22.10 -13.92 -42.32
C04 N1B M . -21.66 -13.48 -41.06
C05 N1B M . -22.32 -13.87 -39.93
C06 N1B M . -23.43 -14.71 -40.04
N07 N1B M . -20.64 -12.69 -40.73
C08 N1B M . -20.58 -12.53 -39.44
C09 N1B M . -21.62 -13.23 -38.85
C10 N1B M . -19.58 -11.71 -38.65
C11 N1B M . -21.94 -13.35 -37.39
C12 N1B M . -23.22 -12.66 -37.08
O13 N1B M . -24.27 -13.19 -37.26
C14 N1B M . -19.78 -12.10 -41.69
O15 N1B M . -20.20 -11.87 -42.77
C16 N1B M . -18.38 -11.70 -41.33
B17 N1B M . -17.48 -11.40 -42.76
B18 N1B M . -16.28 -10.26 -42.24
B19 N1B M . -15.35 -11.03 -41.00
B20 N1B M . -15.88 -11.94 -42.38
B21 N1B M . -17.25 -12.87 -41.88
B23 N1B M . -17.54 -12.64 -40.21
C22 N1B M . -17.94 -10.12 -41.70
B24 N1B M . -16.63 -9.94 -40.57
B25 N1B M . -16.41 -11.44 -39.69
B26 N1B M . -15.92 -12.66 -40.81
O27 N1B M . -24.99 -15.98 -41.28
C28 N1B M . -25.47 -16.48 -42.51
O29 N1B M . -23.23 -11.40 -36.54
C30 N1B M . -23.71 -11.48 -35.22
C1 BOG N . -51.88 -16.91 -28.29
O1 BOG N . -51.36 -16.07 -27.31
C2 BOG N . -51.67 -16.31 -29.66
O2 BOG N . -52.37 -15.14 -29.74
C3 BOG N . -52.13 -17.27 -30.76
O3 BOG N . -51.66 -16.83 -31.98
C4 BOG N . -51.62 -18.65 -30.50
O4 BOG N . -52.22 -19.58 -31.37
C5 BOG N . -51.89 -19.02 -29.07
O5 BOG N . -51.27 -18.14 -28.18
C6 BOG N . -51.38 -20.39 -28.79
O6 BOG N . -50.01 -20.39 -28.82
C1' BOG N . -51.75 -16.25 -25.98
C2' BOG N . -50.79 -15.48 -25.06
C3' BOG N . -50.84 -16.07 -23.67
C4' BOG N . -50.45 -17.56 -23.73
C5' BOG N . -48.96 -17.70 -24.15
C6' BOG N . -48.08 -17.86 -22.91
C7' BOG N . -47.52 -19.27 -22.87
C8' BOG N . -46.54 -19.48 -24.02
CHA HEM O . 5.76 24.32 -19.94
CHB HEM O . 6.48 28.78 -18.48
CHC HEM O . 5.42 30.28 -22.90
CHD HEM O . 5.48 25.80 -24.43
C1A HEM O . 5.99 25.42 -19.21
C2A HEM O . 6.07 25.38 -17.84
C3A HEM O . 6.26 26.62 -17.41
C4A HEM O . 6.32 27.44 -18.51
CMA HEM O . 6.41 27.01 -15.99
CAA HEM O . 5.90 24.20 -16.96
CBA HEM O . 7.17 23.49 -16.59
CGA HEM O . 6.86 22.21 -15.85
O1A HEM O . 5.68 21.89 -15.59
O2A HEM O . 7.81 21.49 -15.49
C1B HEM O . 6.15 29.55 -19.58
C2B HEM O . 6.01 30.93 -19.50
C3B HEM O . 5.71 31.36 -20.74
C4B HEM O . 5.69 30.19 -21.56
CMB HEM O . 6.17 31.76 -18.29
CAB HEM O . 5.46 32.70 -21.23
CBB HEM O . 5.35 33.69 -20.39
C1C HEM O . 5.44 29.20 -23.71
C2C HEM O . 5.44 29.26 -25.07
C3C HEM O . 5.44 28.00 -25.54
C4C HEM O . 5.46 27.15 -24.42
CMC HEM O . 5.41 30.51 -25.87
CAC HEM O . 5.45 27.68 -26.96
CBC HEM O . 4.69 26.77 -27.50
C1D HEM O . 5.49 25.07 -23.27
C2D HEM O . 5.28 23.64 -23.30
C3D HEM O . 5.34 23.23 -22.06
C4D HEM O . 5.61 24.42 -21.28
CMD HEM O . 4.99 22.78 -24.49
CAD HEM O . 5.15 21.82 -21.54
CBD HEM O . 3.86 21.81 -20.73
CGD HEM O . 3.21 20.50 -20.34
O1D HEM O . 3.64 19.43 -20.71
O2D HEM O . 2.21 20.48 -19.65
NA HEM O . 6.11 26.69 -19.62
NB HEM O . 5.96 29.15 -20.82
NC HEM O . 5.48 27.92 -23.33
ND HEM O . 5.71 25.49 -22.05
FE HEM O . 6.00 27.21 -21.47
C1 NAG P . 24.55 -5.57 -37.18
C2 NAG P . 25.02 -5.77 -35.74
C3 NAG P . 26.49 -6.16 -35.73
C4 NAG P . 26.74 -7.35 -36.64
C5 NAG P . 26.16 -7.10 -38.03
C6 NAG P . 26.25 -8.30 -38.94
C7 NAG P . 24.72 -4.58 -33.61
C8 NAG P . 24.50 -3.26 -32.96
N2 NAG P . 24.80 -4.57 -34.95
O3 NAG P . 26.90 -6.47 -34.41
O4 NAG P . 28.13 -7.60 -36.75
O5 NAG P . 24.77 -6.76 -37.92
O6 NAG P . 24.99 -8.57 -39.56
O7 NAG P . 24.82 -5.62 -32.97
C1 NAG Q . 0.46 44.32 -12.57
C2 NAG Q . 1.63 44.72 -11.66
C3 NAG Q . 1.45 46.15 -11.15
C4 NAG Q . 1.21 47.10 -12.32
C5 NAG Q . 0.04 46.61 -13.16
C6 NAG Q . -0.21 47.45 -14.39
C7 NAG Q . 2.97 43.35 -10.13
C8 NAG Q . 2.93 42.39 -8.97
N2 NAG Q . 1.77 43.80 -10.56
O3 NAG Q . 2.61 46.54 -10.44
O4 NAG Q . 0.91 48.40 -11.82
O5 NAG Q . 0.32 45.27 -13.62
O6 NAG Q . -1.58 47.46 -14.75
O7 NAG Q . 4.02 43.70 -10.66
C01 4LA R . 8.05 24.02 -41.73
C02 4LA R . 7.73 23.27 -42.86
C03 4LA R . 6.65 22.40 -42.82
C04 4LA R . 5.87 22.31 -41.65
C05 4LA R . 6.18 23.04 -40.56
C06 4LA R . 7.27 23.91 -40.59
N07 4LA R . 4.79 21.56 -41.37
C08 4LA R . 4.37 21.76 -40.15
C09 4LA R . 5.21 22.69 -39.56
C10 4LA R . 3.18 21.12 -39.47
C11 4LA R . 5.08 23.23 -38.15
C12 4LA R . 6.04 22.60 -37.15
O13 4LA R . 7.05 23.14 -36.83
C14 4LA R . 4.24 20.75 -42.38
O15 4LA R . 5.00 20.16 -43.06
C16 4LA R . 2.73 20.50 -42.47
B17 4LA R . 2.37 18.81 -42.45
B18 4LA R . 0.78 18.77 -41.77
B19 4LA R . -0.27 19.67 -42.83
B20 4LA R . 0.99 18.66 -43.49
B21 4LA R . 2.29 19.71 -43.93
C22 4LA R . 1.85 21.34 -43.64
B23 4LA R . 1.98 19.82 -41.11
B24 4LA R . 0.36 20.41 -41.40
B25 4LA R . 0.28 21.31 -42.90
B26 4LA R . 0.66 20.21 -44.19
O27 4LA R . 9.12 24.91 -41.70
C28 4LA R . 10.25 24.52 -42.43
O29 4LA R . 5.76 21.41 -36.55
C30 4LA R . 5.54 21.63 -35.17
C01 N1B S . 8.04 24.01 -41.73
C02 N1B S . 7.72 23.26 -42.86
C03 N1B S . 6.63 22.40 -42.81
C04 N1B S . 5.86 22.31 -41.65
C05 N1B S . 6.17 23.03 -40.56
C06 N1B S . 7.27 23.91 -40.59
N07 N1B S . 4.79 21.57 -41.37
C08 N1B S . 4.36 21.76 -40.15
C09 N1B S . 5.19 22.69 -39.56
C10 N1B S . 3.18 21.13 -39.46
C11 N1B S . 5.07 23.22 -38.14
C12 N1B S . 6.04 22.60 -37.15
O13 N1B S . 7.05 23.14 -36.83
C14 N1B S . 4.23 20.74 -42.38
O15 N1B S . 5.00 20.16 -43.06
C16 N1B S . 2.74 20.38 -42.40
B17 N1B S . 2.37 19.26 -43.65
B18 N1B S . 0.97 18.43 -43.06
B19 N1B S . -0.27 19.63 -42.83
B20 N1B S . 0.80 19.73 -44.20
B21 N1B S . 1.98 20.94 -43.84
B23 N1B S . 1.63 21.65 -42.31
C22 N1B S . 2.30 18.79 -41.99
B24 N1B S . 0.67 19.09 -41.48
B25 N1B S . 0.27 20.78 -41.67
B26 N1B S . 0.33 21.17 -43.35
O27 N1B S . 9.12 24.91 -41.70
C28 N1B S . 10.24 24.51 -42.43
O29 N1B S . 5.76 21.41 -36.55
C30 N1B S . 5.54 21.63 -35.17
C1 BOG T . 20.39 22.44 -50.54
O1 BOG T . 19.43 21.99 -51.47
C2 BOG T . 20.05 23.84 -50.07
O2 BOG T . 20.22 24.70 -51.11
C3 BOG T . 20.93 24.27 -48.91
O3 BOG T . 20.39 25.41 -48.32
C4 BOG T . 21.07 23.20 -47.89
O4 BOG T . 22.08 23.52 -46.96
C5 BOG T . 21.41 21.92 -48.59
O5 BOG T . 20.40 21.55 -49.49
C6 BOG T . 21.56 20.82 -47.61
O6 BOG T . 22.36 21.24 -46.58
C1' BOG T . 19.68 22.10 -52.84
C2' BOG T . 18.49 21.53 -53.62
C3' BOG T . 18.48 22.10 -55.02
C4' BOG T . 17.46 21.33 -55.88
C5' BOG T . 17.95 19.86 -56.07
C6' BOG T . 16.88 19.06 -56.83
C7' BOG T . 17.31 17.58 -56.87
C8' BOG T . 16.15 16.74 -57.40
CHA HEM U . 34.50 0.83 37.20
CHB HEM U . 37.97 1.56 40.34
CHC HEM U . 35.27 4.95 42.39
CHD HEM U . 32.18 4.69 38.75
C1A HEM U . 35.64 0.77 37.91
C2A HEM U . 36.59 -0.19 37.68
C3A HEM U . 37.56 -0.01 38.54
C4A HEM U . 37.23 1.08 39.32
CMA HEM U . 38.80 -0.85 38.64
CAA HEM U . 36.51 -1.26 36.66
CBA HEM U . 37.11 -0.79 35.35
CGA HEM U . 37.06 -1.90 34.33
O1A HEM U . 36.36 -2.91 34.53
O2A HEM U . 37.71 -1.80 33.28
C1B HEM U . 37.45 2.51 41.20
C2B HEM U . 38.10 2.83 42.38
C3B HEM U . 37.37 3.76 42.99
C4B HEM U . 36.24 4.03 42.11
CMB HEM U . 39.35 2.24 42.90
CAB HEM U . 37.72 4.37 44.26
CBB HEM U . 36.74 4.57 45.10
C1C HEM U . 34.22 5.22 41.55
C2C HEM U . 33.30 6.23 41.72
C3C HEM U . 32.41 6.16 40.70
C4C HEM U . 32.80 5.09 39.89
CMC HEM U . 33.26 7.26 42.81
CAC HEM U . 31.31 7.10 40.56
CBC HEM U . 30.17 6.81 40.00
C1D HEM U . 32.57 3.54 38.09
C2D HEM U . 31.76 2.92 37.05
C3D HEM U . 32.41 1.85 36.63
C4D HEM U . 33.60 1.83 37.43
CMD HEM U . 30.44 3.40 36.54
CAD HEM U . 31.99 0.85 35.59
CBD HEM U . 31.21 -0.25 36.32
CGD HEM U . 30.92 -1.53 35.57
O1D HEM U . 30.54 -1.53 34.41
O2D HEM U . 31.05 -2.63 36.05
NA HEM U . 36.02 1.56 38.92
NB HEM U . 36.37 3.25 41.06
NC HEM U . 33.91 4.55 40.44
ND HEM U . 33.68 2.85 38.27
FE HEM U . 35.02 3.14 39.47
C1 NAG V . 21.84 14.21 2.50
C2 NAG V . 22.92 13.26 2.00
C3 NAG V . 23.67 13.90 0.83
C4 NAG V . 22.71 14.38 -0.24
C5 NAG V . 21.63 15.26 0.37
C6 NAG V . 20.57 15.68 -0.60
C7 NAG V . 24.62 11.82 3.02
C8 NAG V . 25.52 11.62 4.21
N2 NAG V . 23.84 12.90 3.06
O3 NAG V . 24.58 12.95 0.26
O4 NAG V . 23.41 15.12 -1.23
O5 NAG V . 20.97 14.57 1.43
O6 NAG V . 19.27 15.26 -0.17
O7 NAG V . 24.62 11.05 2.07
C1 NAG W . 45.13 -0.89 56.42
C2 NAG W . 46.63 -0.78 56.12
C3 NAG W . 47.43 -0.82 57.42
C4 NAG W . 46.92 0.25 58.39
C5 NAG W . 45.42 0.09 58.60
C6 NAG W . 44.82 1.18 59.47
C7 NAG W . 47.73 -1.62 54.10
C8 NAG W . 48.09 -2.83 53.30
N2 NAG W . 47.05 -1.84 55.23
O3 NAG W . 48.81 -0.59 57.14
O4 NAG W . 47.58 0.13 59.64
O5 NAG W . 44.74 0.16 57.33
O6 NAG W . 43.50 0.85 59.86
O7 NAG W . 48.03 -0.48 53.74
C01 4LA X . 21.94 18.54 36.16
C02 4LA X . 20.69 18.98 35.72
C03 4LA X . 19.63 18.09 35.62
C04 4LA X . 19.79 16.72 35.98
C05 4LA X . 21.02 16.30 36.42
C06 4LA X . 22.10 17.21 36.52
N07 4LA X . 18.93 15.67 35.98
C08 4LA X . 19.53 14.58 36.40
C09 4LA X . 20.86 14.90 36.70
C10 4LA X . 18.91 13.20 36.54
C11 4LA X . 21.93 13.96 37.20
C12 4LA X . 22.68 13.41 36.02
O13 4LA X . 22.11 12.82 35.16
C14 4LA X . 17.55 15.71 35.56
O15 4LA X . 17.22 16.46 34.72
C16 4LA X . 16.50 14.80 36.19
B17 4LA X . 14.99 14.97 35.35
B18 4LA X . 14.19 13.48 35.67
B19 4LA X . 13.98 13.35 37.39
B20 4LA X . 13.80 14.89 36.61
B21 4LA X . 15.26 15.77 36.88
C22 4LA X . 16.33 14.86 37.87
B23 4LA X . 15.88 13.50 35.29
B24 4LA X . 15.28 12.51 36.60
B25 4LA X . 15.55 13.32 38.13
B26 4LA X . 14.61 14.79 38.13
O27 4LA X . 23.04 19.42 36.27
C28 4LA X . 23.08 20.53 35.42
O29 4LA X . 24.05 13.59 35.91
C30 4LA X . 24.68 12.33 35.85
C01 N1B Y . 21.92 18.54 36.15
C02 N1B Y . 20.66 18.99 35.74
C03 N1B Y . 19.59 18.10 35.65
C04 N1B Y . 19.77 16.74 36.00
C05 N1B Y . 21.00 16.31 36.41
C06 N1B Y . 22.08 17.21 36.50
N07 N1B Y . 18.91 15.68 36.00
C08 N1B Y . 19.53 14.59 36.40
C09 N1B Y . 20.85 14.90 36.69
C10 N1B Y . 18.91 13.22 36.54
C11 N1B Y . 21.92 13.97 37.17
C12 N1B Y . 22.66 13.43 35.97
O13 N1B Y . 22.08 12.83 35.12
C14 N1B Y . 17.54 15.71 35.58
O15 N1B Y . 17.22 16.41 34.70
C16 N1B Y . 16.49 14.82 36.22
B17 N1B Y . 14.95 15.09 35.49
B18 N1B Y . 14.12 13.59 35.76
B19 N1B Y . 14.02 13.37 37.48
B20 N1B Y . 13.84 14.95 36.80
B21 N1B Y . 15.33 15.78 37.03
B23 N1B Y . 16.43 14.78 37.91
C22 N1B Y . 15.80 13.59 35.29
B24 N1B Y . 15.24 12.55 36.57
B25 N1B Y . 15.62 13.26 38.12
B26 N1B Y . 14.72 14.73 38.27
O27 N1B Y . 23.02 19.39 36.26
C28 N1B Y . 23.03 20.55 35.48
O29 N1B Y . 24.01 13.64 35.85
C30 N1B Y . 24.68 12.41 35.73
C1 BOG Z . 51.45 17.50 28.00
O1 BOG Z . 51.35 16.11 27.94
C2 BOG Z . 50.39 18.18 27.17
O2 BOG Z . 50.55 17.80 25.87
C3 BOG Z . 50.52 19.70 27.30
O3 BOG Z . 49.40 20.30 26.75
C4 BOG Z . 50.66 20.10 28.73
O4 BOG Z . 51.04 21.45 28.82
C5 BOG Z . 51.67 19.24 29.41
O5 BOG Z . 51.35 17.89 29.33
C6 BOG Z . 51.76 19.58 30.86
O6 BOG Z . 50.50 19.47 31.43
C1' BOG Z . 52.19 15.37 28.77
C2' BOG Z . 51.91 13.88 28.62
C3' BOG Z . 52.89 13.11 29.49
C4' BOG Z . 52.70 13.51 30.97
C5' BOG Z . 51.31 13.02 31.47
C6' BOG Z . 51.31 12.92 32.99
C7' BOG Z . 50.56 14.12 33.58
C8' BOG Z . 50.07 13.76 34.99
C1 BOG AA . 23.31 30.85 28.22
O1 BOG AA . 22.24 31.69 27.93
C2 BOG AA . 24.03 30.44 26.96
O2 BOG AA . 23.15 29.77 26.16
C3 BOG AA . 25.23 29.55 27.29
O3 BOG AA . 26.01 29.38 26.16
C4 BOG AA . 26.05 30.16 28.38
O4 BOG AA . 26.98 29.22 28.87
C5 BOG AA . 25.16 30.61 29.51
O5 BOG AA . 24.18 31.52 29.07
C6 BOG AA . 25.97 31.30 30.55
O6 BOG AA . 25.28 31.31 31.74
C1' BOG AA . 21.46 32.23 28.96
C2' BOG AA . 20.09 32.63 28.41
C3' BOG AA . 19.32 33.38 29.47
C4' BOG AA . 17.84 33.50 29.07
C5' BOG AA . 17.07 34.27 30.19
C6' BOG AA . 15.59 34.35 29.82
C7' BOG AA . 14.84 35.16 30.89
C8' BOG AA . 13.39 35.34 30.48
CHA HEM BA . -2.48 -29.10 28.02
CHB HEM BA . -3.53 -32.88 25.37
CHC HEM BA . -5.58 -30.04 22.12
CHD HEM BA . -4.99 -26.34 25.12
C1A HEM BA . -2.62 -30.36 27.56
C2A HEM BA . -2.11 -31.45 28.21
C3A HEM BA . -2.39 -32.52 27.46
C4A HEM BA . -3.08 -32.08 26.36
CMA HEM BA . -2.05 -33.93 27.77
CAA HEM BA . -1.37 -31.45 29.51
CBA HEM BA . 0.12 -31.37 29.23
CGA HEM BA . 0.88 -30.96 30.46
O1A HEM BA . 0.29 -30.76 31.53
O2A HEM BA . 2.10 -30.82 30.41
C1B HEM BA . -4.11 -32.37 24.24
C2B HEM BA . -4.35 -33.18 23.15
C3B HEM BA . -4.92 -32.43 22.23
C4B HEM BA . -5.02 -31.10 22.79
CMB HEM BA . -4.05 -34.63 23.02
CAB HEM BA . -5.34 -32.92 20.93
CBB HEM BA . -4.85 -32.37 19.85
C1C HEM BA . -5.63 -28.81 22.69
C2C HEM BA . -6.25 -27.72 22.14
C3C HEM BA . -6.09 -26.68 23.00
C4C HEM BA . -5.34 -27.13 24.08
CMC HEM BA . -7.01 -27.69 20.84
CAC HEM BA . -6.56 -25.31 22.89
CBC HEM BA . -6.81 -24.80 21.73
C1D HEM BA . -4.19 -26.83 26.12
C2D HEM BA . -3.58 -25.96 27.10
C3D HEM BA . -2.88 -26.73 27.90
C4D HEM BA . -3.07 -28.05 27.38
CMD HEM BA . -3.72 -24.47 27.19
CAD HEM BA . -2.04 -26.34 29.09
CBD HEM BA . -0.68 -25.91 28.55
CGD HEM BA . 0.47 -25.73 29.51
O1D HEM BA . 0.35 -25.20 30.60
O2D HEM BA . 1.55 -26.11 29.19
NA HEM BA . -3.23 -30.75 26.42
NB HEM BA . -4.52 -31.14 24.01
NC HEM BA . -5.09 -28.43 23.87
ND HEM BA . -3.87 -28.08 26.34
FE HEM BA . -4.32 -29.57 25.37
C1 NAG CA . -18.24 -4.73 54.36
C2 NAG CA . -17.87 -5.92 55.24
C3 NAG CA . -18.98 -6.16 56.28
C4 NAG CA . -19.29 -4.88 57.04
C5 NAG CA . -19.57 -3.74 56.06
C6 NAG CA . -19.76 -2.40 56.76
C7 NAG CA . -16.96 -8.18 54.89
C8 NAG CA . -16.84 -9.33 53.93
N2 NAG CA . -17.66 -7.12 54.45
O3 NAG CA . -18.57 -7.18 57.19
O4 NAG CA . -20.43 -5.07 57.87
O5 NAG CA . -18.46 -3.58 55.17
O6 NAG CA . -18.64 -1.55 56.56
O7 NAG CA . -16.47 -8.21 56.00
C1 NAG DA . -0.06 -44.31 12.29
C2 NAG DA . -0.58 -45.61 12.89
C3 NAG DA . -0.48 -46.73 11.85
C4 NAG DA . -1.19 -46.32 10.55
C5 NAG DA . -0.63 -44.99 10.07
C6 NAG DA . -1.35 -44.45 8.85
C7 NAG DA . -0.44 -46.29 15.25
C8 NAG DA . 0.46 -46.63 16.38
N2 NAG DA . 0.16 -45.98 14.09
O3 NAG DA . -1.09 -47.91 12.37
O4 NAG DA . -0.99 -47.31 9.56
O5 NAG DA . -0.77 -43.99 11.10
O6 NAG DA . -0.53 -43.56 8.12
O7 NAG DA . -1.67 -46.29 15.36
C01 4LA EA . -15.19 -12.66 21.58
C02 4LA EA . -15.32 -11.28 21.52
C03 4LA EA . -14.19 -10.47 21.59
C04 4LA EA . -12.91 -11.05 21.71
C05 4LA EA . -12.78 -12.40 21.77
C06 4LA EA . -13.92 -13.23 21.70
N07 4LA EA . -11.70 -10.47 21.79
C08 4LA EA . -10.75 -11.38 21.90
C09 4LA EA . -11.35 -12.63 21.89
C10 4LA EA . -9.26 -11.15 22.01
C11 4LA EA . -10.64 -13.95 22.01
C12 4LA EA . -10.78 -14.50 23.40
O13 4LA EA . -10.18 -14.00 24.30
C14 4LA EA . -11.52 -9.04 21.77
O15 4LA EA . -12.27 -8.35 22.41
C16 4LA EA . -10.23 -8.44 21.27
B17 4LA EA . -9.99 -6.86 21.90
B18 4LA EA . -8.26 -6.70 21.89
B19 4LA EA . -7.74 -6.87 20.24
B20 4LA EA . -9.21 -6.02 20.61
B21 4LA EA . -10.52 -7.09 20.26
C22 4LA EA . -9.91 -8.56 19.62
B23 4LA EA . -8.99 -8.18 22.41
B24 4LA EA . -7.63 -8.23 21.32
B25 4LA EA . -8.19 -8.45 19.68
B26 4LA EA . -9.14 -7.07 19.23
O27 4LA EA . -16.31 -13.51 21.52
C28 4LA EA . -17.51 -13.02 22.07
O29 4LA EA . -11.64 -15.57 23.63
C30 4LA EA . -11.37 -16.38 24.75
C01 N1B FA . -15.19 -12.67 21.58
C02 N1B FA . -15.32 -11.28 21.52
C03 N1B FA . -14.19 -10.47 21.59
C04 N1B FA . -12.91 -11.05 21.71
C05 N1B FA . -12.78 -12.40 21.77
C06 N1B FA . -13.92 -13.23 21.70
N07 N1B FA . -11.70 -10.47 21.79
C08 N1B FA . -10.76 -11.39 21.90
C09 N1B FA . -11.35 -12.63 21.89
C10 N1B FA . -9.26 -11.15 22.01
C11 N1B FA . -10.64 -13.95 22.01
C12 N1B FA . -10.78 -14.50 23.40
O13 N1B FA . -10.18 -14.00 24.30
C14 N1B FA . -11.52 -9.04 21.77
O15 N1B FA . -12.27 -8.35 22.41
C16 N1B FA . -10.23 -8.45 21.26
B17 N1B FA . -10.02 -6.83 21.82
B18 N1B FA . -8.30 -6.65 21.81
B19 N1B FA . -7.76 -6.89 20.17
B20 N1B FA . -9.25 -6.04 20.49
B21 N1B FA . -10.54 -7.15 20.19
B23 N1B FA . -9.90 -8.64 19.61
C22 N1B FA . -9.02 -8.11 22.39
B24 N1B FA . -7.64 -8.19 21.32
B25 N1B FA . -8.18 -8.50 19.68
B26 N1B FA . -9.14 -7.16 19.16
O27 N1B FA . -16.31 -13.51 21.52
C28 N1B FA . -17.52 -13.02 22.07
O29 N1B FA . -11.64 -15.57 23.63
C30 N1B FA . -11.37 -16.38 24.75
C1 BOG GA . -28.96 -9.02 26.18
O1 BOG GA . -29.66 -7.84 26.14
C2 BOG GA . -29.14 -9.63 27.55
O2 BOG GA . -28.53 -8.88 28.49
C3 BOG GA . -28.63 -11.07 27.50
O3 BOG GA . -28.87 -11.69 28.69
C4 BOG GA . -29.32 -11.83 26.43
O4 BOG GA . -28.91 -13.15 26.31
C5 BOG GA . -29.08 -11.11 25.13
O5 BOG GA . -29.50 -9.78 25.17
C6 BOG GA . -29.79 -11.76 24.00
O6 BOG GA . -29.68 -13.12 24.09
C1' BOG GA . -29.20 -6.81 25.35
C2' BOG GA . -30.20 -6.61 24.23
C3' BOG GA . -29.70 -5.54 23.32
C4' BOG GA . -29.60 -4.26 24.15
C5' BOG GA . -30.12 -3.08 23.30
C6' BOG GA . -29.44 -3.04 21.95
C7' BOG GA . -29.96 -1.82 21.23
C8' BOG GA . -29.05 -0.66 21.55
#